data_3KSP
# 
_entry.id   3KSP 
# 
_audit_conform.dict_name       mmcif_pdbx.dic 
_audit_conform.dict_version    5.398 
_audit_conform.dict_location   http://mmcif.pdb.org/dictionaries/ascii/mmcif_pdbx.dic 
# 
loop_
_database_2.database_id 
_database_2.database_code 
_database_2.pdbx_database_accession 
_database_2.pdbx_DOI 
PDB   3KSP         pdb_00003ksp 10.2210/pdb3ksp/pdb 
RCSB  RCSB056399   ?            ?                   
WWPDB D_1000056399 ?            ?                   
# 
loop_
_pdbx_audit_revision_history.ordinal 
_pdbx_audit_revision_history.data_content_type 
_pdbx_audit_revision_history.major_revision 
_pdbx_audit_revision_history.minor_revision 
_pdbx_audit_revision_history.revision_date 
1 'Structure model' 1 0 2009-12-29 
2 'Structure model' 1 1 2011-07-13 
3 'Structure model' 1 2 2017-11-01 
4 'Structure model' 1 3 2019-07-17 
5 'Structure model' 1 4 2023-02-01 
6 'Structure model' 1 5 2024-11-06 
# 
_pdbx_audit_revision_details.ordinal             1 
_pdbx_audit_revision_details.revision_ordinal    1 
_pdbx_audit_revision_details.data_content_type   'Structure model' 
_pdbx_audit_revision_details.provider            repository 
_pdbx_audit_revision_details.type                'Initial release' 
_pdbx_audit_revision_details.description         ? 
_pdbx_audit_revision_details.details             ? 
# 
loop_
_pdbx_audit_revision_group.ordinal 
_pdbx_audit_revision_group.revision_ordinal 
_pdbx_audit_revision_group.data_content_type 
_pdbx_audit_revision_group.group 
1  2 'Structure model' Advisory                    
2  2 'Structure model' 'Version format compliance' 
3  3 'Structure model' 'Refinement description'    
4  4 'Structure model' 'Data collection'           
5  4 'Structure model' 'Derived calculations'      
6  4 'Structure model' 'Refinement description'    
7  5 'Structure model' 'Database references'       
8  5 'Structure model' 'Derived calculations'      
9  6 'Structure model' 'Data collection'           
10 6 'Structure model' 'Structure summary'         
# 
loop_
_pdbx_audit_revision_category.ordinal 
_pdbx_audit_revision_category.revision_ordinal 
_pdbx_audit_revision_category.data_content_type 
_pdbx_audit_revision_category.category 
1  3 'Structure model' software                  
2  4 'Structure model' software                  
3  4 'Structure model' struct_conn               
4  5 'Structure model' database_2                
5  5 'Structure model' struct_conn               
6  5 'Structure model' struct_ref_seq_dif        
7  5 'Structure model' struct_site               
8  6 'Structure model' chem_comp_atom            
9  6 'Structure model' chem_comp_bond            
10 6 'Structure model' pdbx_entry_details        
11 6 'Structure model' pdbx_modification_feature 
# 
loop_
_pdbx_audit_revision_item.ordinal 
_pdbx_audit_revision_item.revision_ordinal 
_pdbx_audit_revision_item.data_content_type 
_pdbx_audit_revision_item.item 
1  3 'Structure model' '_software.classification'                     
2  3 'Structure model' '_software.name'                               
3  4 'Structure model' '_software.classification'                     
4  4 'Structure model' '_software.contact_author'                     
5  4 'Structure model' '_software.contact_author_email'               
6  4 'Structure model' '_software.language'                           
7  4 'Structure model' '_software.location'                           
8  4 'Structure model' '_software.name'                               
9  4 'Structure model' '_software.type'                               
10 4 'Structure model' '_software.version'                            
11 4 'Structure model' '_struct_conn.pdbx_leaving_atom_flag'          
12 5 'Structure model' '_database_2.pdbx_DOI'                         
13 5 'Structure model' '_database_2.pdbx_database_accession'          
14 5 'Structure model' '_struct_conn.pdbx_dist_value'                 
15 5 'Structure model' '_struct_conn.ptnr1_auth_comp_id'              
16 5 'Structure model' '_struct_conn.ptnr1_auth_seq_id'               
17 5 'Structure model' '_struct_conn.ptnr1_label_comp_id'             
18 5 'Structure model' '_struct_conn.ptnr1_label_seq_id'              
19 5 'Structure model' '_struct_conn.ptnr2_auth_comp_id'              
20 5 'Structure model' '_struct_conn.ptnr2_auth_seq_id'               
21 5 'Structure model' '_struct_conn.ptnr2_label_comp_id'             
22 5 'Structure model' '_struct_conn.ptnr2_label_seq_id'              
23 5 'Structure model' '_struct_ref_seq_dif.details'                  
24 5 'Structure model' '_struct_site.pdbx_auth_asym_id'               
25 5 'Structure model' '_struct_site.pdbx_auth_comp_id'               
26 5 'Structure model' '_struct_site.pdbx_auth_seq_id'                
27 6 'Structure model' '_pdbx_entry_details.has_protein_modification' 
# 
_pdbx_database_status.SG_entry                        Y 
_pdbx_database_status.entry_id                        3KSP 
_pdbx_database_status.deposit_site                    RCSB 
_pdbx_database_status.process_site                    RCSB 
_pdbx_database_status.recvd_initial_deposition_date   2009-11-23 
_pdbx_database_status.status_code                     REL 
_pdbx_database_status.status_code_sf                  REL 
_pdbx_database_status.status_code_mr                  ? 
_pdbx_database_status.status_code_cs                  ? 
_pdbx_database_status.pdb_format_compatible           Y 
_pdbx_database_status.methods_development_category    ? 
_pdbx_database_status.status_code_nmr_data            ? 
# 
_pdbx_database_related.db_name        TargetDB 
_pdbx_database_related.db_id          390842 
_pdbx_database_related.details        . 
_pdbx_database_related.content_type   unspecified 
# 
_audit_author.name           'Joint Center for Structural Genomics (JCSG)' 
_audit_author.pdbx_ordinal   1 
# 
_citation.id                        primary 
_citation.title                     
;Crystal structure of Calcium/calmodulin-dependent kinase II association domain (YP_001814158.1) from EXIGUOBACTERIUM SP. 255-15 at 2.59 A resolution
;
_citation.journal_abbrev            'To be published' 
_citation.journal_volume            ? 
_citation.page_first                ? 
_citation.page_last                 ? 
_citation.year                      ? 
_citation.journal_id_ASTM           ? 
_citation.country                   ? 
_citation.journal_id_ISSN           ? 
_citation.journal_id_CSD            0353 
_citation.book_publisher            ? 
_citation.pdbx_database_id_PubMed   ? 
_citation.pdbx_database_id_DOI      ? 
# 
_citation_author.citation_id        primary 
_citation_author.name               'Joint Center for Structural Genomics (JCSG)' 
_citation_author.ordinal            1 
_citation_author.identifier_ORCID   ? 
# 
loop_
_entity.id 
_entity.type 
_entity.src_method 
_entity.pdbx_description 
_entity.formula_weight 
_entity.pdbx_number_of_molecules 
_entity.pdbx_ec 
_entity.pdbx_mutation 
_entity.pdbx_fragment 
_entity.details 
1 polymer     man 'Calcium/calmodulin-dependent kinase II association domain' 15403.238 1 ? ? ? ? 
2 non-polymer syn '2-[N-CYCLOHEXYLAMINO]ETHANE SULFONIC ACID'                 207.290   1 ? ? ? ? 
3 non-polymer syn 1,2-ETHANEDIOL                                              62.068    1 ? ? ? ? 
4 water       nat water                                                       18.015    8 ? ? ? ? 
# 
_entity_poly.entity_id                      1 
_entity_poly.type                           'polypeptide(L)' 
_entity_poly.nstd_linkage                   no 
_entity_poly.nstd_monomer                   yes 
_entity_poly.pdbx_seq_one_letter_code       
;G(MSE)EPSAKHLQLQTLLSERHAYL(MSE)EGNREA(MSE)HQLLSSDFSFIDGQGRQFDAETYLDHYVDPDQIQWSNQ
ISES(MSE)VVEVFETTALVQEIVEDHFSYGRS(MSE)YIGRFRSVSLYHWANEGWKWHFHQLTPLDPS
;
_entity_poly.pdbx_seq_one_letter_code_can   
;GMEPSAKHLQLQTLLSERHAYLMEGNREAMHQLLSSDFSFIDGQGRQFDAETYLDHYVDPDQIQWSNQISESMVVEVFET
TALVQEIVEDHFSYGRSMYIGRFRSVSLYHWANEGWKWHFHQLTPLDPS
;
_entity_poly.pdbx_strand_id                 A 
_entity_poly.pdbx_target_identifier         390842 
# 
loop_
_pdbx_entity_nonpoly.entity_id 
_pdbx_entity_nonpoly.name 
_pdbx_entity_nonpoly.comp_id 
2 '2-[N-CYCLOHEXYLAMINO]ETHANE SULFONIC ACID' NHE 
3 1,2-ETHANEDIOL                              EDO 
4 water                                       HOH 
# 
loop_
_entity_poly_seq.entity_id 
_entity_poly_seq.num 
_entity_poly_seq.mon_id 
_entity_poly_seq.hetero 
1 1   GLY n 
1 2   MSE n 
1 3   GLU n 
1 4   PRO n 
1 5   SER n 
1 6   ALA n 
1 7   LYS n 
1 8   HIS n 
1 9   LEU n 
1 10  GLN n 
1 11  LEU n 
1 12  GLN n 
1 13  THR n 
1 14  LEU n 
1 15  LEU n 
1 16  SER n 
1 17  GLU n 
1 18  ARG n 
1 19  HIS n 
1 20  ALA n 
1 21  TYR n 
1 22  LEU n 
1 23  MSE n 
1 24  GLU n 
1 25  GLY n 
1 26  ASN n 
1 27  ARG n 
1 28  GLU n 
1 29  ALA n 
1 30  MSE n 
1 31  HIS n 
1 32  GLN n 
1 33  LEU n 
1 34  LEU n 
1 35  SER n 
1 36  SER n 
1 37  ASP n 
1 38  PHE n 
1 39  SER n 
1 40  PHE n 
1 41  ILE n 
1 42  ASP n 
1 43  GLY n 
1 44  GLN n 
1 45  GLY n 
1 46  ARG n 
1 47  GLN n 
1 48  PHE n 
1 49  ASP n 
1 50  ALA n 
1 51  GLU n 
1 52  THR n 
1 53  TYR n 
1 54  LEU n 
1 55  ASP n 
1 56  HIS n 
1 57  TYR n 
1 58  VAL n 
1 59  ASP n 
1 60  PRO n 
1 61  ASP n 
1 62  GLN n 
1 63  ILE n 
1 64  GLN n 
1 65  TRP n 
1 66  SER n 
1 67  ASN n 
1 68  GLN n 
1 69  ILE n 
1 70  SER n 
1 71  GLU n 
1 72  SER n 
1 73  MSE n 
1 74  VAL n 
1 75  VAL n 
1 76  GLU n 
1 77  VAL n 
1 78  PHE n 
1 79  GLU n 
1 80  THR n 
1 81  THR n 
1 82  ALA n 
1 83  LEU n 
1 84  VAL n 
1 85  GLN n 
1 86  GLU n 
1 87  ILE n 
1 88  VAL n 
1 89  GLU n 
1 90  ASP n 
1 91  HIS n 
1 92  PHE n 
1 93  SER n 
1 94  TYR n 
1 95  GLY n 
1 96  ARG n 
1 97  SER n 
1 98  MSE n 
1 99  TYR n 
1 100 ILE n 
1 101 GLY n 
1 102 ARG n 
1 103 PHE n 
1 104 ARG n 
1 105 SER n 
1 106 VAL n 
1 107 SER n 
1 108 LEU n 
1 109 TYR n 
1 110 HIS n 
1 111 TRP n 
1 112 ALA n 
1 113 ASN n 
1 114 GLU n 
1 115 GLY n 
1 116 TRP n 
1 117 LYS n 
1 118 TRP n 
1 119 HIS n 
1 120 PHE n 
1 121 HIS n 
1 122 GLN n 
1 123 LEU n 
1 124 THR n 
1 125 PRO n 
1 126 LEU n 
1 127 ASP n 
1 128 PRO n 
1 129 SER n 
# 
_entity_src_gen.entity_id                          1 
_entity_src_gen.pdbx_src_id                        1 
_entity_src_gen.pdbx_alt_source_flag               sample 
_entity_src_gen.pdbx_seq_type                      ? 
_entity_src_gen.pdbx_beg_seq_num                   ? 
_entity_src_gen.pdbx_end_seq_num                   ? 
_entity_src_gen.gene_src_common_name               ? 
_entity_src_gen.gene_src_genus                     ? 
_entity_src_gen.pdbx_gene_src_gene                 Exig_1688 
_entity_src_gen.gene_src_species                   ? 
_entity_src_gen.gene_src_strain                    'DSM 17290 / JCM 13490 / 255-15' 
_entity_src_gen.gene_src_tissue                    ? 
_entity_src_gen.gene_src_tissue_fraction           ? 
_entity_src_gen.gene_src_details                   ? 
_entity_src_gen.pdbx_gene_src_fragment             ? 
_entity_src_gen.pdbx_gene_src_scientific_name      'Exiguobacterium sibiricum 255-15' 
_entity_src_gen.pdbx_gene_src_ncbi_taxonomy_id     262543 
_entity_src_gen.pdbx_gene_src_variant              ? 
_entity_src_gen.pdbx_gene_src_cell_line            ? 
_entity_src_gen.pdbx_gene_src_atcc                 ? 
_entity_src_gen.pdbx_gene_src_organ                ? 
_entity_src_gen.pdbx_gene_src_organelle            ? 
_entity_src_gen.pdbx_gene_src_cell                 ? 
_entity_src_gen.pdbx_gene_src_cellular_location    ? 
_entity_src_gen.host_org_common_name               ? 
_entity_src_gen.pdbx_host_org_scientific_name      'Escherichia Coli' 
_entity_src_gen.pdbx_host_org_ncbi_taxonomy_id     562 
_entity_src_gen.host_org_genus                     ? 
_entity_src_gen.pdbx_host_org_gene                 ? 
_entity_src_gen.pdbx_host_org_organ                ? 
_entity_src_gen.host_org_species                   ? 
_entity_src_gen.pdbx_host_org_tissue               ? 
_entity_src_gen.pdbx_host_org_tissue_fraction      ? 
_entity_src_gen.pdbx_host_org_strain               HK100 
_entity_src_gen.pdbx_host_org_variant              ? 
_entity_src_gen.pdbx_host_org_cell_line            ? 
_entity_src_gen.pdbx_host_org_atcc                 ? 
_entity_src_gen.pdbx_host_org_culture_collection   ? 
_entity_src_gen.pdbx_host_org_cell                 ? 
_entity_src_gen.pdbx_host_org_organelle            ? 
_entity_src_gen.pdbx_host_org_cellular_location    ? 
_entity_src_gen.pdbx_host_org_vector_type          Plasmid 
_entity_src_gen.pdbx_host_org_vector               ? 
_entity_src_gen.host_org_details                   ? 
_entity_src_gen.expression_system_id               ? 
_entity_src_gen.plasmid_name                       SpeedET 
_entity_src_gen.plasmid_details                    ? 
_entity_src_gen.pdbx_description                   ? 
# 
loop_
_chem_comp.id 
_chem_comp.type 
_chem_comp.mon_nstd_flag 
_chem_comp.name 
_chem_comp.pdbx_synonyms 
_chem_comp.formula 
_chem_comp.formula_weight 
ALA 'L-peptide linking' y ALANINE                                     ?                           'C3 H7 N O2'     89.093  
ARG 'L-peptide linking' y ARGININE                                    ?                           'C6 H15 N4 O2 1' 175.209 
ASN 'L-peptide linking' y ASPARAGINE                                  ?                           'C4 H8 N2 O3'    132.118 
ASP 'L-peptide linking' y 'ASPARTIC ACID'                             ?                           'C4 H7 N O4'     133.103 
EDO non-polymer         . 1,2-ETHANEDIOL                              'ETHYLENE GLYCOL'           'C2 H6 O2'       62.068  
GLN 'L-peptide linking' y GLUTAMINE                                   ?                           'C5 H10 N2 O3'   146.144 
GLU 'L-peptide linking' y 'GLUTAMIC ACID'                             ?                           'C5 H9 N O4'     147.129 
GLY 'peptide linking'   y GLYCINE                                     ?                           'C2 H5 N O2'     75.067  
HIS 'L-peptide linking' y HISTIDINE                                   ?                           'C6 H10 N3 O2 1' 156.162 
HOH non-polymer         . WATER                                       ?                           'H2 O'           18.015  
ILE 'L-peptide linking' y ISOLEUCINE                                  ?                           'C6 H13 N O2'    131.173 
LEU 'L-peptide linking' y LEUCINE                                     ?                           'C6 H13 N O2'    131.173 
LYS 'L-peptide linking' y LYSINE                                      ?                           'C6 H15 N2 O2 1' 147.195 
MSE 'L-peptide linking' n SELENOMETHIONINE                            ?                           'C5 H11 N O2 Se' 196.106 
NHE non-polymer         . '2-[N-CYCLOHEXYLAMINO]ETHANE SULFONIC ACID' 'N-CYCLOHEXYLTAURINE; CHES' 'C8 H17 N O3 S'  207.290 
PHE 'L-peptide linking' y PHENYLALANINE                               ?                           'C9 H11 N O2'    165.189 
PRO 'L-peptide linking' y PROLINE                                     ?                           'C5 H9 N O2'     115.130 
SER 'L-peptide linking' y SERINE                                      ?                           'C3 H7 N O3'     105.093 
THR 'L-peptide linking' y THREONINE                                   ?                           'C4 H9 N O3'     119.119 
TRP 'L-peptide linking' y TRYPTOPHAN                                  ?                           'C11 H12 N2 O2'  204.225 
TYR 'L-peptide linking' y TYROSINE                                    ?                           'C9 H11 N O3'    181.189 
VAL 'L-peptide linking' y VALINE                                      ?                           'C5 H11 N O2'    117.146 
# 
loop_
_pdbx_poly_seq_scheme.asym_id 
_pdbx_poly_seq_scheme.entity_id 
_pdbx_poly_seq_scheme.seq_id 
_pdbx_poly_seq_scheme.mon_id 
_pdbx_poly_seq_scheme.ndb_seq_num 
_pdbx_poly_seq_scheme.pdb_seq_num 
_pdbx_poly_seq_scheme.auth_seq_num 
_pdbx_poly_seq_scheme.pdb_mon_id 
_pdbx_poly_seq_scheme.auth_mon_id 
_pdbx_poly_seq_scheme.pdb_strand_id 
_pdbx_poly_seq_scheme.pdb_ins_code 
_pdbx_poly_seq_scheme.hetero 
A 1 1   GLY 1   0   0   GLY GLY A . n 
A 1 2   MSE 2   1   1   MSE MSE A . n 
A 1 3   GLU 3   2   2   GLU GLU A . n 
A 1 4   PRO 4   3   3   PRO PRO A . n 
A 1 5   SER 5   4   4   SER SER A . n 
A 1 6   ALA 6   5   5   ALA ALA A . n 
A 1 7   LYS 7   6   6   LYS LYS A . n 
A 1 8   HIS 8   7   7   HIS HIS A . n 
A 1 9   LEU 9   8   8   LEU LEU A . n 
A 1 10  GLN 10  9   9   GLN GLN A . n 
A 1 11  LEU 11  10  10  LEU LEU A . n 
A 1 12  GLN 12  11  11  GLN GLN A . n 
A 1 13  THR 13  12  12  THR THR A . n 
A 1 14  LEU 14  13  13  LEU LEU A . n 
A 1 15  LEU 15  14  14  LEU LEU A . n 
A 1 16  SER 16  15  15  SER SER A . n 
A 1 17  GLU 17  16  16  GLU GLU A . n 
A 1 18  ARG 18  17  17  ARG ARG A . n 
A 1 19  HIS 19  18  18  HIS HIS A . n 
A 1 20  ALA 20  19  19  ALA ALA A . n 
A 1 21  TYR 21  20  20  TYR TYR A . n 
A 1 22  LEU 22  21  21  LEU LEU A . n 
A 1 23  MSE 23  22  22  MSE MSE A . n 
A 1 24  GLU 24  23  23  GLU GLU A . n 
A 1 25  GLY 25  24  24  GLY GLY A . n 
A 1 26  ASN 26  25  25  ASN ASN A . n 
A 1 27  ARG 27  26  26  ARG ARG A . n 
A 1 28  GLU 28  27  27  GLU GLU A . n 
A 1 29  ALA 29  28  28  ALA ALA A . n 
A 1 30  MSE 30  29  29  MSE MSE A . n 
A 1 31  HIS 31  30  30  HIS HIS A . n 
A 1 32  GLN 32  31  31  GLN GLN A . n 
A 1 33  LEU 33  32  32  LEU LEU A . n 
A 1 34  LEU 34  33  33  LEU LEU A . n 
A 1 35  SER 35  34  34  SER SER A . n 
A 1 36  SER 36  35  35  SER SER A . n 
A 1 37  ASP 37  36  36  ASP ASP A . n 
A 1 38  PHE 38  37  37  PHE PHE A . n 
A 1 39  SER 39  38  38  SER SER A . n 
A 1 40  PHE 40  39  39  PHE PHE A . n 
A 1 41  ILE 41  40  40  ILE ILE A . n 
A 1 42  ASP 42  41  41  ASP ASP A . n 
A 1 43  GLY 43  42  42  GLY GLY A . n 
A 1 44  GLN 44  43  43  GLN GLN A . n 
A 1 45  GLY 45  44  44  GLY GLY A . n 
A 1 46  ARG 46  45  45  ARG ARG A . n 
A 1 47  GLN 47  46  46  GLN GLN A . n 
A 1 48  PHE 48  47  47  PHE PHE A . n 
A 1 49  ASP 49  48  48  ASP ASP A . n 
A 1 50  ALA 50  49  49  ALA ALA A . n 
A 1 51  GLU 51  50  50  GLU GLU A . n 
A 1 52  THR 52  51  51  THR THR A . n 
A 1 53  TYR 53  52  52  TYR TYR A . n 
A 1 54  LEU 54  53  53  LEU LEU A . n 
A 1 55  ASP 55  54  54  ASP ASP A . n 
A 1 56  HIS 56  55  55  HIS HIS A . n 
A 1 57  TYR 57  56  56  TYR TYR A . n 
A 1 58  VAL 58  57  57  VAL VAL A . n 
A 1 59  ASP 59  58  58  ASP ASP A . n 
A 1 60  PRO 60  59  59  PRO PRO A . n 
A 1 61  ASP 61  60  60  ASP ASP A . n 
A 1 62  GLN 62  61  61  GLN GLN A . n 
A 1 63  ILE 63  62  62  ILE ILE A . n 
A 1 64  GLN 64  63  63  GLN GLN A . n 
A 1 65  TRP 65  64  64  TRP TRP A . n 
A 1 66  SER 66  65  65  SER SER A . n 
A 1 67  ASN 67  66  66  ASN ASN A . n 
A 1 68  GLN 68  67  67  GLN GLN A . n 
A 1 69  ILE 69  68  68  ILE ILE A . n 
A 1 70  SER 70  69  69  SER SER A . n 
A 1 71  GLU 71  70  70  GLU GLU A . n 
A 1 72  SER 72  71  71  SER SER A . n 
A 1 73  MSE 73  72  72  MSE MSE A . n 
A 1 74  VAL 74  73  73  VAL VAL A . n 
A 1 75  VAL 75  74  74  VAL VAL A . n 
A 1 76  GLU 76  75  75  GLU GLU A . n 
A 1 77  VAL 77  76  76  VAL VAL A . n 
A 1 78  PHE 78  77  77  PHE PHE A . n 
A 1 79  GLU 79  78  78  GLU GLU A . n 
A 1 80  THR 80  79  79  THR THR A . n 
A 1 81  THR 81  80  80  THR THR A . n 
A 1 82  ALA 82  81  81  ALA ALA A . n 
A 1 83  LEU 83  82  82  LEU LEU A . n 
A 1 84  VAL 84  83  83  VAL VAL A . n 
A 1 85  GLN 85  84  84  GLN GLN A . n 
A 1 86  GLU 86  85  85  GLU GLU A . n 
A 1 87  ILE 87  86  86  ILE ILE A . n 
A 1 88  VAL 88  87  87  VAL VAL A . n 
A 1 89  GLU 89  88  88  GLU GLU A . n 
A 1 90  ASP 90  89  89  ASP ASP A . n 
A 1 91  HIS 91  90  90  HIS HIS A . n 
A 1 92  PHE 92  91  91  PHE PHE A . n 
A 1 93  SER 93  92  92  SER SER A . n 
A 1 94  TYR 94  93  93  TYR TYR A . n 
A 1 95  GLY 95  94  94  GLY GLY A . n 
A 1 96  ARG 96  95  95  ARG ARG A . n 
A 1 97  SER 97  96  96  SER SER A . n 
A 1 98  MSE 98  97  97  MSE MSE A . n 
A 1 99  TYR 99  98  98  TYR TYR A . n 
A 1 100 ILE 100 99  99  ILE ILE A . n 
A 1 101 GLY 101 100 100 GLY GLY A . n 
A 1 102 ARG 102 101 101 ARG ARG A . n 
A 1 103 PHE 103 102 102 PHE PHE A . n 
A 1 104 ARG 104 103 103 ARG ARG A . n 
A 1 105 SER 105 104 104 SER SER A . n 
A 1 106 VAL 106 105 105 VAL VAL A . n 
A 1 107 SER 107 106 106 SER SER A . n 
A 1 108 LEU 108 107 107 LEU LEU A . n 
A 1 109 TYR 109 108 108 TYR TYR A . n 
A 1 110 HIS 110 109 109 HIS HIS A . n 
A 1 111 TRP 111 110 110 TRP TRP A . n 
A 1 112 ALA 112 111 111 ALA ALA A . n 
A 1 113 ASN 113 112 112 ASN ASN A . n 
A 1 114 GLU 114 113 113 GLU GLU A . n 
A 1 115 GLY 115 114 114 GLY GLY A . n 
A 1 116 TRP 116 115 115 TRP TRP A . n 
A 1 117 LYS 117 116 116 LYS LYS A . n 
A 1 118 TRP 118 117 117 TRP TRP A . n 
A 1 119 HIS 119 118 118 HIS HIS A . n 
A 1 120 PHE 120 119 119 PHE PHE A . n 
A 1 121 HIS 121 120 120 HIS HIS A . n 
A 1 122 GLN 122 121 121 GLN GLN A . n 
A 1 123 LEU 123 122 122 LEU LEU A . n 
A 1 124 THR 124 123 123 THR THR A . n 
A 1 125 PRO 125 124 124 PRO PRO A . n 
A 1 126 LEU 126 125 125 LEU LEU A . n 
A 1 127 ASP 127 126 126 ASP ASP A . n 
A 1 128 PRO 128 127 127 PRO PRO A . n 
A 1 129 SER 129 128 128 SER SER A . n 
# 
loop_
_pdbx_nonpoly_scheme.asym_id 
_pdbx_nonpoly_scheme.entity_id 
_pdbx_nonpoly_scheme.mon_id 
_pdbx_nonpoly_scheme.ndb_seq_num 
_pdbx_nonpoly_scheme.pdb_seq_num 
_pdbx_nonpoly_scheme.auth_seq_num 
_pdbx_nonpoly_scheme.pdb_mon_id 
_pdbx_nonpoly_scheme.auth_mon_id 
_pdbx_nonpoly_scheme.pdb_strand_id 
_pdbx_nonpoly_scheme.pdb_ins_code 
B 2 NHE 1 129 1  NHE NHE A . 
C 3 EDO 1 130 2  EDO EDO A . 
D 4 HOH 1 131 3  HOH HOH A . 
D 4 HOH 2 132 4  HOH HOH A . 
D 4 HOH 3 133 5  HOH HOH A . 
D 4 HOH 4 134 6  HOH HOH A . 
D 4 HOH 5 135 7  HOH HOH A . 
D 4 HOH 6 136 8  HOH HOH A . 
D 4 HOH 7 137 9  HOH HOH A . 
D 4 HOH 8 138 10 HOH HOH A . 
# 
loop_
_pdbx_unobs_or_zero_occ_atoms.id 
_pdbx_unobs_or_zero_occ_atoms.PDB_model_num 
_pdbx_unobs_or_zero_occ_atoms.polymer_flag 
_pdbx_unobs_or_zero_occ_atoms.occupancy_flag 
_pdbx_unobs_or_zero_occ_atoms.auth_asym_id 
_pdbx_unobs_or_zero_occ_atoms.auth_comp_id 
_pdbx_unobs_or_zero_occ_atoms.auth_seq_id 
_pdbx_unobs_or_zero_occ_atoms.PDB_ins_code 
_pdbx_unobs_or_zero_occ_atoms.auth_atom_id 
_pdbx_unobs_or_zero_occ_atoms.label_alt_id 
_pdbx_unobs_or_zero_occ_atoms.label_asym_id 
_pdbx_unobs_or_zero_occ_atoms.label_comp_id 
_pdbx_unobs_or_zero_occ_atoms.label_seq_id 
_pdbx_unobs_or_zero_occ_atoms.label_atom_id 
1  1 Y 1 A GLU 27 ? CG  ? A GLU 28 CG  
2  1 Y 1 A GLU 27 ? CD  ? A GLU 28 CD  
3  1 Y 1 A GLU 27 ? OE1 ? A GLU 28 OE1 
4  1 Y 1 A GLU 27 ? OE2 ? A GLU 28 OE2 
5  1 Y 1 A ARG 95 ? CG  ? A ARG 96 CG  
6  1 Y 1 A ARG 95 ? CD  ? A ARG 96 CD  
7  1 Y 1 A ARG 95 ? NE  ? A ARG 96 NE  
8  1 Y 1 A ARG 95 ? CZ  ? A ARG 96 CZ  
9  1 Y 1 A ARG 95 ? NH1 ? A ARG 96 NH1 
10 1 Y 1 A ARG 95 ? NH2 ? A ARG 96 NH2 
# 
loop_
_software.name 
_software.version 
_software.date 
_software.type 
_software.contact_author 
_software.contact_author_email 
_software.classification 
_software.location 
_software.language 
_software.citation_id 
_software.pdbx_ordinal 
REFMAC      5.5.0053 ?               program 'Garib N. Murshudov'         garib@ysbl.york.ac.uk                refinement        
http://www.ccp4.ac.uk/dist/html/refmac5.html                                Fortran_77 ? 1 
PHENIX      .        ?               package 'P.D. Adams'                 PDAdams@lbl.gov                      refinement        
http://www.phenix-online.org/                                               C++        ? 2 
SOLVE       .        ?               program 'Tom Terwilliger'            terwilliger@LANL.gov                 phasing           
http://www.solve.lanl.gov/                                                  ?          ? 3 
MolProbity  3beta29  ?               package 'D.C. & J.S. Richardson lab' molprobity@kinemage.biochem.duke.edu 'model building'  
http://kinemage.biochem.duke.edu/molprobity/                                ?          ? 4 
XSCALE      .        ?               package 'Wolfgang Kabsch'            ?                                    'data scaling'    
http://www.mpimf-heidelberg.mpg.de/~kabsch/xds/html_doc/xscale_program.html ?          ? 5 
PDB_EXTRACT 3.006    'June 11, 2008' package PDB                          help@deposit.rcsb.org                'data extraction' 
http://sw-tools.pdb.org/apps/PDB_EXTRACT/                                   C++        ? 6 
XDS         .        ?               ?       ?                            ?                                    'data reduction'  ? 
?          ? 7 
# 
_cell.entry_id           3KSP 
_cell.length_a           76.226 
_cell.length_b           76.226 
_cell.length_c           144.157 
_cell.angle_alpha        90.000 
_cell.angle_beta         90.000 
_cell.angle_gamma        120.000 
_cell.pdbx_unique_axis   ? 
_cell.Z_PDB              12 
_cell.length_a_esd       ? 
_cell.length_b_esd       ? 
_cell.length_c_esd       ? 
_cell.angle_alpha_esd    ? 
_cell.angle_beta_esd     ? 
_cell.angle_gamma_esd    ? 
# 
_symmetry.entry_id                         3KSP 
_symmetry.Int_Tables_number                179 
_symmetry.space_group_name_H-M             'P 65 2 2' 
_symmetry.pdbx_full_space_group_name_H-M   ? 
_symmetry.cell_setting                     ? 
_symmetry.space_group_name_Hall            ? 
# 
_exptl.crystals_number   1 
_exptl.method            'X-RAY DIFFRACTION' 
_exptl.entry_id          3KSP 
# 
_exptl_crystal.id                    1 
_exptl_crystal.density_Matthews      3.92 
_exptl_crystal.density_meas          ? 
_exptl_crystal.density_percent_sol   68.66 
_exptl_crystal.description           ? 
_exptl_crystal.F_000                 ? 
_exptl_crystal.preparation           ? 
# 
_exptl_crystal_grow.crystal_id      1 
_exptl_crystal_grow.method          'VAPOR DIFFUSION, SITTING DROP' 
_exptl_crystal_grow.pH              9.5 
_exptl_crystal_grow.temp            277 
_exptl_crystal_grow.pdbx_details    
;1.0000M sodium citrate, 0.1M CHES pH 9.5, 0.001 M Adenosine-5'-triphosphate (ATP), NANODROP, VAPOR DIFFUSION, SITTING DROP, temperature 277K
;
_exptl_crystal_grow.temp_details    ? 
_exptl_crystal_grow.pdbx_pH_range   ? 
# 
_diffrn.id                     1 
_diffrn.ambient_temp           100 
_diffrn.ambient_temp_details   ? 
_diffrn.crystal_id             1 
# 
_diffrn_detector.diffrn_id              1 
_diffrn_detector.detector               CCD 
_diffrn_detector.type                   'MARMOSAIC 325 mm CCD' 
_diffrn_detector.details                'Flat mirror (vertical focusing)' 
_diffrn_detector.pdbx_collection_date   2009-07-08 
# 
_diffrn_radiation.diffrn_id                        1 
_diffrn_radiation.pdbx_monochromatic_or_laue_m_l   M 
_diffrn_radiation.monochromator                    'Single crystal Si(111) bent monochromator (horizontal focusing)' 
_diffrn_radiation.pdbx_diffrn_protocol             MAD 
_diffrn_radiation.wavelength_id                    1 
_diffrn_radiation.pdbx_scattering_type             x-ray 
# 
loop_
_diffrn_radiation_wavelength.id 
_diffrn_radiation_wavelength.wavelength 
_diffrn_radiation_wavelength.wt 
1 0.91162 1.0 
2 0.97929 1.0 
# 
_diffrn_source.diffrn_id                   1 
_diffrn_source.source                      SYNCHROTRON 
_diffrn_source.pdbx_synchrotron_beamline   BL11-1 
_diffrn_source.type                        'SSRL BEAMLINE BL11-1' 
_diffrn_source.pdbx_wavelength_list        0.91162,0.97929 
_diffrn_source.pdbx_wavelength             ? 
_diffrn_source.pdbx_synchrotron_site       SSRL 
# 
_reflns.entry_id                     3KSP 
_reflns.d_resolution_high            2.59 
_reflns.d_resolution_low             28.831 
_reflns.number_obs                   8247 
_reflns.pdbx_Rmerge_I_obs            0.049 
_reflns.pdbx_netI_over_sigmaI        17.170 
_reflns.percent_possible_obs         99.400 
_reflns.B_iso_Wilson_estimate        76.251 
_reflns.observed_criterion_sigma_I   -3.00 
_reflns.observed_criterion_sigma_F   ? 
_reflns.number_all                   ? 
_reflns.pdbx_Rsym_value              ? 
_reflns.pdbx_redundancy              ? 
_reflns.R_free_details               ? 
_reflns.limit_h_max                  ? 
_reflns.limit_h_min                  ? 
_reflns.limit_k_max                  ? 
_reflns.limit_k_min                  ? 
_reflns.limit_l_max                  ? 
_reflns.limit_l_min                  ? 
_reflns.observed_criterion_F_max     ? 
_reflns.observed_criterion_F_min     ? 
_reflns.pdbx_chi_squared             ? 
_reflns.pdbx_scaling_rejects         ? 
_reflns.pdbx_ordinal                 1 
_reflns.pdbx_diffrn_id               1 
# 
loop_
_reflns_shell.d_res_high 
_reflns_shell.d_res_low 
_reflns_shell.number_measured_obs 
_reflns_shell.number_measured_all 
_reflns_shell.number_unique_obs 
_reflns_shell.Rmerge_I_obs 
_reflns_shell.meanI_over_sigI_obs 
_reflns_shell.pdbx_Rsym_value 
_reflns_shell.pdbx_chi_squared 
_reflns_shell.pdbx_redundancy 
_reflns_shell.percent_possible_obs 
_reflns_shell.number_unique_all 
_reflns_shell.percent_possible_all 
_reflns_shell.pdbx_ordinal 
_reflns_shell.pdbx_diffrn_id 
2.60 2.69   5352 ? 1397 0.658 2.2  ? ? ? ? ? 99.90 1  1 
2.69 2.80   5752 ? 1493 0.415 3.3  ? ? ? ? ? 99.60 2  1 
2.80 2.93   5770 ? 1494 0.303 4.5  ? ? ? ? ? 99.70 3  1 
2.93 3.08   5457 ? 1409 0.216 6.2  ? ? ? ? ? 99.40 4  1 
3.08 3.27   5563 ? 1440 0.119 10.6 ? ? ? ? ? 99.80 5  1 
3.27 3.52   5557 ? 1439 0.071 16.9 ? ? ? ? ? 99.60 6  1 
3.52 3.88   5716 ? 1495 0.045 23.7 ? ? ? ? ? 99.40 7  1 
3.88 4.43   5452 ? 1429 0.034 30.9 ? ? ? ? ? 99.00 8  1 
4.43 5.57   5553 ? 1460 0.030 35.9 ? ? ? ? ? 99.30 9  1 
5.57 28.831 5640 ? 1488 0.027 36.7 ? ? ? ? ? 98.20 10 1 
# 
_refine.entry_id                                 3KSP 
_refine.ls_d_res_high                            2.590 
_refine.ls_d_res_low                             28.831 
_refine.pdbx_ls_sigma_F                          0.00 
_refine.pdbx_data_cutoff_high_absF               ? 
_refine.pdbx_data_cutoff_low_absF                ? 
_refine.ls_percent_reflns_obs                    99.490 
_refine.ls_number_reflns_obs                     8207 
_refine.ls_number_reflns_all                     ? 
_refine.pdbx_ls_cross_valid_method               THROUGHOUT 
_refine.pdbx_R_Free_selection_details            RANDOM 
_refine.details                                  
;1. HYDROGENS HAVE BEEN ADDED IN THE RIDING POSITIONS. 2. ATOM RECORDS CONTAIN RESIDUAL B FACTORS ONLY. 3. A MET-INHIBITION PROTOCOL WAS USED FOR SELENOMETHIONINE INCORPORATION DURING PROTEIN EXPRESSION. THE OCCUPANCY OF THE SE ATOMS IN THE MSE RESIDUES WAS REDUCED TO 0.75 FOR THE REDUCED SCATTERING POWER DUE TO PARTIAL S-MET INCORPORATION. 4. ETHYLENE GLYCOL (EDO) AND CHES (NHE) MOLECULES FROM THE CRYSTALLIZATION/CRYOPROTECTION SOLUTION ARE MODELED.
;
_refine.ls_R_factor_all                          ? 
_refine.ls_R_factor_obs                          0.202 
_refine.ls_R_factor_R_work                       0.201 
_refine.ls_wR_factor_R_work                      ? 
_refine.ls_R_factor_R_free                       0.237 
_refine.ls_wR_factor_R_free                      ? 
_refine.ls_percent_reflns_R_free                 4.600 
_refine.ls_number_reflns_R_free                  379 
_refine.ls_R_factor_R_free_error                 ? 
_refine.B_iso_mean                               44.582 
_refine.solvent_model_param_bsol                 ? 
_refine.solvent_model_param_ksol                 ? 
_refine.pdbx_isotropic_thermal_model             ? 
_refine.aniso_B[1][1]                            -2.810 
_refine.aniso_B[2][2]                            -2.810 
_refine.aniso_B[3][3]                            4.210 
_refine.aniso_B[1][2]                            -1.400 
_refine.aniso_B[1][3]                            0.000 
_refine.aniso_B[2][3]                            0.000 
_refine.correlation_coeff_Fo_to_Fc               0.955 
_refine.correlation_coeff_Fo_to_Fc_free          0.945 
_refine.overall_SU_R_Cruickshank_DPI             ? 
_refine.overall_SU_R_free                        ? 
_refine.pdbx_overall_ESU_R                       0.303 
_refine.pdbx_overall_ESU_R_Free                  0.235 
_refine.overall_SU_ML                            0.194 
_refine.overall_SU_B                             19.846 
_refine.solvent_model_details                    'BABINET MODEL WITH MASK' 
_refine.pdbx_solvent_vdw_probe_radii             1.400 
_refine.pdbx_solvent_ion_probe_radii             0.800 
_refine.pdbx_solvent_shrinkage_radii             0.800 
_refine.ls_number_parameters                     ? 
_refine.ls_number_restraints                     ? 
_refine.pdbx_method_to_determine_struct          MAD 
_refine.pdbx_stereochemistry_target_values       'MAXIMUM LIKELIHOOD WITH PHASES' 
_refine.pdbx_stereochem_target_val_spec_case     ? 
_refine.overall_FOM_work_R_set                   ? 
_refine.B_iso_max                                83.75 
_refine.B_iso_min                                21.07 
_refine.occupancy_max                            1.00 
_refine.occupancy_min                            0.22 
_refine.pdbx_ls_sigma_I                          ? 
_refine.ls_redundancy_reflns_obs                 ? 
_refine.ls_R_factor_R_free_error_details         ? 
_refine.pdbx_starting_model                      ? 
_refine.pdbx_data_cutoff_high_rms_absF           ? 
_refine.overall_FOM_free_R_set                   ? 
_refine.pdbx_overall_phase_error                 ? 
_refine.pdbx_refine_id                           'X-RAY DIFFRACTION' 
_refine.pdbx_TLS_residual_ADP_flag               'LIKELY RESIDUAL' 
_refine.pdbx_diffrn_id                           1 
_refine.pdbx_overall_SU_R_free_Cruickshank_DPI   ? 
_refine.pdbx_overall_SU_R_Blow_DPI               ? 
_refine.pdbx_overall_SU_R_free_Blow_DPI          ? 
# 
_refine_hist.pdbx_refine_id                   'X-RAY DIFFRACTION' 
_refine_hist.cycle_id                         LAST 
_refine_hist.pdbx_number_atoms_protein        1061 
_refine_hist.pdbx_number_atoms_nucleic_acid   0 
_refine_hist.pdbx_number_atoms_ligand         17 
_refine_hist.number_atoms_solvent             8 
_refine_hist.number_atoms_total               1086 
_refine_hist.d_res_high                       2.590 
_refine_hist.d_res_low                        28.831 
# 
loop_
_refine_ls_restr.type 
_refine_ls_restr.pdbx_refine_id 
_refine_ls_restr.number 
_refine_ls_restr.dev_ideal 
_refine_ls_restr.dev_ideal_target 
_refine_ls_restr.weight 
_refine_ls_restr.pdbx_restraint_function 
r_bond_refined_d       'X-RAY DIFFRACTION' 1138 0.014  0.021  ? ? 
r_bond_other_d         'X-RAY DIFFRACTION' 763  0.001  0.020  ? ? 
r_angle_refined_deg    'X-RAY DIFFRACTION' 1547 1.483  1.925  ? ? 
r_angle_other_deg      'X-RAY DIFFRACTION' 1849 0.870  3.000  ? ? 
r_dihedral_angle_1_deg 'X-RAY DIFFRACTION' 136  6.878  5.000  ? ? 
r_dihedral_angle_2_deg 'X-RAY DIFFRACTION' 64   39.040 24.219 ? ? 
r_dihedral_angle_3_deg 'X-RAY DIFFRACTION' 183  17.101 15.000 ? ? 
r_dihedral_angle_4_deg 'X-RAY DIFFRACTION' 6    12.794 15.000 ? ? 
r_chiral_restr         'X-RAY DIFFRACTION' 157  0.086  0.200  ? ? 
r_gen_planes_refined   'X-RAY DIFFRACTION' 1282 0.005  0.020  ? ? 
r_gen_planes_other     'X-RAY DIFFRACTION' 248  0.001  0.020  ? ? 
r_mcbond_it            'X-RAY DIFFRACTION' 656  0.506  1.500  ? ? 
r_mcbond_other         'X-RAY DIFFRACTION' 265  0.088  1.500  ? ? 
r_mcangle_it           'X-RAY DIFFRACTION' 1058 0.976  2.000  ? ? 
r_scbond_it            'X-RAY DIFFRACTION' 482  1.684  3.000  ? ? 
r_scangle_it           'X-RAY DIFFRACTION' 485  2.546  4.500  ? ? 
# 
_refine_ls_shell.d_res_high                       2.590 
_refine_ls_shell.d_res_low                        2.657 
_refine_ls_shell.pdbx_total_number_of_bins_used   20 
_refine_ls_shell.percent_reflns_obs               100.000 
_refine_ls_shell.number_reflns_R_work             547 
_refine_ls_shell.R_factor_all                     ? 
_refine_ls_shell.R_factor_R_work                  0.310 
_refine_ls_shell.R_factor_R_free                  0.263 
_refine_ls_shell.percent_reflns_R_free            ? 
_refine_ls_shell.number_reflns_R_free             30 
_refine_ls_shell.R_factor_R_free_error            ? 
_refine_ls_shell.number_reflns_all                577 
_refine_ls_shell.number_reflns_obs                ? 
_refine_ls_shell.redundancy_reflns_obs            ? 
_refine_ls_shell.pdbx_refine_id                   'X-RAY DIFFRACTION' 
# 
_struct.entry_id                  3KSP 
_struct.title                     
;Crystal structure of a putative ca/calmodulin-dependent kinase ii association domain (exig_1688) from exiguobacterium sibiricum 255-15 at 2.59 A resolution
;
_struct.pdbx_model_details        ? 
_struct.pdbx_CASP_flag            ? 
_struct.pdbx_model_type_details   ? 
# 
_struct_keywords.text            
;Cystatin-like fold, structural genomics, Joint Center for Structural Genomics, JCSG, Protein Structure Initiative, PSI-2, unknown function
;
_struct_keywords.pdbx_keywords   'UNKNOWN FUNCTION' 
_struct_keywords.entry_id        3KSP 
# 
loop_
_struct_asym.id 
_struct_asym.pdbx_blank_PDB_chainid_flag 
_struct_asym.pdbx_modified 
_struct_asym.entity_id 
_struct_asym.details 
A N N 1 ? 
B N N 2 ? 
C N N 3 ? 
D N N 4 ? 
# 
_struct_ref.id                         1 
_struct_ref.db_name                    UNP 
_struct_ref.db_code                    B1YH80_EXIS2 
_struct_ref.pdbx_db_accession          B1YH80 
_struct_ref.entity_id                  1 
_struct_ref.pdbx_seq_one_letter_code   
;MEPSAKHLQLQTLLSERHAYLMEGNREAMHQLLSSDFSFIDGQGRQFDAETYLDHYVDPDQIQWSNQISESMVVEVFETT
ALVQEIVEDHFSYGRSMYIGRFRSVSLYHWANEGWKWHFHQLTPLDPS
;
_struct_ref.pdbx_align_begin           1 
_struct_ref.pdbx_db_isoform            ? 
# 
_struct_ref_seq.align_id                      1 
_struct_ref_seq.ref_id                        1 
_struct_ref_seq.pdbx_PDB_id_code              3KSP 
_struct_ref_seq.pdbx_strand_id                A 
_struct_ref_seq.seq_align_beg                 2 
_struct_ref_seq.pdbx_seq_align_beg_ins_code   ? 
_struct_ref_seq.seq_align_end                 129 
_struct_ref_seq.pdbx_seq_align_end_ins_code   ? 
_struct_ref_seq.pdbx_db_accession             B1YH80 
_struct_ref_seq.db_align_beg                  1 
_struct_ref_seq.pdbx_db_align_beg_ins_code    ? 
_struct_ref_seq.db_align_end                  128 
_struct_ref_seq.pdbx_db_align_end_ins_code    ? 
_struct_ref_seq.pdbx_auth_seq_align_beg       1 
_struct_ref_seq.pdbx_auth_seq_align_end       128 
# 
_struct_ref_seq_dif.align_id                     1 
_struct_ref_seq_dif.pdbx_pdb_id_code             3KSP 
_struct_ref_seq_dif.mon_id                       GLY 
_struct_ref_seq_dif.pdbx_pdb_strand_id           A 
_struct_ref_seq_dif.seq_num                      1 
_struct_ref_seq_dif.pdbx_pdb_ins_code            ? 
_struct_ref_seq_dif.pdbx_seq_db_name             UNP 
_struct_ref_seq_dif.pdbx_seq_db_accession_code   B1YH80 
_struct_ref_seq_dif.db_mon_id                    ? 
_struct_ref_seq_dif.pdbx_seq_db_seq_num          ? 
_struct_ref_seq_dif.details                      'expression tag' 
_struct_ref_seq_dif.pdbx_auth_seq_num            0 
_struct_ref_seq_dif.pdbx_ordinal                 1 
# 
_pdbx_struct_assembly.id                   1 
_pdbx_struct_assembly.details              author_and_software_defined_assembly 
_pdbx_struct_assembly.method_details       PISA 
_pdbx_struct_assembly.oligomeric_details   dimeric 
_pdbx_struct_assembly.oligomeric_count     2 
# 
loop_
_pdbx_struct_assembly_prop.biol_id 
_pdbx_struct_assembly_prop.type 
_pdbx_struct_assembly_prop.value 
_pdbx_struct_assembly_prop.details 
1 'ABSA (A^2)' 2650  ? 
1 MORE         0     ? 
1 'SSA (A^2)'  13630 ? 
# 
_pdbx_struct_assembly_gen.assembly_id       1 
_pdbx_struct_assembly_gen.oper_expression   1,2 
_pdbx_struct_assembly_gen.asym_id_list      A,B,C,D 
# 
loop_
_pdbx_struct_oper_list.id 
_pdbx_struct_oper_list.type 
_pdbx_struct_oper_list.name 
_pdbx_struct_oper_list.symmetry_operation 
_pdbx_struct_oper_list.matrix[1][1] 
_pdbx_struct_oper_list.matrix[1][2] 
_pdbx_struct_oper_list.matrix[1][3] 
_pdbx_struct_oper_list.vector[1] 
_pdbx_struct_oper_list.matrix[2][1] 
_pdbx_struct_oper_list.matrix[2][2] 
_pdbx_struct_oper_list.matrix[2][3] 
_pdbx_struct_oper_list.vector[2] 
_pdbx_struct_oper_list.matrix[3][1] 
_pdbx_struct_oper_list.matrix[3][2] 
_pdbx_struct_oper_list.matrix[3][3] 
_pdbx_struct_oper_list.vector[3] 
1 'identity operation'         1_555  x,y,z          1.0000000000  0.0000000000  0.0000000000 0.0000000000  0.0000000000  1.0000000000 0.0000000000  0.0000000000  0.0000000000 0.0000000000  1.0000000000  0.0000000000  
2 'crystal symmetry operation' 12_565 x,x-y+1,-z+5/6 -0.9867185645 -0.1289947512 0.0987260284 -9.9096009153 -0.1289947512 0.2528499505 -0.9588676951 13.1027568123 0.0987260284 -0.9588676951 -0.2661313860 18.4530929735 
# 
_struct_biol.id        1 
_struct_biol.details   'CRYSTAL PACKING ANALYSIS SUGGESTS THE ASSIGNMENT OF A DIMER AS THE SIGNIFICANT OLIGOMERIZATION STATE.' 
# 
loop_
_struct_conf.conf_type_id 
_struct_conf.id 
_struct_conf.pdbx_PDB_helix_id 
_struct_conf.beg_label_comp_id 
_struct_conf.beg_label_asym_id 
_struct_conf.beg_label_seq_id 
_struct_conf.pdbx_beg_PDB_ins_code 
_struct_conf.end_label_comp_id 
_struct_conf.end_label_asym_id 
_struct_conf.end_label_seq_id 
_struct_conf.pdbx_end_PDB_ins_code 
_struct_conf.beg_auth_comp_id 
_struct_conf.beg_auth_asym_id 
_struct_conf.beg_auth_seq_id 
_struct_conf.end_auth_comp_id 
_struct_conf.end_auth_asym_id 
_struct_conf.end_auth_seq_id 
_struct_conf.pdbx_PDB_helix_class 
_struct_conf.details 
_struct_conf.pdbx_PDB_helix_length 
HELX_P HELX_P1 1 SER A 5  ? GLY A 25 ? SER A 4  GLY A 24 1 ? 21 
HELX_P HELX_P2 2 ASN A 26 ? LEU A 33 ? ASN A 25 LEU A 32 1 ? 8  
HELX_P HELX_P3 3 ASP A 49 ? VAL A 58 ? ASP A 48 VAL A 57 1 ? 10 
# 
_struct_conf_type.id          HELX_P 
_struct_conf_type.criteria    ? 
_struct_conf_type.reference   ? 
# 
loop_
_struct_conn.id 
_struct_conn.conn_type_id 
_struct_conn.pdbx_leaving_atom_flag 
_struct_conn.pdbx_PDB_id 
_struct_conn.ptnr1_label_asym_id 
_struct_conn.ptnr1_label_comp_id 
_struct_conn.ptnr1_label_seq_id 
_struct_conn.ptnr1_label_atom_id 
_struct_conn.pdbx_ptnr1_label_alt_id 
_struct_conn.pdbx_ptnr1_PDB_ins_code 
_struct_conn.pdbx_ptnr1_standard_comp_id 
_struct_conn.ptnr1_symmetry 
_struct_conn.ptnr2_label_asym_id 
_struct_conn.ptnr2_label_comp_id 
_struct_conn.ptnr2_label_seq_id 
_struct_conn.ptnr2_label_atom_id 
_struct_conn.pdbx_ptnr2_label_alt_id 
_struct_conn.pdbx_ptnr2_PDB_ins_code 
_struct_conn.ptnr1_auth_asym_id 
_struct_conn.ptnr1_auth_comp_id 
_struct_conn.ptnr1_auth_seq_id 
_struct_conn.ptnr2_auth_asym_id 
_struct_conn.ptnr2_auth_comp_id 
_struct_conn.ptnr2_auth_seq_id 
_struct_conn.ptnr2_symmetry 
_struct_conn.pdbx_ptnr3_label_atom_id 
_struct_conn.pdbx_ptnr3_label_seq_id 
_struct_conn.pdbx_ptnr3_label_comp_id 
_struct_conn.pdbx_ptnr3_label_asym_id 
_struct_conn.pdbx_ptnr3_label_alt_id 
_struct_conn.pdbx_ptnr3_PDB_ins_code 
_struct_conn.details 
_struct_conn.pdbx_dist_value 
_struct_conn.pdbx_value_order 
_struct_conn.pdbx_role 
covale1  covale both ? A GLY 1  C ? ? ? 1_555 A MSE 2  N ? ? A GLY 0  A MSE 1  1_555 ? ? ? ? ? ? ? 1.340 ? ? 
covale2  covale both ? A MSE 2  C ? ? ? 1_555 A GLU 3  N ? ? A MSE 1  A GLU 2  1_555 ? ? ? ? ? ? ? 1.331 ? ? 
covale3  covale both ? A LEU 22 C ? ? ? 1_555 A MSE 23 N ? ? A LEU 21 A MSE 22 1_555 ? ? ? ? ? ? ? 1.341 ? ? 
covale4  covale both ? A MSE 23 C ? ? ? 1_555 A GLU 24 N ? ? A MSE 22 A GLU 23 1_555 ? ? ? ? ? ? ? 1.327 ? ? 
covale5  covale both ? A ALA 29 C ? ? ? 1_555 A MSE 30 N ? ? A ALA 28 A MSE 29 1_555 ? ? ? ? ? ? ? 1.339 ? ? 
covale6  covale both ? A MSE 30 C ? ? ? 1_555 A HIS 31 N ? ? A MSE 29 A HIS 30 1_555 ? ? ? ? ? ? ? 1.341 ? ? 
covale7  covale both ? A SER 72 C ? ? ? 1_555 A MSE 73 N ? ? A SER 71 A MSE 72 1_555 ? ? ? ? ? ? ? 1.339 ? ? 
covale8  covale both ? A MSE 73 C ? ? ? 1_555 A VAL 74 N ? ? A MSE 72 A VAL 73 1_555 ? ? ? ? ? ? ? 1.326 ? ? 
covale9  covale both ? A SER 97 C ? ? ? 1_555 A MSE 98 N ? ? A SER 96 A MSE 97 1_555 ? ? ? ? ? ? ? 1.330 ? ? 
covale10 covale both ? A MSE 98 C ? ? ? 1_555 A TYR 99 N ? ? A MSE 97 A TYR 98 1_555 ? ? ? ? ? ? ? 1.336 ? ? 
# 
_struct_conn_type.id          covale 
_struct_conn_type.criteria    ? 
_struct_conn_type.reference   ? 
# 
loop_
_pdbx_modification_feature.ordinal 
_pdbx_modification_feature.label_comp_id 
_pdbx_modification_feature.label_asym_id 
_pdbx_modification_feature.label_seq_id 
_pdbx_modification_feature.label_alt_id 
_pdbx_modification_feature.modified_residue_label_comp_id 
_pdbx_modification_feature.modified_residue_label_asym_id 
_pdbx_modification_feature.modified_residue_label_seq_id 
_pdbx_modification_feature.modified_residue_label_alt_id 
_pdbx_modification_feature.auth_comp_id 
_pdbx_modification_feature.auth_asym_id 
_pdbx_modification_feature.auth_seq_id 
_pdbx_modification_feature.PDB_ins_code 
_pdbx_modification_feature.symmetry 
_pdbx_modification_feature.modified_residue_auth_comp_id 
_pdbx_modification_feature.modified_residue_auth_asym_id 
_pdbx_modification_feature.modified_residue_auth_seq_id 
_pdbx_modification_feature.modified_residue_PDB_ins_code 
_pdbx_modification_feature.modified_residue_symmetry 
_pdbx_modification_feature.comp_id_linking_atom 
_pdbx_modification_feature.modified_residue_id_linking_atom 
_pdbx_modification_feature.modified_residue_id 
_pdbx_modification_feature.ref_pcm_id 
_pdbx_modification_feature.ref_comp_id 
_pdbx_modification_feature.type 
_pdbx_modification_feature.category 
1 MSE A 2  ? . . . . MSE A 1  ? 1_555 . . . . . . . MET 1 MSE Selenomethionine 'Named protein modification' 
2 MSE A 23 ? . . . . MSE A 22 ? 1_555 . . . . . . . MET 1 MSE Selenomethionine 'Named protein modification' 
3 MSE A 30 ? . . . . MSE A 29 ? 1_555 . . . . . . . MET 1 MSE Selenomethionine 'Named protein modification' 
4 MSE A 73 ? . . . . MSE A 72 ? 1_555 . . . . . . . MET 1 MSE Selenomethionine 'Named protein modification' 
5 MSE A 98 ? . . . . MSE A 97 ? 1_555 . . . . . . . MET 1 MSE Selenomethionine 'Named protein modification' 
# 
_struct_sheet.id               A 
_struct_sheet.type             ? 
_struct_sheet.number_strands   6 
_struct_sheet.details          ? 
# 
loop_
_struct_sheet_order.sheet_id 
_struct_sheet_order.range_id_1 
_struct_sheet_order.range_id_2 
_struct_sheet_order.offset 
_struct_sheet_order.sense 
A 1 2 ? anti-parallel 
A 2 3 ? parallel      
A 3 4 ? anti-parallel 
A 4 5 ? anti-parallel 
A 5 6 ? anti-parallel 
# 
loop_
_struct_sheet_range.sheet_id 
_struct_sheet_range.id 
_struct_sheet_range.beg_label_comp_id 
_struct_sheet_range.beg_label_asym_id 
_struct_sheet_range.beg_label_seq_id 
_struct_sheet_range.pdbx_beg_PDB_ins_code 
_struct_sheet_range.end_label_comp_id 
_struct_sheet_range.end_label_asym_id 
_struct_sheet_range.end_label_seq_id 
_struct_sheet_range.pdbx_end_PDB_ins_code 
_struct_sheet_range.beg_auth_comp_id 
_struct_sheet_range.beg_auth_asym_id 
_struct_sheet_range.beg_auth_seq_id 
_struct_sheet_range.end_auth_comp_id 
_struct_sheet_range.end_auth_asym_id 
_struct_sheet_range.end_auth_seq_id 
A 1 GLN A 47  ? PHE A 48  ? GLN A 46  PHE A 47  
A 2 LEU A 34  ? ILE A 41  ? LEU A 33  ILE A 40  
A 3 GLY A 115 ? LEU A 126 ? GLY A 114 LEU A 125 
A 4 SER A 97  ? ALA A 112 ? SER A 96  ALA A 111 
A 5 THR A 81  ? TYR A 94  ? THR A 80  TYR A 93  
A 6 ILE A 63  ? VAL A 77  ? ILE A 62  VAL A 76  
# 
loop_
_pdbx_struct_sheet_hbond.sheet_id 
_pdbx_struct_sheet_hbond.range_id_1 
_pdbx_struct_sheet_hbond.range_id_2 
_pdbx_struct_sheet_hbond.range_1_label_atom_id 
_pdbx_struct_sheet_hbond.range_1_label_comp_id 
_pdbx_struct_sheet_hbond.range_1_label_asym_id 
_pdbx_struct_sheet_hbond.range_1_label_seq_id 
_pdbx_struct_sheet_hbond.range_1_PDB_ins_code 
_pdbx_struct_sheet_hbond.range_1_auth_atom_id 
_pdbx_struct_sheet_hbond.range_1_auth_comp_id 
_pdbx_struct_sheet_hbond.range_1_auth_asym_id 
_pdbx_struct_sheet_hbond.range_1_auth_seq_id 
_pdbx_struct_sheet_hbond.range_2_label_atom_id 
_pdbx_struct_sheet_hbond.range_2_label_comp_id 
_pdbx_struct_sheet_hbond.range_2_label_asym_id 
_pdbx_struct_sheet_hbond.range_2_label_seq_id 
_pdbx_struct_sheet_hbond.range_2_PDB_ins_code 
_pdbx_struct_sheet_hbond.range_2_auth_atom_id 
_pdbx_struct_sheet_hbond.range_2_auth_comp_id 
_pdbx_struct_sheet_hbond.range_2_auth_asym_id 
_pdbx_struct_sheet_hbond.range_2_auth_seq_id 
A 1 2 O PHE A 48  ? O PHE A 47  N PHE A 40  ? N PHE A 39  
A 2 3 N SER A 35  ? N SER A 34  O TRP A 118 ? O TRP A 117 
A 3 4 O HIS A 119 ? O HIS A 118 N LEU A 108 ? N LEU A 107 
A 4 5 O SER A 105 ? O SER A 104 N GLU A 86  ? N GLU A 85  
A 5 6 O GLN A 85  ? O GLN A 84  N VAL A 74  ? N VAL A 73  
# 
loop_
_struct_site.id 
_struct_site.pdbx_evidence_code 
_struct_site.pdbx_auth_asym_id 
_struct_site.pdbx_auth_comp_id 
_struct_site.pdbx_auth_seq_id 
_struct_site.pdbx_auth_ins_code 
_struct_site.pdbx_num_residues 
_struct_site.details 
AC1 Software A NHE 129 ? 8 'BINDING SITE FOR RESIDUE NHE A 129' 
AC2 Software A EDO 130 ? 3 'BINDING SITE FOR RESIDUE EDO A 130' 
# 
loop_
_struct_site_gen.id 
_struct_site_gen.site_id 
_struct_site_gen.pdbx_num_res 
_struct_site_gen.label_comp_id 
_struct_site_gen.label_asym_id 
_struct_site_gen.label_seq_id 
_struct_site_gen.pdbx_auth_ins_code 
_struct_site_gen.auth_comp_id 
_struct_site_gen.auth_asym_id 
_struct_site_gen.auth_seq_id 
_struct_site_gen.label_atom_id 
_struct_site_gen.label_alt_id 
_struct_site_gen.symmetry 
_struct_site_gen.details 
1  AC1 8 GLY A 1   ? GLY A 0   . ? 8_666 ? 
2  AC1 8 MSE A 2   ? MSE A 1   . ? 8_666 ? 
3  AC1 8 ASP A 42  ? ASP A 41  . ? 1_555 ? 
4  AC1 8 GLY A 43  ? GLY A 42  . ? 1_555 ? 
5  AC1 8 GLN A 44  ? GLN A 43  . ? 1_555 ? 
6  AC1 8 TYR A 57  ? TYR A 56  . ? 1_555 ? 
7  AC1 8 TYR A 94  ? TYR A 93  . ? 1_555 ? 
8  AC1 8 PHE A 103 ? PHE A 102 . ? 1_555 ? 
9  AC2 3 TYR A 53  ? TYR A 52  . ? 1_555 ? 
10 AC2 3 GLN A 68  ? GLN A 67  . ? 1_555 ? 
11 AC2 3 ASP A 90  ? ASP A 89  . ? 1_555 ? 
# 
_pdbx_entry_details.entry_id                   3KSP 
_pdbx_entry_details.compound_details           ? 
_pdbx_entry_details.source_details             ? 
_pdbx_entry_details.nonpolymer_details         ? 
_pdbx_entry_details.sequence_details           
;THIS CONSTRUCT WAS EXPRESSED WITH A PURIFICATION TAG MGSDKIHHHHHHENLYFQG. THE TAG WAS REMOVED WITH TEV PROTEASE LEAVING ONLY A GLYCINE (0) FOLLOWED BY THE TARGET SEQUENCE.
;
_pdbx_entry_details.has_ligand_of_interest     ? 
_pdbx_entry_details.has_protein_modification   Y 
# 
loop_
_pdbx_validate_torsion.id 
_pdbx_validate_torsion.PDB_model_num 
_pdbx_validate_torsion.auth_comp_id 
_pdbx_validate_torsion.auth_asym_id 
_pdbx_validate_torsion.auth_seq_id 
_pdbx_validate_torsion.PDB_ins_code 
_pdbx_validate_torsion.label_alt_id 
_pdbx_validate_torsion.phi 
_pdbx_validate_torsion.psi 
1 1 SER A 71 ? ? -173.93 144.85  
2 1 PHE A 77 ? ? -105.80 -156.40 
3 1 ARG A 95 ? ? 79.71   -9.01   
# 
_pdbx_SG_project.project_name          'PSI, Protein Structure Initiative' 
_pdbx_SG_project.full_name_of_center   'Joint Center for Structural Genomics' 
_pdbx_SG_project.id                    1 
_pdbx_SG_project.initial_of_center     JCSG 
# 
loop_
_pdbx_struct_mod_residue.id 
_pdbx_struct_mod_residue.label_asym_id 
_pdbx_struct_mod_residue.label_comp_id 
_pdbx_struct_mod_residue.label_seq_id 
_pdbx_struct_mod_residue.auth_asym_id 
_pdbx_struct_mod_residue.auth_comp_id 
_pdbx_struct_mod_residue.auth_seq_id 
_pdbx_struct_mod_residue.PDB_ins_code 
_pdbx_struct_mod_residue.parent_comp_id 
_pdbx_struct_mod_residue.details 
1 A MSE 2  A MSE 1  ? MET SELENOMETHIONINE 
2 A MSE 23 A MSE 22 ? MET SELENOMETHIONINE 
3 A MSE 30 A MSE 29 ? MET SELENOMETHIONINE 
4 A MSE 73 A MSE 72 ? MET SELENOMETHIONINE 
5 A MSE 98 A MSE 97 ? MET SELENOMETHIONINE 
# 
_pdbx_refine_tls.pdbx_refine_id   'X-RAY DIFFRACTION' 
_pdbx_refine_tls.id               1 
_pdbx_refine_tls.details          ? 
_pdbx_refine_tls.method           refined 
_pdbx_refine_tls.origin_x         -0.3872 
_pdbx_refine_tls.origin_y         0.1875 
_pdbx_refine_tls.origin_z         -0.0004 
_pdbx_refine_tls.T[1][1]          0.3900 
_pdbx_refine_tls.T[2][2]          0.4539 
_pdbx_refine_tls.T[3][3]          0.2384 
_pdbx_refine_tls.T[1][2]          0.1902 
_pdbx_refine_tls.T[1][3]          -0.0065 
_pdbx_refine_tls.T[2][3]          -0.0379 
_pdbx_refine_tls.L[1][1]          3.2488 
_pdbx_refine_tls.L[2][2]          3.9422 
_pdbx_refine_tls.L[3][3]          5.5804 
_pdbx_refine_tls.L[1][2]          -1.3903 
_pdbx_refine_tls.L[1][3]          -0.4498 
_pdbx_refine_tls.L[2][3]          -1.6869 
_pdbx_refine_tls.S[1][1]          0.4432 
_pdbx_refine_tls.S[2][2]          -0.3985 
_pdbx_refine_tls.S[3][3]          -0.0446 
_pdbx_refine_tls.S[1][2]          0.6380 
_pdbx_refine_tls.S[1][3]          -0.1155 
_pdbx_refine_tls.S[2][3]          0.1636 
_pdbx_refine_tls.S[2][1]          -0.7316 
_pdbx_refine_tls.S[3][1]          0.7823 
_pdbx_refine_tls.S[3][2]          0.2150 
# 
_pdbx_refine_tls_group.pdbx_refine_id      'X-RAY DIFFRACTION' 
_pdbx_refine_tls_group.id                  1 
_pdbx_refine_tls_group.refine_tls_id       1 
_pdbx_refine_tls_group.beg_auth_asym_id    A 
_pdbx_refine_tls_group.beg_auth_seq_id     0 
_pdbx_refine_tls_group.end_auth_asym_id    A 
_pdbx_refine_tls_group.end_auth_seq_id     128 
_pdbx_refine_tls_group.selection_details   ? 
_pdbx_refine_tls_group.beg_label_asym_id   . 
_pdbx_refine_tls_group.beg_label_seq_id    . 
_pdbx_refine_tls_group.end_label_asym_id   . 
_pdbx_refine_tls_group.end_label_seq_id    . 
_pdbx_refine_tls_group.selection           ? 
# 
_phasing.method   MAD 
# 
loop_
_chem_comp_atom.comp_id 
_chem_comp_atom.atom_id 
_chem_comp_atom.type_symbol 
_chem_comp_atom.pdbx_aromatic_flag 
_chem_comp_atom.pdbx_stereo_config 
_chem_comp_atom.pdbx_ordinal 
ALA N      N  N N 1   
ALA CA     C  N S 2   
ALA C      C  N N 3   
ALA O      O  N N 4   
ALA CB     C  N N 5   
ALA OXT    O  N N 6   
ALA H      H  N N 7   
ALA H2     H  N N 8   
ALA HA     H  N N 9   
ALA HB1    H  N N 10  
ALA HB2    H  N N 11  
ALA HB3    H  N N 12  
ALA HXT    H  N N 13  
ARG N      N  N N 14  
ARG CA     C  N S 15  
ARG C      C  N N 16  
ARG O      O  N N 17  
ARG CB     C  N N 18  
ARG CG     C  N N 19  
ARG CD     C  N N 20  
ARG NE     N  N N 21  
ARG CZ     C  N N 22  
ARG NH1    N  N N 23  
ARG NH2    N  N N 24  
ARG OXT    O  N N 25  
ARG H      H  N N 26  
ARG H2     H  N N 27  
ARG HA     H  N N 28  
ARG HB2    H  N N 29  
ARG HB3    H  N N 30  
ARG HG2    H  N N 31  
ARG HG3    H  N N 32  
ARG HD2    H  N N 33  
ARG HD3    H  N N 34  
ARG HE     H  N N 35  
ARG HH11   H  N N 36  
ARG HH12   H  N N 37  
ARG HH21   H  N N 38  
ARG HH22   H  N N 39  
ARG HXT    H  N N 40  
ASN N      N  N N 41  
ASN CA     C  N S 42  
ASN C      C  N N 43  
ASN O      O  N N 44  
ASN CB     C  N N 45  
ASN CG     C  N N 46  
ASN OD1    O  N N 47  
ASN ND2    N  N N 48  
ASN OXT    O  N N 49  
ASN H      H  N N 50  
ASN H2     H  N N 51  
ASN HA     H  N N 52  
ASN HB2    H  N N 53  
ASN HB3    H  N N 54  
ASN HD21   H  N N 55  
ASN HD22   H  N N 56  
ASN HXT    H  N N 57  
ASP N      N  N N 58  
ASP CA     C  N S 59  
ASP C      C  N N 60  
ASP O      O  N N 61  
ASP CB     C  N N 62  
ASP CG     C  N N 63  
ASP OD1    O  N N 64  
ASP OD2    O  N N 65  
ASP OXT    O  N N 66  
ASP H      H  N N 67  
ASP H2     H  N N 68  
ASP HA     H  N N 69  
ASP HB2    H  N N 70  
ASP HB3    H  N N 71  
ASP HD2    H  N N 72  
ASP HXT    H  N N 73  
EDO C1     C  N N 74  
EDO O1     O  N N 75  
EDO C2     C  N N 76  
EDO O2     O  N N 77  
EDO H11    H  N N 78  
EDO H12    H  N N 79  
EDO HO1    H  N N 80  
EDO H21    H  N N 81  
EDO H22    H  N N 82  
EDO HO2    H  N N 83  
GLN N      N  N N 84  
GLN CA     C  N S 85  
GLN C      C  N N 86  
GLN O      O  N N 87  
GLN CB     C  N N 88  
GLN CG     C  N N 89  
GLN CD     C  N N 90  
GLN OE1    O  N N 91  
GLN NE2    N  N N 92  
GLN OXT    O  N N 93  
GLN H      H  N N 94  
GLN H2     H  N N 95  
GLN HA     H  N N 96  
GLN HB2    H  N N 97  
GLN HB3    H  N N 98  
GLN HG2    H  N N 99  
GLN HG3    H  N N 100 
GLN HE21   H  N N 101 
GLN HE22   H  N N 102 
GLN HXT    H  N N 103 
GLU N      N  N N 104 
GLU CA     C  N S 105 
GLU C      C  N N 106 
GLU O      O  N N 107 
GLU CB     C  N N 108 
GLU CG     C  N N 109 
GLU CD     C  N N 110 
GLU OE1    O  N N 111 
GLU OE2    O  N N 112 
GLU OXT    O  N N 113 
GLU H      H  N N 114 
GLU H2     H  N N 115 
GLU HA     H  N N 116 
GLU HB2    H  N N 117 
GLU HB3    H  N N 118 
GLU HG2    H  N N 119 
GLU HG3    H  N N 120 
GLU HE2    H  N N 121 
GLU HXT    H  N N 122 
GLY N      N  N N 123 
GLY CA     C  N N 124 
GLY C      C  N N 125 
GLY O      O  N N 126 
GLY OXT    O  N N 127 
GLY H      H  N N 128 
GLY H2     H  N N 129 
GLY HA2    H  N N 130 
GLY HA3    H  N N 131 
GLY HXT    H  N N 132 
HIS N      N  N N 133 
HIS CA     C  N S 134 
HIS C      C  N N 135 
HIS O      O  N N 136 
HIS CB     C  N N 137 
HIS CG     C  Y N 138 
HIS ND1    N  Y N 139 
HIS CD2    C  Y N 140 
HIS CE1    C  Y N 141 
HIS NE2    N  Y N 142 
HIS OXT    O  N N 143 
HIS H      H  N N 144 
HIS H2     H  N N 145 
HIS HA     H  N N 146 
HIS HB2    H  N N 147 
HIS HB3    H  N N 148 
HIS HD1    H  N N 149 
HIS HD2    H  N N 150 
HIS HE1    H  N N 151 
HIS HE2    H  N N 152 
HIS HXT    H  N N 153 
HOH O      O  N N 154 
HOH H1     H  N N 155 
HOH H2     H  N N 156 
ILE N      N  N N 157 
ILE CA     C  N S 158 
ILE C      C  N N 159 
ILE O      O  N N 160 
ILE CB     C  N S 161 
ILE CG1    C  N N 162 
ILE CG2    C  N N 163 
ILE CD1    C  N N 164 
ILE OXT    O  N N 165 
ILE H      H  N N 166 
ILE H2     H  N N 167 
ILE HA     H  N N 168 
ILE HB     H  N N 169 
ILE HG12   H  N N 170 
ILE HG13   H  N N 171 
ILE HG21   H  N N 172 
ILE HG22   H  N N 173 
ILE HG23   H  N N 174 
ILE HD11   H  N N 175 
ILE HD12   H  N N 176 
ILE HD13   H  N N 177 
ILE HXT    H  N N 178 
LEU N      N  N N 179 
LEU CA     C  N S 180 
LEU C      C  N N 181 
LEU O      O  N N 182 
LEU CB     C  N N 183 
LEU CG     C  N N 184 
LEU CD1    C  N N 185 
LEU CD2    C  N N 186 
LEU OXT    O  N N 187 
LEU H      H  N N 188 
LEU H2     H  N N 189 
LEU HA     H  N N 190 
LEU HB2    H  N N 191 
LEU HB3    H  N N 192 
LEU HG     H  N N 193 
LEU HD11   H  N N 194 
LEU HD12   H  N N 195 
LEU HD13   H  N N 196 
LEU HD21   H  N N 197 
LEU HD22   H  N N 198 
LEU HD23   H  N N 199 
LEU HXT    H  N N 200 
LYS N      N  N N 201 
LYS CA     C  N S 202 
LYS C      C  N N 203 
LYS O      O  N N 204 
LYS CB     C  N N 205 
LYS CG     C  N N 206 
LYS CD     C  N N 207 
LYS CE     C  N N 208 
LYS NZ     N  N N 209 
LYS OXT    O  N N 210 
LYS H      H  N N 211 
LYS H2     H  N N 212 
LYS HA     H  N N 213 
LYS HB2    H  N N 214 
LYS HB3    H  N N 215 
LYS HG2    H  N N 216 
LYS HG3    H  N N 217 
LYS HD2    H  N N 218 
LYS HD3    H  N N 219 
LYS HE2    H  N N 220 
LYS HE3    H  N N 221 
LYS HZ1    H  N N 222 
LYS HZ2    H  N N 223 
LYS HZ3    H  N N 224 
LYS HXT    H  N N 225 
MSE N      N  N N 226 
MSE CA     C  N S 227 
MSE C      C  N N 228 
MSE O      O  N N 229 
MSE OXT    O  N N 230 
MSE CB     C  N N 231 
MSE CG     C  N N 232 
MSE SE     SE N N 233 
MSE CE     C  N N 234 
MSE H      H  N N 235 
MSE H2     H  N N 236 
MSE HA     H  N N 237 
MSE HXT    H  N N 238 
MSE HB2    H  N N 239 
MSE HB3    H  N N 240 
MSE HG2    H  N N 241 
MSE HG3    H  N N 242 
MSE HE1    H  N N 243 
MSE HE2    H  N N 244 
MSE HE3    H  N N 245 
NHE "C3'"  C  N N 246 
NHE "C2'"  C  N N 247 
NHE "C1'"  C  N N 248 
NHE "C6'"  C  N N 249 
NHE N      N  N N 250 
NHE C1     C  N N 251 
NHE C2     C  N N 252 
NHE S      S  N N 253 
NHE O1     O  N N 254 
NHE O2     O  N N 255 
NHE O3     O  N N 256 
NHE "C5'"  C  N N 257 
NHE "C4'"  C  N N 258 
NHE "H3'1" H  N N 259 
NHE "H3'2" H  N N 260 
NHE "H2'1" H  N N 261 
NHE "H2'2" H  N N 262 
NHE "HC'1" H  N N 263 
NHE "H6'1" H  N N 264 
NHE "H6'2" H  N N 265 
NHE HN     H  N N 266 
NHE HC11   H  N N 267 
NHE HC12   H  N N 268 
NHE HC21   H  N N 269 
NHE HC22   H  N N 270 
NHE HO3    H  N N 271 
NHE "H5'1" H  N N 272 
NHE "H5'2" H  N N 273 
NHE "H4'1" H  N N 274 
NHE "H4'2" H  N N 275 
PHE N      N  N N 276 
PHE CA     C  N S 277 
PHE C      C  N N 278 
PHE O      O  N N 279 
PHE CB     C  N N 280 
PHE CG     C  Y N 281 
PHE CD1    C  Y N 282 
PHE CD2    C  Y N 283 
PHE CE1    C  Y N 284 
PHE CE2    C  Y N 285 
PHE CZ     C  Y N 286 
PHE OXT    O  N N 287 
PHE H      H  N N 288 
PHE H2     H  N N 289 
PHE HA     H  N N 290 
PHE HB2    H  N N 291 
PHE HB3    H  N N 292 
PHE HD1    H  N N 293 
PHE HD2    H  N N 294 
PHE HE1    H  N N 295 
PHE HE2    H  N N 296 
PHE HZ     H  N N 297 
PHE HXT    H  N N 298 
PRO N      N  N N 299 
PRO CA     C  N S 300 
PRO C      C  N N 301 
PRO O      O  N N 302 
PRO CB     C  N N 303 
PRO CG     C  N N 304 
PRO CD     C  N N 305 
PRO OXT    O  N N 306 
PRO H      H  N N 307 
PRO HA     H  N N 308 
PRO HB2    H  N N 309 
PRO HB3    H  N N 310 
PRO HG2    H  N N 311 
PRO HG3    H  N N 312 
PRO HD2    H  N N 313 
PRO HD3    H  N N 314 
PRO HXT    H  N N 315 
SER N      N  N N 316 
SER CA     C  N S 317 
SER C      C  N N 318 
SER O      O  N N 319 
SER CB     C  N N 320 
SER OG     O  N N 321 
SER OXT    O  N N 322 
SER H      H  N N 323 
SER H2     H  N N 324 
SER HA     H  N N 325 
SER HB2    H  N N 326 
SER HB3    H  N N 327 
SER HG     H  N N 328 
SER HXT    H  N N 329 
THR N      N  N N 330 
THR CA     C  N S 331 
THR C      C  N N 332 
THR O      O  N N 333 
THR CB     C  N R 334 
THR OG1    O  N N 335 
THR CG2    C  N N 336 
THR OXT    O  N N 337 
THR H      H  N N 338 
THR H2     H  N N 339 
THR HA     H  N N 340 
THR HB     H  N N 341 
THR HG1    H  N N 342 
THR HG21   H  N N 343 
THR HG22   H  N N 344 
THR HG23   H  N N 345 
THR HXT    H  N N 346 
TRP N      N  N N 347 
TRP CA     C  N S 348 
TRP C      C  N N 349 
TRP O      O  N N 350 
TRP CB     C  N N 351 
TRP CG     C  Y N 352 
TRP CD1    C  Y N 353 
TRP CD2    C  Y N 354 
TRP NE1    N  Y N 355 
TRP CE2    C  Y N 356 
TRP CE3    C  Y N 357 
TRP CZ2    C  Y N 358 
TRP CZ3    C  Y N 359 
TRP CH2    C  Y N 360 
TRP OXT    O  N N 361 
TRP H      H  N N 362 
TRP H2     H  N N 363 
TRP HA     H  N N 364 
TRP HB2    H  N N 365 
TRP HB3    H  N N 366 
TRP HD1    H  N N 367 
TRP HE1    H  N N 368 
TRP HE3    H  N N 369 
TRP HZ2    H  N N 370 
TRP HZ3    H  N N 371 
TRP HH2    H  N N 372 
TRP HXT    H  N N 373 
TYR N      N  N N 374 
TYR CA     C  N S 375 
TYR C      C  N N 376 
TYR O      O  N N 377 
TYR CB     C  N N 378 
TYR CG     C  Y N 379 
TYR CD1    C  Y N 380 
TYR CD2    C  Y N 381 
TYR CE1    C  Y N 382 
TYR CE2    C  Y N 383 
TYR CZ     C  Y N 384 
TYR OH     O  N N 385 
TYR OXT    O  N N 386 
TYR H      H  N N 387 
TYR H2     H  N N 388 
TYR HA     H  N N 389 
TYR HB2    H  N N 390 
TYR HB3    H  N N 391 
TYR HD1    H  N N 392 
TYR HD2    H  N N 393 
TYR HE1    H  N N 394 
TYR HE2    H  N N 395 
TYR HH     H  N N 396 
TYR HXT    H  N N 397 
VAL N      N  N N 398 
VAL CA     C  N S 399 
VAL C      C  N N 400 
VAL O      O  N N 401 
VAL CB     C  N N 402 
VAL CG1    C  N N 403 
VAL CG2    C  N N 404 
VAL OXT    O  N N 405 
VAL H      H  N N 406 
VAL H2     H  N N 407 
VAL HA     H  N N 408 
VAL HB     H  N N 409 
VAL HG11   H  N N 410 
VAL HG12   H  N N 411 
VAL HG13   H  N N 412 
VAL HG21   H  N N 413 
VAL HG22   H  N N 414 
VAL HG23   H  N N 415 
VAL HXT    H  N N 416 
# 
loop_
_chem_comp_bond.comp_id 
_chem_comp_bond.atom_id_1 
_chem_comp_bond.atom_id_2 
_chem_comp_bond.value_order 
_chem_comp_bond.pdbx_aromatic_flag 
_chem_comp_bond.pdbx_stereo_config 
_chem_comp_bond.pdbx_ordinal 
ALA N     CA     sing N N 1   
ALA N     H      sing N N 2   
ALA N     H2     sing N N 3   
ALA CA    C      sing N N 4   
ALA CA    CB     sing N N 5   
ALA CA    HA     sing N N 6   
ALA C     O      doub N N 7   
ALA C     OXT    sing N N 8   
ALA CB    HB1    sing N N 9   
ALA CB    HB2    sing N N 10  
ALA CB    HB3    sing N N 11  
ALA OXT   HXT    sing N N 12  
ARG N     CA     sing N N 13  
ARG N     H      sing N N 14  
ARG N     H2     sing N N 15  
ARG CA    C      sing N N 16  
ARG CA    CB     sing N N 17  
ARG CA    HA     sing N N 18  
ARG C     O      doub N N 19  
ARG C     OXT    sing N N 20  
ARG CB    CG     sing N N 21  
ARG CB    HB2    sing N N 22  
ARG CB    HB3    sing N N 23  
ARG CG    CD     sing N N 24  
ARG CG    HG2    sing N N 25  
ARG CG    HG3    sing N N 26  
ARG CD    NE     sing N N 27  
ARG CD    HD2    sing N N 28  
ARG CD    HD3    sing N N 29  
ARG NE    CZ     sing N N 30  
ARG NE    HE     sing N N 31  
ARG CZ    NH1    sing N N 32  
ARG CZ    NH2    doub N N 33  
ARG NH1   HH11   sing N N 34  
ARG NH1   HH12   sing N N 35  
ARG NH2   HH21   sing N N 36  
ARG NH2   HH22   sing N N 37  
ARG OXT   HXT    sing N N 38  
ASN N     CA     sing N N 39  
ASN N     H      sing N N 40  
ASN N     H2     sing N N 41  
ASN CA    C      sing N N 42  
ASN CA    CB     sing N N 43  
ASN CA    HA     sing N N 44  
ASN C     O      doub N N 45  
ASN C     OXT    sing N N 46  
ASN CB    CG     sing N N 47  
ASN CB    HB2    sing N N 48  
ASN CB    HB3    sing N N 49  
ASN CG    OD1    doub N N 50  
ASN CG    ND2    sing N N 51  
ASN ND2   HD21   sing N N 52  
ASN ND2   HD22   sing N N 53  
ASN OXT   HXT    sing N N 54  
ASP N     CA     sing N N 55  
ASP N     H      sing N N 56  
ASP N     H2     sing N N 57  
ASP CA    C      sing N N 58  
ASP CA    CB     sing N N 59  
ASP CA    HA     sing N N 60  
ASP C     O      doub N N 61  
ASP C     OXT    sing N N 62  
ASP CB    CG     sing N N 63  
ASP CB    HB2    sing N N 64  
ASP CB    HB3    sing N N 65  
ASP CG    OD1    doub N N 66  
ASP CG    OD2    sing N N 67  
ASP OD2   HD2    sing N N 68  
ASP OXT   HXT    sing N N 69  
EDO C1    O1     sing N N 70  
EDO C1    C2     sing N N 71  
EDO C1    H11    sing N N 72  
EDO C1    H12    sing N N 73  
EDO O1    HO1    sing N N 74  
EDO C2    O2     sing N N 75  
EDO C2    H21    sing N N 76  
EDO C2    H22    sing N N 77  
EDO O2    HO2    sing N N 78  
GLN N     CA     sing N N 79  
GLN N     H      sing N N 80  
GLN N     H2     sing N N 81  
GLN CA    C      sing N N 82  
GLN CA    CB     sing N N 83  
GLN CA    HA     sing N N 84  
GLN C     O      doub N N 85  
GLN C     OXT    sing N N 86  
GLN CB    CG     sing N N 87  
GLN CB    HB2    sing N N 88  
GLN CB    HB3    sing N N 89  
GLN CG    CD     sing N N 90  
GLN CG    HG2    sing N N 91  
GLN CG    HG3    sing N N 92  
GLN CD    OE1    doub N N 93  
GLN CD    NE2    sing N N 94  
GLN NE2   HE21   sing N N 95  
GLN NE2   HE22   sing N N 96  
GLN OXT   HXT    sing N N 97  
GLU N     CA     sing N N 98  
GLU N     H      sing N N 99  
GLU N     H2     sing N N 100 
GLU CA    C      sing N N 101 
GLU CA    CB     sing N N 102 
GLU CA    HA     sing N N 103 
GLU C     O      doub N N 104 
GLU C     OXT    sing N N 105 
GLU CB    CG     sing N N 106 
GLU CB    HB2    sing N N 107 
GLU CB    HB3    sing N N 108 
GLU CG    CD     sing N N 109 
GLU CG    HG2    sing N N 110 
GLU CG    HG3    sing N N 111 
GLU CD    OE1    doub N N 112 
GLU CD    OE2    sing N N 113 
GLU OE2   HE2    sing N N 114 
GLU OXT   HXT    sing N N 115 
GLY N     CA     sing N N 116 
GLY N     H      sing N N 117 
GLY N     H2     sing N N 118 
GLY CA    C      sing N N 119 
GLY CA    HA2    sing N N 120 
GLY CA    HA3    sing N N 121 
GLY C     O      doub N N 122 
GLY C     OXT    sing N N 123 
GLY OXT   HXT    sing N N 124 
HIS N     CA     sing N N 125 
HIS N     H      sing N N 126 
HIS N     H2     sing N N 127 
HIS CA    C      sing N N 128 
HIS CA    CB     sing N N 129 
HIS CA    HA     sing N N 130 
HIS C     O      doub N N 131 
HIS C     OXT    sing N N 132 
HIS CB    CG     sing N N 133 
HIS CB    HB2    sing N N 134 
HIS CB    HB3    sing N N 135 
HIS CG    ND1    sing Y N 136 
HIS CG    CD2    doub Y N 137 
HIS ND1   CE1    doub Y N 138 
HIS ND1   HD1    sing N N 139 
HIS CD2   NE2    sing Y N 140 
HIS CD2   HD2    sing N N 141 
HIS CE1   NE2    sing Y N 142 
HIS CE1   HE1    sing N N 143 
HIS NE2   HE2    sing N N 144 
HIS OXT   HXT    sing N N 145 
HOH O     H1     sing N N 146 
HOH O     H2     sing N N 147 
ILE N     CA     sing N N 148 
ILE N     H      sing N N 149 
ILE N     H2     sing N N 150 
ILE CA    C      sing N N 151 
ILE CA    CB     sing N N 152 
ILE CA    HA     sing N N 153 
ILE C     O      doub N N 154 
ILE C     OXT    sing N N 155 
ILE CB    CG1    sing N N 156 
ILE CB    CG2    sing N N 157 
ILE CB    HB     sing N N 158 
ILE CG1   CD1    sing N N 159 
ILE CG1   HG12   sing N N 160 
ILE CG1   HG13   sing N N 161 
ILE CG2   HG21   sing N N 162 
ILE CG2   HG22   sing N N 163 
ILE CG2   HG23   sing N N 164 
ILE CD1   HD11   sing N N 165 
ILE CD1   HD12   sing N N 166 
ILE CD1   HD13   sing N N 167 
ILE OXT   HXT    sing N N 168 
LEU N     CA     sing N N 169 
LEU N     H      sing N N 170 
LEU N     H2     sing N N 171 
LEU CA    C      sing N N 172 
LEU CA    CB     sing N N 173 
LEU CA    HA     sing N N 174 
LEU C     O      doub N N 175 
LEU C     OXT    sing N N 176 
LEU CB    CG     sing N N 177 
LEU CB    HB2    sing N N 178 
LEU CB    HB3    sing N N 179 
LEU CG    CD1    sing N N 180 
LEU CG    CD2    sing N N 181 
LEU CG    HG     sing N N 182 
LEU CD1   HD11   sing N N 183 
LEU CD1   HD12   sing N N 184 
LEU CD1   HD13   sing N N 185 
LEU CD2   HD21   sing N N 186 
LEU CD2   HD22   sing N N 187 
LEU CD2   HD23   sing N N 188 
LEU OXT   HXT    sing N N 189 
LYS N     CA     sing N N 190 
LYS N     H      sing N N 191 
LYS N     H2     sing N N 192 
LYS CA    C      sing N N 193 
LYS CA    CB     sing N N 194 
LYS CA    HA     sing N N 195 
LYS C     O      doub N N 196 
LYS C     OXT    sing N N 197 
LYS CB    CG     sing N N 198 
LYS CB    HB2    sing N N 199 
LYS CB    HB3    sing N N 200 
LYS CG    CD     sing N N 201 
LYS CG    HG2    sing N N 202 
LYS CG    HG3    sing N N 203 
LYS CD    CE     sing N N 204 
LYS CD    HD2    sing N N 205 
LYS CD    HD3    sing N N 206 
LYS CE    NZ     sing N N 207 
LYS CE    HE2    sing N N 208 
LYS CE    HE3    sing N N 209 
LYS NZ    HZ1    sing N N 210 
LYS NZ    HZ2    sing N N 211 
LYS NZ    HZ3    sing N N 212 
LYS OXT   HXT    sing N N 213 
MSE N     CA     sing N N 214 
MSE N     H      sing N N 215 
MSE N     H2     sing N N 216 
MSE CA    C      sing N N 217 
MSE CA    CB     sing N N 218 
MSE CA    HA     sing N N 219 
MSE C     O      doub N N 220 
MSE C     OXT    sing N N 221 
MSE OXT   HXT    sing N N 222 
MSE CB    CG     sing N N 223 
MSE CB    HB2    sing N N 224 
MSE CB    HB3    sing N N 225 
MSE CG    SE     sing N N 226 
MSE CG    HG2    sing N N 227 
MSE CG    HG3    sing N N 228 
MSE SE    CE     sing N N 229 
MSE CE    HE1    sing N N 230 
MSE CE    HE2    sing N N 231 
MSE CE    HE3    sing N N 232 
NHE "C3'" "C2'"  sing N N 233 
NHE "C3'" "C4'"  sing N N 234 
NHE "C3'" "H3'1" sing N N 235 
NHE "C3'" "H3'2" sing N N 236 
NHE "C2'" "C1'"  sing N N 237 
NHE "C2'" "H2'1" sing N N 238 
NHE "C2'" "H2'2" sing N N 239 
NHE "C1'" "C6'"  sing N N 240 
NHE "C1'" N      sing N N 241 
NHE "C1'" "HC'1" sing N N 242 
NHE "C6'" "C5'"  sing N N 243 
NHE "C6'" "H6'1" sing N N 244 
NHE "C6'" "H6'2" sing N N 245 
NHE N     C1     sing N N 246 
NHE N     HN     sing N N 247 
NHE C1    C2     sing N N 248 
NHE C1    HC11   sing N N 249 
NHE C1    HC12   sing N N 250 
NHE C2    S      sing N N 251 
NHE C2    HC21   sing N N 252 
NHE C2    HC22   sing N N 253 
NHE S     O1     doub N N 254 
NHE S     O2     doub N N 255 
NHE S     O3     sing N N 256 
NHE O3    HO3    sing N N 257 
NHE "C5'" "C4'"  sing N N 258 
NHE "C5'" "H5'1" sing N N 259 
NHE "C5'" "H5'2" sing N N 260 
NHE "C4'" "H4'1" sing N N 261 
NHE "C4'" "H4'2" sing N N 262 
PHE N     CA     sing N N 263 
PHE N     H      sing N N 264 
PHE N     H2     sing N N 265 
PHE CA    C      sing N N 266 
PHE CA    CB     sing N N 267 
PHE CA    HA     sing N N 268 
PHE C     O      doub N N 269 
PHE C     OXT    sing N N 270 
PHE CB    CG     sing N N 271 
PHE CB    HB2    sing N N 272 
PHE CB    HB3    sing N N 273 
PHE CG    CD1    doub Y N 274 
PHE CG    CD2    sing Y N 275 
PHE CD1   CE1    sing Y N 276 
PHE CD1   HD1    sing N N 277 
PHE CD2   CE2    doub Y N 278 
PHE CD2   HD2    sing N N 279 
PHE CE1   CZ     doub Y N 280 
PHE CE1   HE1    sing N N 281 
PHE CE2   CZ     sing Y N 282 
PHE CE2   HE2    sing N N 283 
PHE CZ    HZ     sing N N 284 
PHE OXT   HXT    sing N N 285 
PRO N     CA     sing N N 286 
PRO N     CD     sing N N 287 
PRO N     H      sing N N 288 
PRO CA    C      sing N N 289 
PRO CA    CB     sing N N 290 
PRO CA    HA     sing N N 291 
PRO C     O      doub N N 292 
PRO C     OXT    sing N N 293 
PRO CB    CG     sing N N 294 
PRO CB    HB2    sing N N 295 
PRO CB    HB3    sing N N 296 
PRO CG    CD     sing N N 297 
PRO CG    HG2    sing N N 298 
PRO CG    HG3    sing N N 299 
PRO CD    HD2    sing N N 300 
PRO CD    HD3    sing N N 301 
PRO OXT   HXT    sing N N 302 
SER N     CA     sing N N 303 
SER N     H      sing N N 304 
SER N     H2     sing N N 305 
SER CA    C      sing N N 306 
SER CA    CB     sing N N 307 
SER CA    HA     sing N N 308 
SER C     O      doub N N 309 
SER C     OXT    sing N N 310 
SER CB    OG     sing N N 311 
SER CB    HB2    sing N N 312 
SER CB    HB3    sing N N 313 
SER OG    HG     sing N N 314 
SER OXT   HXT    sing N N 315 
THR N     CA     sing N N 316 
THR N     H      sing N N 317 
THR N     H2     sing N N 318 
THR CA    C      sing N N 319 
THR CA    CB     sing N N 320 
THR CA    HA     sing N N 321 
THR C     O      doub N N 322 
THR C     OXT    sing N N 323 
THR CB    OG1    sing N N 324 
THR CB    CG2    sing N N 325 
THR CB    HB     sing N N 326 
THR OG1   HG1    sing N N 327 
THR CG2   HG21   sing N N 328 
THR CG2   HG22   sing N N 329 
THR CG2   HG23   sing N N 330 
THR OXT   HXT    sing N N 331 
TRP N     CA     sing N N 332 
TRP N     H      sing N N 333 
TRP N     H2     sing N N 334 
TRP CA    C      sing N N 335 
TRP CA    CB     sing N N 336 
TRP CA    HA     sing N N 337 
TRP C     O      doub N N 338 
TRP C     OXT    sing N N 339 
TRP CB    CG     sing N N 340 
TRP CB    HB2    sing N N 341 
TRP CB    HB3    sing N N 342 
TRP CG    CD1    doub Y N 343 
TRP CG    CD2    sing Y N 344 
TRP CD1   NE1    sing Y N 345 
TRP CD1   HD1    sing N N 346 
TRP CD2   CE2    doub Y N 347 
TRP CD2   CE3    sing Y N 348 
TRP NE1   CE2    sing Y N 349 
TRP NE1   HE1    sing N N 350 
TRP CE2   CZ2    sing Y N 351 
TRP CE3   CZ3    doub Y N 352 
TRP CE3   HE3    sing N N 353 
TRP CZ2   CH2    doub Y N 354 
TRP CZ2   HZ2    sing N N 355 
TRP CZ3   CH2    sing Y N 356 
TRP CZ3   HZ3    sing N N 357 
TRP CH2   HH2    sing N N 358 
TRP OXT   HXT    sing N N 359 
TYR N     CA     sing N N 360 
TYR N     H      sing N N 361 
TYR N     H2     sing N N 362 
TYR CA    C      sing N N 363 
TYR CA    CB     sing N N 364 
TYR CA    HA     sing N N 365 
TYR C     O      doub N N 366 
TYR C     OXT    sing N N 367 
TYR CB    CG     sing N N 368 
TYR CB    HB2    sing N N 369 
TYR CB    HB3    sing N N 370 
TYR CG    CD1    doub Y N 371 
TYR CG    CD2    sing Y N 372 
TYR CD1   CE1    sing Y N 373 
TYR CD1   HD1    sing N N 374 
TYR CD2   CE2    doub Y N 375 
TYR CD2   HD2    sing N N 376 
TYR CE1   CZ     doub Y N 377 
TYR CE1   HE1    sing N N 378 
TYR CE2   CZ     sing Y N 379 
TYR CE2   HE2    sing N N 380 
TYR CZ    OH     sing N N 381 
TYR OH    HH     sing N N 382 
TYR OXT   HXT    sing N N 383 
VAL N     CA     sing N N 384 
VAL N     H      sing N N 385 
VAL N     H2     sing N N 386 
VAL CA    C      sing N N 387 
VAL CA    CB     sing N N 388 
VAL CA    HA     sing N N 389 
VAL C     O      doub N N 390 
VAL C     OXT    sing N N 391 
VAL CB    CG1    sing N N 392 
VAL CB    CG2    sing N N 393 
VAL CB    HB     sing N N 394 
VAL CG1   HG11   sing N N 395 
VAL CG1   HG12   sing N N 396 
VAL CG1   HG13   sing N N 397 
VAL CG2   HG21   sing N N 398 
VAL CG2   HG22   sing N N 399 
VAL CG2   HG23   sing N N 400 
VAL OXT   HXT    sing N N 401 
# 
_atom_sites.entry_id                    3KSP 
_atom_sites.fract_transf_matrix[1][1]   -0.00123444 
_atom_sites.fract_transf_matrix[1][2]   0.01198936 
_atom_sites.fract_transf_matrix[1][3]   -0.00917633 
_atom_sites.fract_transf_matrix[2][1]   -0.00140736 
_atom_sites.fract_transf_matrix[2][2]   0.01390181 
_atom_sites.fract_transf_matrix[2][3]   0.00584986 
_atom_sites.fract_transf_matrix[3][1]   0.00690129 
_atom_sites.fract_transf_matrix[3][2]   0.00070288 
_atom_sites.fract_transf_matrix[3][3]   -0.00001004 
_atom_sites.fract_transf_vector[1]      0.268883 
_atom_sites.fract_transf_vector[2]      0.482405 
_atom_sites.fract_transf_vector[3]      0.446356 
# 
loop_
_atom_type.symbol 
C  
N  
O  
S  
SE 
# 
loop_
_atom_site.group_PDB 
_atom_site.id 
_atom_site.type_symbol 
_atom_site.label_atom_id 
_atom_site.label_alt_id 
_atom_site.label_comp_id 
_atom_site.label_asym_id 
_atom_site.label_entity_id 
_atom_site.label_seq_id 
_atom_site.pdbx_PDB_ins_code 
_atom_site.Cartn_x 
_atom_site.Cartn_y 
_atom_site.Cartn_z 
_atom_site.occupancy 
_atom_site.B_iso_or_equiv 
_atom_site.pdbx_formal_charge 
_atom_site.auth_seq_id 
_atom_site.auth_comp_id 
_atom_site.auth_asym_id 
_atom_site.auth_atom_id 
_atom_site.pdbx_PDB_model_num 
ATOM   1    N  N     . GLY A 1 1   ? 19.413  -18.468 21.252  1.00 29.08 ? 0   GLY A N     1 
ATOM   2    C  CA    . GLY A 1 1   ? 18.021  -18.803 20.978  1.00 29.37 ? 0   GLY A CA    1 
ATOM   3    C  C     . GLY A 1 1   ? 17.401  -17.572 20.351  1.00 30.27 ? 0   GLY A C     1 
ATOM   4    O  O     . GLY A 1 1   ? 16.361  -17.674 19.662  1.00 29.53 ? 0   GLY A O     1 
HETATM 5    N  N     . MSE A 1 2   ? 18.038  -16.413 20.567  1.00 30.89 ? 1   MSE A N     1 
HETATM 6    C  CA    . MSE A 1 2   ? 17.493  -15.109 20.107  1.00 31.52 ? 1   MSE A CA    1 
HETATM 7    C  C     . MSE A 1 2   ? 17.537  -14.947 18.577  1.00 32.25 ? 1   MSE A C     1 
HETATM 8    O  O     . MSE A 1 2   ? 18.605  -14.952 17.987  1.00 32.35 ? 1   MSE A O     1 
HETATM 9    C  CB    . MSE A 1 2   ? 18.249  -13.962 20.782  1.00 31.38 ? 1   MSE A CB    1 
HETATM 10   C  CG    . MSE A 1 2   ? 17.384  -12.816 21.179  1.00 31.40 ? 1   MSE A CG    1 
HETATM 11   SE SE    . MSE A 1 2   ? 16.387  -13.099 22.868  0.75 27.70 ? 1   MSE A SE    1 
HETATM 12   C  CE    . MSE A 1 2   ? 14.835  -12.194 22.229  1.00 21.07 ? 1   MSE A CE    1 
ATOM   13   N  N     . GLU A 1 3   ? 16.374  -14.823 17.942  1.00 33.29 ? 2   GLU A N     1 
ATOM   14   C  CA    . GLU A 1 3   ? 16.266  -14.836 16.490  1.00 34.06 ? 2   GLU A CA    1 
ATOM   15   C  C     . GLU A 1 3   ? 15.334  -13.734 16.031  1.00 35.62 ? 2   GLU A C     1 
ATOM   16   O  O     . GLU A 1 3   ? 14.446  -13.338 16.795  1.00 35.16 ? 2   GLU A O     1 
ATOM   17   C  CB    . GLU A 1 3   ? 15.704  -16.170 16.000  1.00 34.01 ? 2   GLU A CB    1 
ATOM   18   C  CG    . GLU A 1 3   ? 16.623  -17.379 16.199  1.00 33.97 ? 2   GLU A CG    1 
ATOM   19   C  CD    . GLU A 1 3   ? 17.899  -17.343 15.355  1.00 34.86 ? 2   GLU A CD    1 
ATOM   20   O  OE1   . GLU A 1 3   ? 17.896  -16.781 14.224  1.00 35.50 ? 2   GLU A OE1   1 
ATOM   21   O  OE2   . GLU A 1 3   ? 18.907  -17.906 15.836  1.00 36.14 ? 2   GLU A OE2   1 
ATOM   22   N  N     . PRO A 1 4   ? 15.529  -13.239 14.777  1.00 37.48 ? 3   PRO A N     1 
ATOM   23   C  CA    . PRO A 1 4   ? 14.642  -12.257 14.153  1.00 38.60 ? 3   PRO A CA    1 
ATOM   24   C  C     . PRO A 1 4   ? 13.183  -12.688 14.289  1.00 40.09 ? 3   PRO A C     1 
ATOM   25   O  O     . PRO A 1 4   ? 12.889  -13.863 14.071  1.00 40.43 ? 3   PRO A O     1 
ATOM   26   C  CB    . PRO A 1 4   ? 15.066  -12.298 12.669  1.00 38.85 ? 3   PRO A CB    1 
ATOM   27   C  CG    . PRO A 1 4   ? 16.475  -12.675 12.680  1.00 37.62 ? 3   PRO A CG    1 
ATOM   28   C  CD    . PRO A 1 4   ? 16.627  -13.627 13.861  1.00 37.46 ? 3   PRO A CD    1 
ATOM   29   N  N     . SER A 1 5   ? 12.292  -11.770 14.678  1.00 41.79 ? 4   SER A N     1 
ATOM   30   C  CA    . SER A 1 5   ? 10.863  -12.078 14.827  1.00 43.15 ? 4   SER A CA    1 
ATOM   31   C  C     . SER A 1 5   ? 10.267  -12.392 13.474  1.00 44.18 ? 4   SER A C     1 
ATOM   32   O  O     . SER A 1 5   ? 10.284  -11.523 12.601  1.00 44.97 ? 4   SER A O     1 
ATOM   33   C  CB    . SER A 1 5   ? 10.115  -10.885 15.420  1.00 43.66 ? 4   SER A CB    1 
ATOM   34   O  OG    . SER A 1 5   ? 8.706   -11.020 15.275  1.00 44.59 ? 4   SER A OG    1 
ATOM   35   N  N     . ALA A 1 6   ? 9.746   -13.614 13.292  1.00 45.18 ? 5   ALA A N     1 
ATOM   36   C  CA    . ALA A 1 6   ? 9.055   -14.006 12.035  1.00 45.97 ? 5   ALA A CA    1 
ATOM   37   C  C     . ALA A 1 6   ? 7.843   -13.090 11.743  1.00 46.75 ? 5   ALA A C     1 
ATOM   38   O  O     . ALA A 1 6   ? 7.528   -12.810 10.578  1.00 47.17 ? 5   ALA A O     1 
ATOM   39   C  CB    . ALA A 1 6   ? 8.622   -15.493 12.062  1.00 45.66 ? 5   ALA A CB    1 
ATOM   40   N  N     . LYS A 1 7   ? 7.189   -12.608 12.798  1.00 47.18 ? 6   LYS A N     1 
ATOM   41   C  CA    . LYS A 1 7   ? 6.077   -11.685 12.638  1.00 47.66 ? 6   LYS A CA    1 
ATOM   42   C  C     . LYS A 1 7   ? 6.547   -10.367 12.005  1.00 47.93 ? 6   LYS A C     1 
ATOM   43   O  O     . LYS A 1 7   ? 5.893   -9.873  11.080  1.00 48.21 ? 6   LYS A O     1 
ATOM   44   C  CB    . LYS A 1 7   ? 5.384   -11.431 13.985  1.00 47.88 ? 6   LYS A CB    1 
ATOM   45   C  CG    . LYS A 1 7   ? 4.205   -10.486 13.914  1.00 48.95 ? 6   LYS A CG    1 
ATOM   46   C  CD    . LYS A 1 7   ? 3.138   -10.778 14.974  1.00 50.63 ? 6   LYS A CD    1 
ATOM   47   C  CE    . LYS A 1 7   ? 3.481   -10.181 16.328  1.00 52.62 ? 6   LYS A CE    1 
ATOM   48   N  NZ    . LYS A 1 7   ? 2.299   -9.515  16.924  1.00 52.32 ? 6   LYS A NZ    1 
ATOM   49   N  N     . HIS A 1 8   ? 7.668   -9.807  12.482  1.00 47.73 ? 7   HIS A N     1 
ATOM   50   C  CA    . HIS A 1 8   ? 8.134   -8.504  11.979  1.00 47.56 ? 7   HIS A CA    1 
ATOM   51   C  C     . HIS A 1 8   ? 8.713   -8.676  10.570  1.00 47.73 ? 7   HIS A C     1 
ATOM   52   O  O     . HIS A 1 8   ? 8.483   -7.833  9.711   1.00 48.46 ? 7   HIS A O     1 
ATOM   53   C  CB    . HIS A 1 8   ? 9.126   -7.802  12.927  1.00 47.30 ? 7   HIS A CB    1 
ATOM   54   C  CG    . HIS A 1 8   ? 8.513   -7.271  14.213  1.00 47.87 ? 7   HIS A CG    1 
ATOM   55   N  ND1   . HIS A 1 8   ? 7.827   -8.063  15.117  1.00 49.28 ? 7   HIS A ND1   1 
ATOM   56   C  CD2   . HIS A 1 8   ? 8.548   -6.033  14.771  1.00 46.82 ? 7   HIS A CD2   1 
ATOM   57   C  CE1   . HIS A 1 8   ? 7.431   -7.330  16.145  1.00 46.28 ? 7   HIS A CE1   1 
ATOM   58   N  NE2   . HIS A 1 8   ? 7.873   -6.099  15.966  1.00 45.59 ? 7   HIS A NE2   1 
ATOM   59   N  N     . LEU A 1 9   ? 9.399   -9.791  10.312  1.00 47.71 ? 8   LEU A N     1 
ATOM   60   C  CA    . LEU A 1 9   ? 9.939   -10.091 8.967   1.00 47.59 ? 8   LEU A CA    1 
ATOM   61   C  C     . LEU A 1 9   ? 8.829   -10.223 7.916   1.00 47.89 ? 8   LEU A C     1 
ATOM   62   O  O     . LEU A 1 9   ? 8.978   -9.742  6.790   1.00 48.00 ? 8   LEU A O     1 
ATOM   63   C  CB    . LEU A 1 9   ? 10.758  -11.397 8.943   1.00 47.15 ? 8   LEU A CB    1 
ATOM   64   C  CG    . LEU A 1 9   ? 12.134  -11.544 9.608   1.00 46.59 ? 8   LEU A CG    1 
ATOM   65   C  CD1   . LEU A 1 9   ? 12.609  -13.018 9.460   1.00 43.50 ? 8   LEU A CD1   1 
ATOM   66   C  CD2   . LEU A 1 9   ? 13.150  -10.534 9.038   1.00 43.78 ? 8   LEU A CD2   1 
ATOM   67   N  N     . GLN A 1 10  ? 7.738   -10.910 8.271   1.00 47.95 ? 9   GLN A N     1 
ATOM   68   C  CA    . GLN A 1 10  ? 6.651   -11.158 7.316   1.00 47.53 ? 9   GLN A CA    1 
ATOM   69   C  C     . GLN A 1 10  ? 5.931   -9.876  6.932   1.00 47.22 ? 9   GLN A C     1 
ATOM   70   O  O     . GLN A 1 10  ? 5.458   -9.760  5.805   1.00 47.59 ? 9   GLN A O     1 
ATOM   71   C  CB    . GLN A 1 10  ? 5.648   -12.164 7.856   1.00 47.54 ? 9   GLN A CB    1 
ATOM   72   C  CG    . GLN A 1 10  ? 6.132   -13.584 7.788   1.00 47.16 ? 9   GLN A CG    1 
ATOM   73   C  CD    . GLN A 1 10  ? 5.125   -14.544 8.356   1.00 47.88 ? 9   GLN A CD    1 
ATOM   74   O  OE1   . GLN A 1 10  ? 3.962   -14.530 7.952   1.00 48.05 ? 9   GLN A OE1   1 
ATOM   75   N  NE2   . GLN A 1 10  ? 5.555   -15.380 9.309   1.00 47.99 ? 9   GLN A NE2   1 
ATOM   76   N  N     . LEU A 1 11  ? 5.859   -8.917  7.849   1.00 46.32 ? 10  LEU A N     1 
ATOM   77   C  CA    . LEU A 1 11  ? 5.379   -7.591  7.484   1.00 45.87 ? 10  LEU A CA    1 
ATOM   78   C  C     . LEU A 1 11  ? 6.338   -6.937  6.469   1.00 45.91 ? 10  LEU A C     1 
ATOM   79   O  O     . LEU A 1 11  ? 5.861   -6.427  5.459   1.00 46.71 ? 10  LEU A O     1 
ATOM   80   C  CB    . LEU A 1 11  ? 5.156   -6.692  8.713   1.00 45.45 ? 10  LEU A CB    1 
ATOM   81   C  CG    . LEU A 1 11  ? 4.481   -5.326  8.516   1.00 43.65 ? 10  LEU A CG    1 
ATOM   82   C  CD1   . LEU A 1 11  ? 3.089   -5.437  7.836   1.00 41.93 ? 10  LEU A CD1   1 
ATOM   83   C  CD2   . LEU A 1 11  ? 4.383   -4.543  9.861   1.00 38.89 ? 10  LEU A CD2   1 
ATOM   84   N  N     . GLN A 1 12  ? 7.662   -6.952  6.692   1.00 45.74 ? 11  GLN A N     1 
ATOM   85   C  CA    A GLN A 1 12  ? 8.552   -6.311  5.711   0.50 45.73 ? 11  GLN A CA    1 
ATOM   86   C  CA    B GLN A 1 12  ? 8.637   -6.391  5.720   0.50 45.62 ? 11  GLN A CA    1 
ATOM   87   C  C     . GLN A 1 12  ? 8.407   -6.974  4.325   1.00 45.49 ? 11  GLN A C     1 
ATOM   88   O  O     . GLN A 1 12  ? 8.417   -6.263  3.314   1.00 45.58 ? 11  GLN A O     1 
ATOM   89   C  CB    A GLN A 1 12  ? 10.017  -6.238  6.182   0.50 45.66 ? 11  GLN A CB    1 
ATOM   90   C  CB    B GLN A 1 12  ? 10.106  -6.691  6.099   0.50 45.47 ? 11  GLN A CB    1 
ATOM   91   C  CG    A GLN A 1 12  ? 10.278  -5.199  7.307   0.50 45.48 ? 11  GLN A CG    1 
ATOM   92   C  CG    B GLN A 1 12  ? 10.565  -6.303  7.504   0.50 44.75 ? 11  GLN A CG    1 
ATOM   93   C  CD    A GLN A 1 12  ? 10.061  -3.724  6.893   0.50 44.74 ? 11  GLN A CD    1 
ATOM   94   C  CD    B GLN A 1 12  ? 12.066  -6.493  7.689   0.50 43.79 ? 11  GLN A CD    1 
ATOM   95   O  OE1   A GLN A 1 12  ? 9.739   -2.881  7.738   0.50 42.59 ? 11  GLN A OE1   1 
ATOM   96   O  OE1   B GLN A 1 12  ? 12.711  -7.287  6.984   0.50 41.94 ? 11  GLN A OE1   1 
ATOM   97   N  NE2   A GLN A 1 12  ? 10.257  -3.412  5.604   0.50 43.79 ? 11  GLN A NE2   1 
ATOM   98   N  NE2   B GLN A 1 12  ? 12.628  -5.756  8.630   0.50 42.59 ? 11  GLN A NE2   1 
ATOM   99   N  N     . THR A 1 13  ? 8.225   -8.298  4.287   1.00 45.32 ? 12  THR A N     1 
ATOM   100  C  CA    . THR A 1 13  ? 7.987   -9.042  3.041   1.00 45.45 ? 12  THR A CA    1 
ATOM   101  C  C     . THR A 1 13  ? 6.696   -8.615  2.318   1.00 45.81 ? 12  THR A C     1 
ATOM   102  O  O     . THR A 1 13  ? 6.704   -8.475  1.085   1.00 46.50 ? 12  THR A O     1 
ATOM   103  C  CB    . THR A 1 13  ? 7.973   -10.577 3.281   1.00 45.35 ? 12  THR A CB    1 
ATOM   104  O  OG1   . THR A 1 13  ? 9.208   -10.963 3.901   1.00 46.18 ? 12  THR A OG1   1 
ATOM   105  C  CG2   . THR A 1 13  ? 7.785   -11.360 1.979   1.00 42.54 ? 12  THR A CG2   1 
ATOM   106  N  N     . LEU A 1 14  ? 5.608   -8.418  3.067   1.00 45.55 ? 13  LEU A N     1 
ATOM   107  C  CA    . LEU A 1 14  ? 4.345   -7.946  2.491   1.00 45.29 ? 13  LEU A CA    1 
ATOM   108  C  C     . LEU A 1 14  ? 4.481   -6.529  1.913   1.00 45.85 ? 13  LEU A C     1 
ATOM   109  O  O     . LEU A 1 14  ? 3.977   -6.273  0.809   1.00 46.52 ? 13  LEU A O     1 
ATOM   110  C  CB    . LEU A 1 14  ? 3.199   -8.023  3.512   1.00 44.88 ? 13  LEU A CB    1 
ATOM   111  C  CG    . LEU A 1 14  ? 1.777   -7.644  3.047   1.00 44.21 ? 13  LEU A CG    1 
ATOM   112  C  CD1   . LEU A 1 14  ? 0.708   -8.428  3.809   1.00 41.18 ? 13  LEU A CD1   1 
ATOM   113  C  CD2   . LEU A 1 14  ? 1.489   -6.115  3.175   1.00 43.71 ? 13  LEU A CD2   1 
ATOM   114  N  N     . LEU A 1 15  ? 5.158   -5.616  2.624   1.00 45.94 ? 14  LEU A N     1 
ATOM   115  C  CA    . LEU A 1 15  ? 5.405   -4.259  2.105   1.00 46.15 ? 14  LEU A CA    1 
ATOM   116  C  C     . LEU A 1 15  ? 6.236   -4.252  0.815   1.00 46.63 ? 14  LEU A C     1 
ATOM   117  O  O     . LEU A 1 15  ? 6.060   -3.381  -0.024  1.00 48.06 ? 14  LEU A O     1 
ATOM   118  C  CB    . LEU A 1 15  ? 6.119   -3.393  3.131   1.00 46.03 ? 14  LEU A CB    1 
ATOM   119  C  CG    . LEU A 1 15  ? 5.415   -3.107  4.449   1.00 47.44 ? 14  LEU A CG    1 
ATOM   120  C  CD1   . LEU A 1 15  ? 6.357   -2.352  5.380   1.00 48.76 ? 14  LEU A CD1   1 
ATOM   121  C  CD2   . LEU A 1 15  ? 4.144   -2.318  4.229   1.00 47.57 ? 14  LEU A CD2   1 
ATOM   122  N  N     . SER A 1 16  ? 7.143   -5.210  0.662   1.00 46.82 ? 15  SER A N     1 
ATOM   123  C  CA    . SER A 1 16  ? 7.870   -5.431  -0.599  1.00 46.88 ? 15  SER A CA    1 
ATOM   124  C  C     . SER A 1 16  ? 7.051   -6.024  -1.717  1.00 46.73 ? 15  SER A C     1 
ATOM   125  O  O     . SER A 1 16  ? 7.173   -5.611  -2.865  1.00 46.92 ? 15  SER A O     1 
ATOM   126  C  CB    . SER A 1 16  ? 9.014   -6.419  -0.382  1.00 46.91 ? 15  SER A CB    1 
ATOM   127  O  OG    . SER A 1 16  ? 10.195  -5.719  -0.132  1.00 48.04 ? 15  SER A OG    1 
ATOM   128  N  N     . GLU A 1 17  ? 6.314   -7.079  -1.398  1.00 46.99 ? 16  GLU A N     1 
ATOM   129  C  CA    . GLU A 1 17  ? 5.501   -7.784  -2.387  1.00 47.19 ? 16  GLU A CA    1 
ATOM   130  C  C     . GLU A 1 17  ? 4.409   -6.864  -2.913  1.00 47.28 ? 16  GLU A C     1 
ATOM   131  O  O     . GLU A 1 17  ? 4.095   -6.892  -4.107  1.00 47.29 ? 16  GLU A O     1 
ATOM   132  C  CB    . GLU A 1 17  ? 4.856   -9.032  -1.788  1.00 47.59 ? 16  GLU A CB    1 
ATOM   133  C  CG    . GLU A 1 17  ? 5.776   -10.217 -1.614  1.00 47.57 ? 16  GLU A CG    1 
ATOM   134  C  CD    . GLU A 1 17  ? 5.159   -11.300 -0.754  1.00 48.19 ? 16  GLU A CD    1 
ATOM   135  O  OE1   . GLU A 1 17  ? 3.998   -11.119 -0.315  1.00 46.46 ? 16  GLU A OE1   1 
ATOM   136  O  OE2   . GLU A 1 17  ? 5.847   -12.334 -0.520  1.00 50.87 ? 16  GLU A OE2   1 
ATOM   137  N  N     . ARG A 1 18  ? 3.837   -6.051  -2.022  1.00 46.94 ? 17  ARG A N     1 
ATOM   138  C  CA    . ARG A 1 18  ? 2.830   -5.079  -2.420  1.00 46.91 ? 17  ARG A CA    1 
ATOM   139  C  C     . ARG A 1 18  ? 3.358   -4.049  -3.420  1.00 46.09 ? 17  ARG A C     1 
ATOM   140  O  O     . ARG A 1 18  ? 2.654   -3.665  -4.371  1.00 46.09 ? 17  ARG A O     1 
ATOM   141  C  CB    . ARG A 1 18  ? 2.312   -4.312  -1.206  1.00 47.78 ? 17  ARG A CB    1 
ATOM   142  C  CG    . ARG A 1 18  ? 1.476   -3.148  -1.651  1.00 49.11 ? 17  ARG A CG    1 
ATOM   143  C  CD    . ARG A 1 18  ? 0.894   -2.459  -0.534  1.00 51.02 ? 17  ARG A CD    1 
ATOM   144  N  NE    . ARG A 1 18  ? 1.903   -1.699  0.151   1.00 53.70 ? 17  ARG A NE    1 
ATOM   145  C  CZ    . ARG A 1 18  ? 1.627   -0.920  1.174   1.00 55.61 ? 17  ARG A CZ    1 
ATOM   146  N  NH1   . ARG A 1 18  ? 0.382   -0.836  1.599   1.00 58.19 ? 17  ARG A NH1   1 
ATOM   147  N  NH2   . ARG A 1 18  ? 2.591   -0.258  1.789   1.00 57.05 ? 17  ARG A NH2   1 
ATOM   148  N  N     . HIS A 1 19  ? 4.572   -3.569  -3.171  1.00 44.90 ? 18  HIS A N     1 
ATOM   149  C  CA    . HIS A 1 19  ? 5.206   -2.600  -4.042  1.00 44.36 ? 18  HIS A CA    1 
ATOM   150  C  C     . HIS A 1 19  ? 5.476   -3.197  -5.429  1.00 44.63 ? 18  HIS A C     1 
ATOM   151  O  O     . HIS A 1 19  ? 5.098   -2.610  -6.454  1.00 45.13 ? 18  HIS A O     1 
ATOM   152  C  CB    . HIS A 1 19  ? 6.503   -2.131  -3.414  1.00 44.13 ? 18  HIS A CB    1 
ATOM   153  C  CG    . HIS A 1 19  ? 7.195   -1.069  -4.199  1.00 44.19 ? 18  HIS A CG    1 
ATOM   154  N  ND1   . HIS A 1 19  ? 7.014   0.272   -3.947  1.00 44.37 ? 18  HIS A ND1   1 
ATOM   155  C  CD2   . HIS A 1 19  ? 8.073   -1.148  -5.225  1.00 45.26 ? 18  HIS A CD2   1 
ATOM   156  C  CE1   . HIS A 1 19  ? 7.733   0.977   -4.798  1.00 45.30 ? 18  HIS A CE1   1 
ATOM   157  N  NE2   . HIS A 1 19  ? 8.385   0.138   -5.585  1.00 47.18 ? 18  HIS A NE2   1 
ATOM   158  N  N     . ALA A 1 20  ? 6.139   -4.355  -5.455  1.00 44.15 ? 19  ALA A N     1 
ATOM   159  C  CA    . ALA A 1 20  ? 6.327   -5.109  -6.688  1.00 43.96 ? 19  ALA A CA    1 
ATOM   160  C  C     . ALA A 1 20  ? 4.990   -5.256  -7.441  1.00 43.85 ? 19  ALA A C     1 
ATOM   161  O  O     . ALA A 1 20  ? 4.946   -5.040  -8.657  1.00 44.01 ? 19  ALA A O     1 
ATOM   162  C  CB    . ALA A 1 20  ? 6.947   -6.496  -6.399  1.00 43.02 ? 19  ALA A CB    1 
ATOM   163  N  N     . TYR A 1 21  ? 3.909   -5.604  -6.725  1.00 43.75 ? 20  TYR A N     1 
ATOM   164  C  CA    . TYR A 1 21  ? 2.609   -5.868  -7.381  1.00 43.75 ? 20  TYR A CA    1 
ATOM   165  C  C     . TYR A 1 21  ? 1.991   -4.584  -7.941  1.00 43.79 ? 20  TYR A C     1 
ATOM   166  O  O     . TYR A 1 21  ? 1.339   -4.626  -8.985  1.00 43.88 ? 20  TYR A O     1 
ATOM   167  C  CB    . TYR A 1 21  ? 1.600   -6.618  -6.471  1.00 43.46 ? 20  TYR A CB    1 
ATOM   168  C  CG    . TYR A 1 21  ? 2.079   -7.959  -5.918  1.00 43.53 ? 20  TYR A CG    1 
ATOM   169  C  CD1   . TYR A 1 21  ? 2.993   -8.776  -6.620  1.00 44.21 ? 20  TYR A CD1   1 
ATOM   170  C  CD2   . TYR A 1 21  ? 1.604   -8.427  -4.701  1.00 43.62 ? 20  TYR A CD2   1 
ATOM   171  C  CE1   . TYR A 1 21  ? 3.427   -10.000 -6.097  1.00 43.38 ? 20  TYR A CE1   1 
ATOM   172  C  CE2   . TYR A 1 21  ? 2.037   -9.645  -4.170  1.00 43.75 ? 20  TYR A CE2   1 
ATOM   173  C  CZ    . TYR A 1 21  ? 2.940   -10.421 -4.872  1.00 44.60 ? 20  TYR A CZ    1 
ATOM   174  O  OH    . TYR A 1 21  ? 3.345   -11.600 -4.322  1.00 44.63 ? 20  TYR A OH    1 
ATOM   175  N  N     . LEU A 1 22  ? 2.223   -3.454  -7.264  1.00 43.95 ? 21  LEU A N     1 
ATOM   176  C  CA    . LEU A 1 22  ? 1.742   -2.126  -7.707  1.00 43.72 ? 21  LEU A CA    1 
ATOM   177  C  C     . LEU A 1 22  ? 2.473   -1.637  -8.972  1.00 43.79 ? 21  LEU A C     1 
ATOM   178  O  O     . LEU A 1 22  ? 1.813   -1.225  -9.964  1.00 44.33 ? 21  LEU A O     1 
ATOM   179  C  CB    . LEU A 1 22  ? 1.917   -1.114  -6.580  1.00 43.76 ? 21  LEU A CB    1 
ATOM   180  C  CG    . LEU A 1 22  ? 1.339   0.281   -6.765  1.00 43.75 ? 21  LEU A CG    1 
ATOM   181  C  CD1   . LEU A 1 22  ? -0.194  0.188   -6.869  1.00 42.85 ? 21  LEU A CD1   1 
ATOM   182  C  CD2   . LEU A 1 22  ? 1.816   1.213   -5.611  1.00 40.68 ? 21  LEU A CD2   1 
HETATM 183  N  N     . MSE A 1 23  ? 3.813   -1.694  -8.940  1.00 43.11 ? 22  MSE A N     1 
HETATM 184  C  CA    . MSE A 1 23  ? 4.648   -1.388  -10.117 1.00 42.68 ? 22  MSE A CA    1 
HETATM 185  C  C     . MSE A 1 23  ? 4.234   -2.213  -11.323 1.00 42.94 ? 22  MSE A C     1 
HETATM 186  O  O     . MSE A 1 23  ? 4.179   -1.718  -12.465 1.00 43.09 ? 22  MSE A O     1 
HETATM 187  C  CB    . MSE A 1 23  ? 6.124   -1.690  -9.847  1.00 42.24 ? 22  MSE A CB    1 
HETATM 188  C  CG    . MSE A 1 23  ? 6.828   -0.812  -8.823  1.00 41.90 ? 22  MSE A CG    1 
HETATM 189  SE SE    . MSE A 1 23  ? 6.436   1.094   -8.982  0.75 43.46 ? 22  MSE A SE    1 
HETATM 190  C  CE    . MSE A 1 23  ? 4.971   1.154   -7.697  1.00 38.61 ? 22  MSE A CE    1 
ATOM   191  N  N     . GLU A 1 24  ? 3.958   -3.485  -11.061 1.00 42.93 ? 23  GLU A N     1 
ATOM   192  C  CA    . GLU A 1 24  ? 3.745   -4.482  -12.119 1.00 42.83 ? 23  GLU A CA    1 
ATOM   193  C  C     . GLU A 1 24  ? 2.277   -4.573  -12.567 1.00 42.43 ? 23  GLU A C     1 
ATOM   194  O  O     . GLU A 1 24  ? 1.995   -5.077  -13.642 1.00 42.70 ? 23  GLU A O     1 
ATOM   195  C  CB    . GLU A 1 24  ? 4.228   -5.833  -11.588 1.00 42.85 ? 23  GLU A CB    1 
ATOM   196  C  CG    . GLU A 1 24  ? 4.124   -6.990  -12.518 1.00 43.45 ? 23  GLU A CG    1 
ATOM   197  C  CD    . GLU A 1 24  ? 4.629   -8.271  -11.881 1.00 43.78 ? 23  GLU A CD    1 
ATOM   198  O  OE1   . GLU A 1 24  ? 4.746   -8.321  -10.623 1.00 41.32 ? 23  GLU A OE1   1 
ATOM   199  O  OE2   . GLU A 1 24  ? 4.899   -9.219  -12.664 1.00 42.44 ? 23  GLU A OE2   1 
ATOM   200  N  N     . GLY A 1 25  ? 1.346   -4.088  -11.746 1.00 42.07 ? 24  GLY A N     1 
ATOM   201  C  CA    . GLY A 1 25  ? -0.090  -4.216  -12.024 1.00 41.79 ? 24  GLY A CA    1 
ATOM   202  C  C     . GLY A 1 25  ? -0.574  -5.648  -11.854 1.00 41.45 ? 24  GLY A C     1 
ATOM   203  O  O     . GLY A 1 25  ? -1.392  -6.124  -12.625 1.00 42.15 ? 24  GLY A O     1 
ATOM   204  N  N     . ASN A 1 26  ? -0.066  -6.337  -10.839 1.00 40.97 ? 25  ASN A N     1 
ATOM   205  C  CA    . ASN A 1 26  ? -0.387  -7.743  -10.583 1.00 40.69 ? 25  ASN A CA    1 
ATOM   206  C  C     . ASN A 1 26  ? -1.661  -7.818  -9.722  1.00 40.70 ? 25  ASN A C     1 
ATOM   207  O  O     . ASN A 1 26  ? -1.601  -7.837  -8.488  1.00 40.69 ? 25  ASN A O     1 
ATOM   208  C  CB    . ASN A 1 26  ? 0.828   -8.420  -9.906  1.00 40.58 ? 25  ASN A CB    1 
ATOM   209  C  CG    . ASN A 1 26  ? 0.806   -9.933  -9.996  1.00 39.74 ? 25  ASN A CG    1 
ATOM   210  O  OD1   . ASN A 1 26  ? -0.248  -10.561 -9.961  1.00 38.54 ? 25  ASN A OD1   1 
ATOM   211  N  ND2   . ASN A 1 26  ? 1.989   -10.527 -10.077 1.00 38.25 ? 25  ASN A ND2   1 
ATOM   212  N  N     . ARG A 1 27  ? -2.815  -7.844  -10.389 1.00 40.58 ? 26  ARG A N     1 
ATOM   213  C  CA    . ARG A 1 27  ? -4.119  -7.867  -9.709  1.00 40.30 ? 26  ARG A CA    1 
ATOM   214  C  C     . ARG A 1 27  ? -4.355  -9.133  -8.873  1.00 40.56 ? 26  ARG A C     1 
ATOM   215  O  O     . ARG A 1 27  ? -4.884  -9.035  -7.778  1.00 40.45 ? 26  ARG A O     1 
ATOM   216  C  CB    . ARG A 1 27  ? -5.273  -7.723  -10.715 1.00 39.78 ? 26  ARG A CB    1 
ATOM   217  C  CG    . ARG A 1 27  ? -6.599  -7.389  -10.042 1.00 38.58 ? 26  ARG A CG    1 
ATOM   218  C  CD    . ARG A 1 27  ? -7.799  -7.667  -10.908 1.00 36.31 ? 26  ARG A CD    1 
ATOM   219  N  NE    . ARG A 1 27  ? -9.023  -7.422  -10.146 1.00 35.05 ? 26  ARG A NE    1 
ATOM   220  C  CZ    . ARG A 1 27  ? -9.766  -6.313  -10.210 1.00 33.73 ? 26  ARG A CZ    1 
ATOM   221  N  NH1   . ARG A 1 27  ? -9.447  -5.309  -11.033 1.00 33.34 ? 26  ARG A NH1   1 
ATOM   222  N  NH2   . ARG A 1 27  ? -10.848 -6.206  -9.442  1.00 32.25 ? 26  ARG A NH2   1 
ATOM   223  N  N     . GLU A 1 28  ? -4.011  -10.313 -9.410  1.00 41.10 ? 27  GLU A N     1 
ATOM   224  C  CA    . GLU A 1 28  ? -4.237  -11.583 -8.696  1.00 41.20 ? 27  GLU A CA    1 
ATOM   225  C  C     . GLU A 1 28  ? -3.407  -11.563 -7.389  1.00 41.41 ? 27  GLU A C     1 
ATOM   226  O  O     . GLU A 1 28  ? -3.955  -11.784 -6.309  1.00 41.77 ? 27  GLU A O     1 
ATOM   227  C  CB    . GLU A 1 28  ? -3.940  -12.813 -9.576  1.00 40.34 ? 27  GLU A CB    1 
ATOM   228  N  N     . ALA A 1 29  ? -2.113  -11.242 -7.478  1.00 41.40 ? 28  ALA A N     1 
ATOM   229  C  CA    . ALA A 1 29  ? -1.240  -11.248 -6.305  1.00 41.47 ? 28  ALA A CA    1 
ATOM   230  C  C     . ALA A 1 29  ? -1.615  -10.147 -5.296  1.00 42.02 ? 28  ALA A C     1 
ATOM   231  O  O     . ALA A 1 29  ? -1.546  -10.374 -4.086  1.00 42.89 ? 28  ALA A O     1 
ATOM   232  C  CB    . ALA A 1 29  ? 0.238   -11.139 -6.723  1.00 41.03 ? 28  ALA A CB    1 
HETATM 233  N  N     . MSE A 1 30  ? -2.020  -8.965  -5.780  1.00 42.33 ? 29  MSE A N     1 
HETATM 234  C  CA    . MSE A 1 30  ? -2.415  -7.855  -4.890  1.00 42.31 ? 29  MSE A CA    1 
HETATM 235  C  C     . MSE A 1 30  ? -3.693  -8.174  -4.103  1.00 42.37 ? 29  MSE A C     1 
HETATM 236  O  O     . MSE A 1 30  ? -3.710  -7.973  -2.891  1.00 42.39 ? 29  MSE A O     1 
HETATM 237  C  CB    . MSE A 1 30  ? -2.551  -6.526  -5.657  1.00 42.46 ? 29  MSE A CB    1 
HETATM 238  C  CG    . MSE A 1 30  ? -2.781  -5.278  -4.773  1.00 41.81 ? 29  MSE A CG    1 
HETATM 239  SE SE    . MSE A 1 30  ? -1.270  -4.742  -3.657  0.75 40.28 ? 29  MSE A SE    1 
HETATM 240  C  CE    . MSE A 1 30  ? -0.490  -3.517  -4.972  1.00 38.78 ? 29  MSE A CE    1 
ATOM   241  N  N     . HIS A 1 31  ? -4.743  -8.675  -4.771  1.00 42.26 ? 30  HIS A N     1 
ATOM   242  C  CA    . HIS A 1 31  ? -5.974  -9.162  -4.074  1.00 42.57 ? 30  HIS A CA    1 
ATOM   243  C  C     . HIS A 1 31  ? -5.653  -10.100 -2.871  1.00 42.20 ? 30  HIS A C     1 
ATOM   244  O  O     . HIS A 1 31  ? -6.319  -10.057 -1.831  1.00 41.15 ? 30  HIS A O     1 
ATOM   245  C  CB    . HIS A 1 31  ? -6.909  -9.919  -5.055  1.00 42.92 ? 30  HIS A CB    1 
ATOM   246  C  CG    . HIS A 1 31  ? -8.378  -9.758  -4.767  1.00 44.49 ? 30  HIS A CG    1 
ATOM   247  N  ND1   . HIS A 1 31  ? -8.880  -9.540  -3.500  1.00 47.29 ? 30  HIS A ND1   1 
ATOM   248  C  CD2   . HIS A 1 31  ? -9.453  -9.787  -5.591  1.00 45.88 ? 30  HIS A CD2   1 
ATOM   249  C  CE1   . HIS A 1 31  ? -10.197 -9.435  -3.556  1.00 46.77 ? 30  HIS A CE1   1 
ATOM   250  N  NE2   . HIS A 1 31  ? -10.570 -9.581  -4.815  1.00 46.24 ? 30  HIS A NE2   1 
ATOM   251  N  N     . GLN A 1 32  ? -4.651  -10.961 -3.039  1.00 42.35 ? 31  GLN A N     1 
ATOM   252  C  CA    . GLN A 1 32  ? -4.303  -11.940 -2.010  1.00 42.84 ? 31  GLN A CA    1 
ATOM   253  C  C     . GLN A 1 32  ? -3.773  -11.260 -0.773  1.00 42.26 ? 31  GLN A C     1 
ATOM   254  O  O     . GLN A 1 32  ? -3.915  -11.815 0.310   1.00 42.31 ? 31  GLN A O     1 
ATOM   255  C  CB    . GLN A 1 32  ? -3.274  -12.993 -2.493  1.00 43.03 ? 31  GLN A CB    1 
ATOM   256  C  CG    . GLN A 1 32  ? -3.778  -13.962 -3.582  1.00 45.19 ? 31  GLN A CG    1 
ATOM   257  C  CD    . GLN A 1 32  ? -5.138  -14.608 -3.268  1.00 47.36 ? 31  GLN A CD    1 
ATOM   258  O  OE1   . GLN A 1 32  ? -5.296  -15.301 -2.252  1.00 48.01 ? 31  GLN A OE1   1 
ATOM   259  N  NE2   . GLN A 1 32  ? -6.120  -14.391 -4.157  1.00 47.32 ? 31  GLN A NE2   1 
ATOM   260  N  N     . LEU A 1 33  ? -3.160  -10.082 -0.925  1.00 41.70 ? 32  LEU A N     1 
ATOM   261  C  CA    . LEU A 1 33  ? -2.686  -9.315  0.241   1.00 41.17 ? 32  LEU A CA    1 
ATOM   262  C  C     . LEU A 1 33  ? -3.798  -8.605  1.023   1.00 41.08 ? 32  LEU A C     1 
ATOM   263  O  O     . LEU A 1 33  ? -3.584  -8.252  2.182   1.00 41.39 ? 32  LEU A O     1 
ATOM   264  C  CB    . LEU A 1 33  ? -1.631  -8.265  -0.155  1.00 40.65 ? 32  LEU A CB    1 
ATOM   265  C  CG    . LEU A 1 33  ? -0.369  -8.687  -0.924  1.00 40.11 ? 32  LEU A CG    1 
ATOM   266  C  CD1   . LEU A 1 33  ? 0.463   -7.430  -1.176  1.00 38.01 ? 32  LEU A CD1   1 
ATOM   267  C  CD2   . LEU A 1 33  ? 0.481   -9.793  -0.240  1.00 35.86 ? 32  LEU A CD2   1 
ATOM   268  N  N     . LEU A 1 34  ? -4.963  -8.376  0.400   1.00 41.08 ? 33  LEU A N     1 
ATOM   269  C  CA    . LEU A 1 34  ? -6.020  -7.495  0.974   1.00 40.86 ? 33  LEU A CA    1 
ATOM   270  C  C     . LEU A 1 34  ? -6.942  -8.192  1.989   1.00 41.43 ? 33  LEU A C     1 
ATOM   271  O  O     . LEU A 1 34  ? -7.384  -9.292  1.752   1.00 41.61 ? 33  LEU A O     1 
ATOM   272  C  CB    . LEU A 1 34  ? -6.874  -6.877  -0.121  1.00 39.71 ? 33  LEU A CB    1 
ATOM   273  C  CG    . LEU A 1 34  ? -6.122  -6.137  -1.225  1.00 38.90 ? 33  LEU A CG    1 
ATOM   274  C  CD1   . LEU A 1 34  ? -7.117  -5.574  -2.266  1.00 34.76 ? 33  LEU A CD1   1 
ATOM   275  C  CD2   . LEU A 1 34  ? -5.199  -5.042  -0.663  1.00 36.14 ? 33  LEU A CD2   1 
ATOM   276  N  N     . SER A 1 35  ? -7.229  -7.546  3.118   1.00 42.10 ? 34  SER A N     1 
ATOM   277  C  CA    . SER A 1 35  ? -8.150  -8.121  4.097   1.00 42.56 ? 34  SER A CA    1 
ATOM   278  C  C     . SER A 1 35  ? -9.545  -8.087  3.497   1.00 43.10 ? 34  SER A C     1 
ATOM   279  O  O     . SER A 1 35  ? -9.799  -7.315  2.583   1.00 43.62 ? 34  SER A O     1 
ATOM   280  C  CB    . SER A 1 35  ? -8.136  -7.324  5.389   1.00 42.22 ? 34  SER A CB    1 
ATOM   281  O  OG    . SER A 1 35  ? -9.079  -6.293  5.300   1.00 43.12 ? 34  SER A OG    1 
ATOM   282  N  N     . SER A 1 36  ? -10.449 -8.912  4.013   1.00 43.80 ? 35  SER A N     1 
ATOM   283  C  CA    . SER A 1 36  ? -11.757 -9.114  3.382   1.00 44.03 ? 35  SER A CA    1 
ATOM   284  C  C     . SER A 1 36  ? -12.679 -7.889  3.532   1.00 44.25 ? 35  SER A C     1 
ATOM   285  O  O     . SER A 1 36  ? -13.570 -7.692  2.700   1.00 44.20 ? 35  SER A O     1 
ATOM   286  C  CB    . SER A 1 36  ? -12.424 -10.419 3.870   1.00 44.05 ? 35  SER A CB    1 
ATOM   287  O  OG    . SER A 1 36  ? -12.601 -10.417 5.269   1.00 44.34 ? 35  SER A OG    1 
ATOM   288  N  N     . ASP A 1 37  ? -12.430 -7.066  4.557   1.00 44.46 ? 36  ASP A N     1 
ATOM   289  C  CA    . ASP A 1 37  ? -13.079 -5.747  4.716   1.00 44.65 ? 36  ASP A CA    1 
ATOM   290  C  C     . ASP A 1 37  ? -12.152 -4.568  4.344   1.00 44.12 ? 36  ASP A C     1 
ATOM   291  O  O     . ASP A 1 37  ? -12.296 -3.458  4.865   1.00 43.98 ? 36  ASP A O     1 
ATOM   292  C  CB    . ASP A 1 37  ? -13.557 -5.578  6.170   1.00 45.09 ? 36  ASP A CB    1 
ATOM   293  C  CG    . ASP A 1 37  ? -14.932 -6.160  6.404   1.00 46.84 ? 36  ASP A CG    1 
ATOM   294  O  OD1   . ASP A 1 37  ? -15.921 -5.651  5.813   1.00 50.61 ? 36  ASP A OD1   1 
ATOM   295  O  OD2   . ASP A 1 37  ? -15.037 -7.122  7.189   1.00 49.71 ? 36  ASP A OD2   1 
ATOM   296  N  N     . PHE A 1 38  ? -11.199 -4.809  3.448   1.00 43.42 ? 37  PHE A N     1 
ATOM   297  C  CA    . PHE A 1 38  ? -10.246 -3.778  3.026   1.00 42.99 ? 37  PHE A CA    1 
ATOM   298  C  C     . PHE A 1 38  ? -10.947 -2.480  2.633   1.00 42.79 ? 37  PHE A C     1 
ATOM   299  O  O     . PHE A 1 38  ? -12.010 -2.499  2.014   1.00 42.87 ? 37  PHE A O     1 
ATOM   300  C  CB    . PHE A 1 38  ? -9.397  -4.299  1.852   1.00 43.01 ? 37  PHE A CB    1 
ATOM   301  C  CG    . PHE A 1 38  ? -8.354  -3.330  1.346   1.00 42.02 ? 37  PHE A CG    1 
ATOM   302  C  CD1   . PHE A 1 38  ? -7.202  -3.094  2.076   1.00 41.69 ? 37  PHE A CD1   1 
ATOM   303  C  CD2   . PHE A 1 38  ? -8.503  -2.696  0.124   1.00 41.83 ? 37  PHE A CD2   1 
ATOM   304  C  CE1   . PHE A 1 38  ? -6.214  -2.213  1.625   1.00 41.06 ? 37  PHE A CE1   1 
ATOM   305  C  CE2   . PHE A 1 38  ? -7.528  -1.811  -0.347  1.00 41.79 ? 37  PHE A CE2   1 
ATOM   306  C  CZ    . PHE A 1 38  ? -6.377  -1.568  0.414   1.00 41.74 ? 37  PHE A CZ    1 
ATOM   307  N  N     . SER A 1 39  ? -10.360 -1.353  3.027   1.00 42.81 ? 38  SER A N     1 
ATOM   308  C  CA    . SER A 1 39  ? -10.701 -0.074  2.404   1.00 42.79 ? 38  SER A CA    1 
ATOM   309  C  C     . SER A 1 39  ? -9.525  0.881   2.267   1.00 42.08 ? 38  SER A C     1 
ATOM   310  O  O     . SER A 1 39  ? -8.564  0.820   3.013   1.00 42.27 ? 38  SER A O     1 
ATOM   311  C  CB    . SER A 1 39  ? -11.874 0.602   3.090   1.00 42.82 ? 38  SER A CB    1 
ATOM   312  O  OG    . SER A 1 39  ? -11.699 0.537   4.460   1.00 44.73 ? 38  SER A OG    1 
ATOM   313  N  N     . PHE A 1 40  ? -9.635  1.741   1.259   1.00 41.48 ? 39  PHE A N     1 
ATOM   314  C  CA    . PHE A 1 40  ? -8.593  2.641   0.834   1.00 40.72 ? 39  PHE A CA    1 
ATOM   315  C  C     . PHE A 1 40  ? -9.240  4.020   0.633   1.00 40.43 ? 39  PHE A C     1 
ATOM   316  O  O     . PHE A 1 40  ? -10.207 4.162   -0.138  1.00 39.46 ? 39  PHE A O     1 
ATOM   317  C  CB    . PHE A 1 40  ? -8.006  2.102   -0.478  1.00 40.87 ? 39  PHE A CB    1 
ATOM   318  C  CG    . PHE A 1 40  ? -6.864  2.915   -1.036  1.00 40.50 ? 39  PHE A CG    1 
ATOM   319  C  CD1   . PHE A 1 40  ? -7.091  4.125   -1.677  1.00 42.09 ? 39  PHE A CD1   1 
ATOM   320  C  CD2   . PHE A 1 40  ? -5.565  2.457   -0.954  1.00 40.36 ? 39  PHE A CD2   1 
ATOM   321  C  CE1   . PHE A 1 40  ? -6.022  4.869   -2.201  1.00 42.23 ? 39  PHE A CE1   1 
ATOM   322  C  CE2   . PHE A 1 40  ? -4.498  3.191   -1.509  1.00 40.17 ? 39  PHE A CE2   1 
ATOM   323  C  CZ    . PHE A 1 40  ? -4.730  4.399   -2.107  1.00 39.77 ? 39  PHE A CZ    1 
ATOM   324  N  N     . ILE A 1 41  ? -8.716  5.022   1.338   1.00 40.28 ? 40  ILE A N     1 
ATOM   325  C  CA    . ILE A 1 41  ? -9.157  6.405   1.173   1.00 40.55 ? 40  ILE A CA    1 
ATOM   326  C  C     . ILE A 1 41  ? -8.091  7.232   0.428   1.00 40.96 ? 40  ILE A C     1 
ATOM   327  O  O     . ILE A 1 41  ? -6.965  7.344   0.893   1.00 42.56 ? 40  ILE A O     1 
ATOM   328  C  CB    . ILE A 1 41  ? -9.506  7.033   2.523   1.00 40.59 ? 40  ILE A CB    1 
ATOM   329  C  CG1   . ILE A 1 41  ? -10.791 6.392   3.091   1.00 41.07 ? 40  ILE A CG1   1 
ATOM   330  C  CG2   . ILE A 1 41  ? -9.765  8.551   2.374   1.00 40.02 ? 40  ILE A CG2   1 
ATOM   331  C  CD1   . ILE A 1 41  ? -10.664 4.990   3.549   1.00 40.76 ? 40  ILE A CD1   1 
ATOM   332  N  N     . ASP A 1 42  ? -8.428  7.773   -0.741  1.00 40.84 ? 41  ASP A N     1 
ATOM   333  C  CA    . ASP A 1 42  ? -7.483  8.579   -1.500  1.00 41.11 ? 41  ASP A CA    1 
ATOM   334  C  C     . ASP A 1 42  ? -7.436  10.000  -0.936  1.00 40.87 ? 41  ASP A C     1 
ATOM   335  O  O     . ASP A 1 42  ? -8.205  10.336  -0.060  1.00 41.18 ? 41  ASP A O     1 
ATOM   336  C  CB    . ASP A 1 42  ? -7.777  8.539   -3.027  1.00 41.29 ? 41  ASP A CB    1 
ATOM   337  C  CG    . ASP A 1 42  ? -8.938  9.457   -3.469  1.00 42.64 ? 41  ASP A CG    1 
ATOM   338  O  OD1   . ASP A 1 42  ? -9.569  10.150  -2.639  1.00 40.55 ? 41  ASP A OD1   1 
ATOM   339  O  OD2   . ASP A 1 42  ? -9.214  9.469   -4.690  1.00 45.84 ? 41  ASP A OD2   1 
ATOM   340  N  N     . GLY A 1 43  ? -6.534  10.825  -1.463  1.00 40.76 ? 42  GLY A N     1 
ATOM   341  C  CA    . GLY A 1 43  ? -6.314  12.171  -0.976  1.00 40.15 ? 42  GLY A CA    1 
ATOM   342  C  C     . GLY A 1 43  ? -7.433  13.162  -1.159  1.00 40.54 ? 42  GLY A C     1 
ATOM   343  O  O     . GLY A 1 43  ? -7.303  14.263  -0.650  1.00 41.15 ? 42  GLY A O     1 
ATOM   344  N  N     . GLN A 1 44  ? -8.499  12.814  -1.899  1.00 41.11 ? 43  GLN A N     1 
ATOM   345  C  CA    . GLN A 1 44  ? -9.762  13.605  -1.957  1.00 41.23 ? 43  GLN A CA    1 
ATOM   346  C  C     . GLN A 1 44  ? -10.795 13.070  -0.975  1.00 41.03 ? 43  GLN A C     1 
ATOM   347  O  O     . GLN A 1 44  ? -11.903 13.614  -0.890  1.00 40.99 ? 43  GLN A O     1 
ATOM   348  C  CB    . GLN A 1 44  ? -10.464 13.514  -3.327  1.00 41.68 ? 43  GLN A CB    1 
ATOM   349  C  CG    . GLN A 1 44  ? -9.705  13.920  -4.574  1.00 44.81 ? 43  GLN A CG    1 
ATOM   350  C  CD    . GLN A 1 44  ? -9.068  15.278  -4.438  1.00 48.90 ? 43  GLN A CD    1 
ATOM   351  O  OE1   . GLN A 1 44  ? -7.898  15.403  -4.002  1.00 51.22 ? 43  GLN A OE1   1 
ATOM   352  N  NE2   . GLN A 1 44  ? -9.815  16.318  -4.830  1.00 51.28 ? 43  GLN A NE2   1 
ATOM   353  N  N     . GLY A 1 45  ? -10.471 11.976  -0.281  1.00 41.17 ? 44  GLY A N     1 
ATOM   354  C  CA    . GLY A 1 45  ? -11.422 11.323  0.636   1.00 40.94 ? 44  GLY A CA    1 
ATOM   355  C  C     . GLY A 1 45  ? -12.386 10.325  0.019   1.00 40.82 ? 44  GLY A C     1 
ATOM   356  O  O     . GLY A 1 45  ? -13.331 9.900   0.668   1.00 40.93 ? 44  GLY A O     1 
ATOM   357  N  N     . ARG A 1 46  ? -12.158 9.951   -1.231  1.00 40.92 ? 45  ARG A N     1 
ATOM   358  C  CA    . ARG A 1 46  ? -12.936 8.907   -1.865  1.00 41.47 ? 45  ARG A CA    1 
ATOM   359  C  C     . ARG A 1 46  ? -12.522 7.501   -1.357  1.00 41.85 ? 45  ARG A C     1 
ATOM   360  O  O     . ARG A 1 46  ? -11.340 7.158   -1.308  1.00 41.71 ? 45  ARG A O     1 
ATOM   361  C  CB    . ARG A 1 46  ? -12.758 8.993   -3.374  1.00 41.70 ? 45  ARG A CB    1 
ATOM   362  C  CG    . ARG A 1 46  ? -13.629 8.045   -4.170  1.00 43.46 ? 45  ARG A CG    1 
ATOM   363  C  CD    . ARG A 1 46  ? -13.359 8.237   -5.655  1.00 46.39 ? 45  ARG A CD    1 
ATOM   364  N  NE    . ARG A 1 46  ? -13.890 7.147   -6.470  1.00 47.88 ? 45  ARG A NE    1 
ATOM   365  C  CZ    . ARG A 1 46  ? -13.521 6.900   -7.726  1.00 49.47 ? 45  ARG A CZ    1 
ATOM   366  N  NH1   . ARG A 1 46  ? -12.602 7.653   -8.334  1.00 49.78 ? 45  ARG A NH1   1 
ATOM   367  N  NH2   . ARG A 1 46  ? -14.065 5.884   -8.384  1.00 50.11 ? 45  ARG A NH2   1 
ATOM   368  N  N     . GLN A 1 47  ? -13.531 6.704   -1.016  1.00 41.85 ? 46  GLN A N     1 
ATOM   369  C  CA    . GLN A 1 47  ? -13.386 5.368   -0.474  1.00 42.07 ? 46  GLN A CA    1 
ATOM   370  C  C     . GLN A 1 47  ? -13.505 4.254   -1.531  1.00 41.71 ? 46  GLN A C     1 
ATOM   371  O  O     . GLN A 1 47  ? -14.488 4.155   -2.249  1.00 41.68 ? 46  GLN A O     1 
ATOM   372  C  CB    . GLN A 1 47  ? -14.448 5.161   0.617   1.00 42.23 ? 46  GLN A CB    1 
ATOM   373  C  CG    . GLN A 1 47  ? -14.628 3.722   1.068   1.00 44.40 ? 46  GLN A CG    1 
ATOM   374  C  CD    . GLN A 1 47  ? -14.800 3.612   2.549   1.00 48.74 ? 46  GLN A CD    1 
ATOM   375  O  OE1   . GLN A 1 47  ? -14.006 2.940   3.217   1.00 55.11 ? 46  GLN A OE1   1 
ATOM   376  N  NE2   . GLN A 1 47  ? -15.808 4.289   3.090   1.00 48.49 ? 46  GLN A NE2   1 
ATOM   377  N  N     . PHE A 1 48  ? -12.507 3.383   -1.552  1.00 41.80 ? 47  PHE A N     1 
ATOM   378  C  CA    . PHE A 1 48  ? -12.460 2.216   -2.423  1.00 41.78 ? 47  PHE A CA    1 
ATOM   379  C  C     . PHE A 1 48  ? -12.522 0.928   -1.584  1.00 41.44 ? 47  PHE A C     1 
ATOM   380  O  O     . PHE A 1 48  ? -11.922 0.860   -0.513  1.00 41.04 ? 47  PHE A O     1 
ATOM   381  C  CB    . PHE A 1 48  ? -11.151 2.237   -3.240  1.00 41.93 ? 47  PHE A CB    1 
ATOM   382  C  CG    . PHE A 1 48  ? -10.980 3.473   -4.118  1.00 43.33 ? 47  PHE A CG    1 
ATOM   383  C  CD1   . PHE A 1 48  ? -10.580 4.681   -3.577  1.00 44.97 ? 47  PHE A CD1   1 
ATOM   384  C  CD2   . PHE A 1 48  ? -11.211 3.413   -5.490  1.00 45.69 ? 47  PHE A CD2   1 
ATOM   385  C  CE1   . PHE A 1 48  ? -10.416 5.805   -4.374  1.00 45.71 ? 47  PHE A CE1   1 
ATOM   386  C  CE2   . PHE A 1 48  ? -11.038 4.538   -6.304  1.00 45.67 ? 47  PHE A CE2   1 
ATOM   387  C  CZ    . PHE A 1 48  ? -10.642 5.729   -5.744  1.00 46.18 ? 47  PHE A CZ    1 
ATOM   388  N  N     . ASP A 1 49  ? -13.243 -0.085  -2.074  1.00 41.40 ? 48  ASP A N     1 
ATOM   389  C  CA    . ASP A 1 49  ? -13.153 -1.448  -1.529  1.00 41.41 ? 48  ASP A CA    1 
ATOM   390  C  C     . ASP A 1 49  ? -12.039 -2.209  -2.281  1.00 41.84 ? 48  ASP A C     1 
ATOM   391  O  O     . ASP A 1 49  ? -11.374 -1.635  -3.134  1.00 41.74 ? 48  ASP A O     1 
ATOM   392  C  CB    . ASP A 1 49  ? -14.510 -2.178  -1.547  1.00 41.05 ? 48  ASP A CB    1 
ATOM   393  C  CG    . ASP A 1 49  ? -15.188 -2.196  -2.927  1.00 41.42 ? 48  ASP A CG    1 
ATOM   394  O  OD1   . ASP A 1 49  ? -14.528 -1.993  -3.963  1.00 43.84 ? 48  ASP A OD1   1 
ATOM   395  O  OD2   . ASP A 1 49  ? -16.410 -2.419  -2.979  1.00 38.97 ? 48  ASP A OD2   1 
ATOM   396  N  N     . ALA A 1 50  ? -11.782 -3.467  -1.916  1.00 42.51 ? 49  ALA A N     1 
ATOM   397  C  CA    . ALA A 1 50  ? -10.848 -4.332  -2.666  1.00 42.70 ? 49  ALA A CA    1 
ATOM   398  C  C     . ALA A 1 50  ? -11.047 -4.188  -4.193  1.00 43.12 ? 49  ALA A C     1 
ATOM   399  O  O     . ALA A 1 50  ? -10.160 -3.697  -4.903  1.00 42.98 ? 49  ALA A O     1 
ATOM   400  C  CB    . ALA A 1 50  ? -11.013 -5.813  -2.236  1.00 42.62 ? 49  ALA A CB    1 
ATOM   401  N  N     . GLU A 1 51  ? -12.229 -4.562  -4.683  1.00 43.27 ? 50  GLU A N     1 
ATOM   402  C  CA    . GLU A 1 51  ? -12.483 -4.571  -6.131  1.00 43.64 ? 50  GLU A CA    1 
ATOM   403  C  C     . GLU A 1 51  ? -12.221 -3.216  -6.835  1.00 43.35 ? 50  GLU A C     1 
ATOM   404  O  O     . GLU A 1 51  ? -11.550 -3.185  -7.870  1.00 43.56 ? 50  GLU A O     1 
ATOM   405  C  CB    . GLU A 1 51  ? -13.903 -5.103  -6.451  1.00 43.88 ? 50  GLU A CB    1 
ATOM   406  C  CG    . GLU A 1 51  ? -14.186 -6.554  -5.952  1.00 45.07 ? 50  GLU A CG    1 
ATOM   407  C  CD    . GLU A 1 51  ? -13.910 -7.649  -6.998  1.00 47.33 ? 50  GLU A CD    1 
ATOM   408  O  OE1   . GLU A 1 51  ? -14.758 -7.840  -7.901  1.00 48.89 ? 50  GLU A OE1   1 
ATOM   409  O  OE2   . GLU A 1 51  ? -12.868 -8.347  -6.902  1.00 48.32 ? 50  GLU A OE2   1 
ATOM   410  N  N     . THR A 1 52  ? -12.730 -2.105  -6.296  1.00 42.92 ? 51  THR A N     1 
ATOM   411  C  CA    . THR A 1 52  ? -12.578 -0.800  -6.979  1.00 42.50 ? 51  THR A CA    1 
ATOM   412  C  C     . THR A 1 52  ? -11.144 -0.223  -6.789  1.00 41.91 ? 51  THR A C     1 
ATOM   413  O  O     . THR A 1 52  ? -10.638 0.506   -7.659  1.00 41.28 ? 51  THR A O     1 
ATOM   414  C  CB    . THR A 1 52  ? -13.703 0.250   -6.586  1.00 42.40 ? 51  THR A CB    1 
ATOM   415  O  OG1   . THR A 1 52  ? -13.438 0.776   -5.285  1.00 44.49 ? 51  THR A OG1   1 
ATOM   416  C  CG2   . THR A 1 52  ? -15.094 -0.363  -6.577  1.00 41.19 ? 51  THR A CG2   1 
ATOM   417  N  N     . TYR A 1 53  ? -10.485 -0.559  -5.677  1.00 41.55 ? 52  TYR A N     1 
ATOM   418  C  CA    . TYR A 1 53  ? -9.084  -0.154  -5.467  1.00 41.37 ? 52  TYR A CA    1 
ATOM   419  C  C     . TYR A 1 53  ? -8.269  -0.766  -6.581  1.00 41.69 ? 52  TYR A C     1 
ATOM   420  O  O     . TYR A 1 53  ? -7.529  -0.064  -7.270  1.00 42.26 ? 52  TYR A O     1 
ATOM   421  C  CB    . TYR A 1 53  ? -8.527  -0.604  -4.107  1.00 41.32 ? 52  TYR A CB    1 
ATOM   422  C  CG    . TYR A 1 53  ? -6.991  -0.581  -4.060  1.00 41.82 ? 52  TYR A CG    1 
ATOM   423  C  CD1   . TYR A 1 53  ? -6.294  0.619   -3.972  1.00 41.93 ? 52  TYR A CD1   1 
ATOM   424  C  CD2   . TYR A 1 53  ? -6.242  -1.757  -4.136  1.00 40.20 ? 52  TYR A CD2   1 
ATOM   425  C  CE1   . TYR A 1 53  ? -4.891  0.646   -3.953  1.00 41.21 ? 52  TYR A CE1   1 
ATOM   426  C  CE2   . TYR A 1 53  ? -4.845  -1.736  -4.111  1.00 40.02 ? 52  TYR A CE2   1 
ATOM   427  C  CZ    . TYR A 1 53  ? -4.168  -0.528  -4.022  1.00 40.04 ? 52  TYR A CZ    1 
ATOM   428  O  OH    . TYR A 1 53  ? -2.779  -0.482  -4.002  1.00 36.38 ? 52  TYR A OH    1 
ATOM   429  N  N     . LEU A 1 54  ? -8.444  -2.075  -6.774  1.00 41.59 ? 53  LEU A N     1 
ATOM   430  C  CA    . LEU A 1 54  ? -7.718  -2.831  -7.792  1.00 41.08 ? 53  LEU A CA    1 
ATOM   431  C  C     . LEU A 1 54  ? -7.985  -2.286  -9.205  1.00 41.52 ? 53  LEU A C     1 
ATOM   432  O  O     . LEU A 1 54  ? -7.048  -2.151  -10.002 1.00 41.93 ? 53  LEU A O     1 
ATOM   433  C  CB    . LEU A 1 54  ? -8.040  -4.335  -7.689  1.00 40.66 ? 53  LEU A CB    1 
ATOM   434  C  CG    . LEU A 1 54  ? -7.560  -5.049  -6.389  1.00 39.10 ? 53  LEU A CG    1 
ATOM   435  C  CD1   . LEU A 1 54  ? -8.204  -6.456  -6.245  1.00 36.20 ? 53  LEU A CD1   1 
ATOM   436  C  CD2   . LEU A 1 54  ? -6.013  -5.135  -6.267  1.00 34.48 ? 53  LEU A CD2   1 
ATOM   437  N  N     . ASP A 1 55  ? -9.242  -1.949  -9.508  1.00 41.64 ? 54  ASP A N     1 
ATOM   438  C  CA    . ASP A 1 55  ? -9.608  -1.376  -10.824 1.00 41.46 ? 54  ASP A CA    1 
ATOM   439  C  C     . ASP A 1 55  ? -8.875  -0.070  -11.133 1.00 41.98 ? 54  ASP A C     1 
ATOM   440  O  O     . ASP A 1 55  ? -8.549  0.201   -12.273 1.00 42.43 ? 54  ASP A O     1 
ATOM   441  C  CB    . ASP A 1 55  ? -11.112 -1.052  -10.898 1.00 41.25 ? 54  ASP A CB    1 
ATOM   442  C  CG    . ASP A 1 55  ? -11.999 -2.279  -10.891 1.00 40.15 ? 54  ASP A CG    1 
ATOM   443  O  OD1   . ASP A 1 55  ? -11.482 -3.406  -10.948 1.00 39.85 ? 54  ASP A OD1   1 
ATOM   444  O  OD2   . ASP A 1 55  ? -13.229 -2.099  -10.818 1.00 37.82 ? 54  ASP A OD2   1 
ATOM   445  N  N     . HIS A 1 56  ? -8.658  0.758   -10.113 1.00 42.96 ? 55  HIS A N     1 
ATOM   446  C  CA    . HIS A 1 56  ? -8.166  2.129   -10.307 1.00 42.99 ? 55  HIS A CA    1 
ATOM   447  C  C     . HIS A 1 56  ? -6.645  2.253   -10.163 1.00 42.81 ? 55  HIS A C     1 
ATOM   448  O  O     . HIS A 1 56  ? -6.002  3.038   -10.871 1.00 42.69 ? 55  HIS A O     1 
ATOM   449  C  CB    . HIS A 1 56  ? -8.911  3.081   -9.363  1.00 43.13 ? 55  HIS A CB    1 
ATOM   450  C  CG    . HIS A 1 56  ? -10.308 3.400   -9.821  1.00 44.71 ? 55  HIS A CG    1 
ATOM   451  N  ND1   . HIS A 1 56  ? -11.425 2.790   -9.290  1.00 46.54 ? 55  HIS A ND1   1 
ATOM   452  C  CD2   . HIS A 1 56  ? -10.763 4.232   -10.790 1.00 45.87 ? 55  HIS A CD2   1 
ATOM   453  C  CE1   . HIS A 1 56  ? -12.509 3.245   -9.895  1.00 46.80 ? 55  HIS A CE1   1 
ATOM   454  N  NE2   . HIS A 1 56  ? -12.133 4.115   -10.817 1.00 47.25 ? 55  HIS A NE2   1 
ATOM   455  N  N     . TYR A 1 57  ? -6.068  1.435   -9.287  1.00 42.67 ? 56  TYR A N     1 
ATOM   456  C  CA    . TYR A 1 57  ? -4.655  1.523   -8.977  1.00 42.40 ? 56  TYR A CA    1 
ATOM   457  C  C     . TYR A 1 57  ? -3.832  0.304   -9.465  1.00 42.50 ? 56  TYR A C     1 
ATOM   458  O  O     . TYR A 1 57  ? -2.613  0.388   -9.599  1.00 42.45 ? 56  TYR A O     1 
ATOM   459  C  CB    . TYR A 1 57  ? -4.501  1.714   -7.467  1.00 42.21 ? 56  TYR A CB    1 
ATOM   460  C  CG    . TYR A 1 57  ? -4.829  3.106   -6.906  1.00 41.99 ? 56  TYR A CG    1 
ATOM   461  C  CD1   . TYR A 1 57  ? -3.865  4.117   -6.888  1.00 41.25 ? 56  TYR A CD1   1 
ATOM   462  C  CD2   . TYR A 1 57  ? -6.080  3.391   -6.324  1.00 40.45 ? 56  TYR A CD2   1 
ATOM   463  C  CE1   . TYR A 1 57  ? -4.139  5.387   -6.336  1.00 40.54 ? 56  TYR A CE1   1 
ATOM   464  C  CE2   . TYR A 1 57  ? -6.357  4.660   -5.765  1.00 39.70 ? 56  TYR A CE2   1 
ATOM   465  C  CZ    . TYR A 1 57  ? -5.386  5.655   -5.772  1.00 40.29 ? 56  TYR A CZ    1 
ATOM   466  O  OH    . TYR A 1 57  ? -5.627  6.918   -5.223  1.00 40.05 ? 56  TYR A OH    1 
ATOM   467  N  N     . VAL A 1 58  ? -4.488  -0.820  -9.745  1.00 42.86 ? 57  VAL A N     1 
ATOM   468  C  CA    . VAL A 1 58  ? -3.774  -2.062  -10.067 1.00 43.04 ? 57  VAL A CA    1 
ATOM   469  C  C     . VAL A 1 58  ? -4.377  -2.816  -11.272 1.00 43.64 ? 57  VAL A C     1 
ATOM   470  O  O     . VAL A 1 58  ? -4.664  -4.017  -11.194 1.00 44.72 ? 57  VAL A O     1 
ATOM   471  C  CB    . VAL A 1 58  ? -3.721  -2.998  -8.817  1.00 42.86 ? 57  VAL A CB    1 
ATOM   472  C  CG1   . VAL A 1 58  ? -2.704  -4.109  -9.013  1.00 41.36 ? 57  VAL A CG1   1 
ATOM   473  C  CG2   . VAL A 1 58  ? -3.388  -2.195  -7.575  1.00 42.17 ? 57  VAL A CG2   1 
ATOM   474  N  N     . ASP A 1 59  ? -4.567  -2.124  -12.388 1.00 43.62 ? 58  ASP A N     1 
ATOM   475  C  CA    . ASP A 1 59  ? -5.033  -2.763  -13.623 1.00 43.63 ? 58  ASP A CA    1 
ATOM   476  C  C     . ASP A 1 59  ? -4.227  -2.082  -14.722 1.00 44.11 ? 58  ASP A C     1 
ATOM   477  O  O     . ASP A 1 59  ? -4.440  -0.896  -14.975 1.00 44.15 ? 58  ASP A O     1 
ATOM   478  C  CB    . ASP A 1 59  ? -6.553  -2.569  -13.801 1.00 43.50 ? 58  ASP A CB    1 
ATOM   479  C  CG    . ASP A 1 59  ? -7.064  -2.861  -15.241 1.00 43.44 ? 58  ASP A CG    1 
ATOM   480  O  OD1   . ASP A 1 59  ? -6.298  -3.265  -16.147 1.00 41.96 ? 58  ASP A OD1   1 
ATOM   481  O  OD2   . ASP A 1 59  ? -8.278  -2.673  -15.464 1.00 43.32 ? 58  ASP A OD2   1 
ATOM   482  N  N     . PRO A 1 60  ? -3.294  -2.817  -15.372 1.00 44.52 ? 59  PRO A N     1 
ATOM   483  C  CA    . PRO A 1 60  ? -2.379  -2.155  -16.312 1.00 44.78 ? 59  PRO A CA    1 
ATOM   484  C  C     . PRO A 1 60  ? -2.982  -1.653  -17.638 1.00 45.23 ? 59  PRO A C     1 
ATOM   485  O  O     . PRO A 1 60  ? -2.251  -1.069  -18.435 1.00 45.28 ? 59  PRO A O     1 
ATOM   486  C  CB    . PRO A 1 60  ? -1.306  -3.220  -16.583 1.00 44.83 ? 59  PRO A CB    1 
ATOM   487  C  CG    . PRO A 1 60  ? -1.663  -4.423  -15.740 1.00 44.81 ? 59  PRO A CG    1 
ATOM   488  C  CD    . PRO A 1 60  ? -3.094  -4.276  -15.362 1.00 44.66 ? 59  PRO A CD    1 
ATOM   489  N  N     . ASP A 1 61  ? -4.277  -1.862  -17.874 1.00 45.73 ? 60  ASP A N     1 
ATOM   490  C  CA    . ASP A 1 61  ? -4.954  -1.259  -19.026 1.00 46.23 ? 60  ASP A CA    1 
ATOM   491  C  C     . ASP A 1 61  ? -5.461  0.161   -18.754 1.00 46.99 ? 60  ASP A C     1 
ATOM   492  O  O     . ASP A 1 61  ? -5.861  0.855   -19.700 1.00 47.35 ? 60  ASP A O     1 
ATOM   493  C  CB    . ASP A 1 61  ? -6.119  -2.134  -19.493 1.00 46.03 ? 60  ASP A CB    1 
ATOM   494  C  CG    . ASP A 1 61  ? -5.659  -3.448  -20.083 1.00 45.73 ? 60  ASP A CG    1 
ATOM   495  O  OD1   . ASP A 1 61  ? -4.437  -3.659  -20.235 1.00 44.66 ? 60  ASP A OD1   1 
ATOM   496  O  OD2   . ASP A 1 61  ? -6.529  -4.274  -20.408 1.00 45.88 ? 60  ASP A OD2   1 
ATOM   497  N  N     . GLN A 1 62  ? -5.460  0.570   -17.480 1.00 47.47 ? 61  GLN A N     1 
ATOM   498  C  CA    . GLN A 1 62  ? -5.865  1.924   -17.049 1.00 48.12 ? 61  GLN A CA    1 
ATOM   499  C  C     . GLN A 1 62  ? -4.700  2.738   -16.486 1.00 47.99 ? 61  GLN A C     1 
ATOM   500  O  O     . GLN A 1 62  ? -4.568  3.922   -16.803 1.00 48.63 ? 61  GLN A O     1 
ATOM   501  C  CB    . GLN A 1 62  ? -6.929  1.867   -15.932 1.00 48.59 ? 61  GLN A CB    1 
ATOM   502  C  CG    . GLN A 1 62  ? -8.130  1.015   -16.240 1.00 49.95 ? 61  GLN A CG    1 
ATOM   503  C  CD    . GLN A 1 62  ? -8.856  1.518   -17.448 1.00 51.49 ? 61  GLN A CD    1 
ATOM   504  O  OE1   . GLN A 1 62  ? -9.649  2.453   -17.356 1.00 52.66 ? 61  GLN A OE1   1 
ATOM   505  N  NE2   . GLN A 1 62  ? -8.581  0.917   -18.602 1.00 53.00 ? 61  GLN A NE2   1 
ATOM   506  N  N     . ILE A 1 63  ? -3.910  2.115   -15.603 1.00 47.29 ? 62  ILE A N     1 
ATOM   507  C  CA    . ILE A 1 63  ? -2.817  2.780   -14.885 1.00 46.68 ? 62  ILE A CA    1 
ATOM   508  C  C     . ILE A 1 63  ? -1.499  2.019   -15.109 1.00 46.16 ? 62  ILE A C     1 
ATOM   509  O  O     . ILE A 1 63  ? -1.471  0.795   -15.054 1.00 46.00 ? 62  ILE A O     1 
ATOM   510  C  CB    . ILE A 1 63  ? -3.132  2.889   -13.352 1.00 46.70 ? 62  ILE A CB    1 
ATOM   511  C  CG1   . ILE A 1 63  ? -2.285  3.981   -12.685 1.00 46.44 ? 62  ILE A CG1   1 
ATOM   512  C  CG2   . ILE A 1 63  ? -2.906  1.552   -12.642 1.00 46.89 ? 62  ILE A CG2   1 
ATOM   513  C  CD1   . ILE A 1 63  ? -2.779  4.398   -11.322 1.00 44.88 ? 62  ILE A CD1   1 
ATOM   514  N  N     . GLN A 1 64  ? -0.423  2.756   -15.378 1.00 45.54 ? 63  GLN A N     1 
ATOM   515  C  CA    . GLN A 1 64  ? 0.920   2.186   -15.534 1.00 45.03 ? 63  GLN A CA    1 
ATOM   516  C  C     . GLN A 1 64  ? 1.856   2.956   -14.606 1.00 44.46 ? 63  GLN A C     1 
ATOM   517  O  O     . GLN A 1 64  ? 2.173   4.115   -14.852 1.00 44.92 ? 63  GLN A O     1 
ATOM   518  C  CB    . GLN A 1 64  ? 1.426   2.295   -16.982 1.00 44.75 ? 63  GLN A CB    1 
ATOM   519  C  CG    . GLN A 1 64  ? 0.576   1.555   -18.038 1.00 46.08 ? 63  GLN A CG    1 
ATOM   520  C  CD    . GLN A 1 64  ? -0.604  2.403   -18.602 1.00 47.43 ? 63  GLN A CD    1 
ATOM   521  O  OE1   . GLN A 1 64  ? -0.452  3.588   -18.926 1.00 48.00 ? 63  GLN A OE1   1 
ATOM   522  N  NE2   . GLN A 1 64  ? -1.778  1.780   -18.716 1.00 47.61 ? 63  GLN A NE2   1 
ATOM   523  N  N     . TRP A 1 65  ? 2.307   2.299   -13.548 1.00 43.88 ? 64  TRP A N     1 
ATOM   524  C  CA    . TRP A 1 65  ? 3.194   2.924   -12.553 1.00 43.44 ? 64  TRP A CA    1 
ATOM   525  C  C     . TRP A 1 65  ? 4.654   2.951   -13.012 1.00 43.46 ? 64  TRP A C     1 
ATOM   526  O  O     . TRP A 1 65  ? 5.165   1.938   -13.451 1.00 42.99 ? 64  TRP A O     1 
ATOM   527  C  CB    . TRP A 1 65  ? 3.126   2.134   -11.234 1.00 43.00 ? 64  TRP A CB    1 
ATOM   528  C  CG    . TRP A 1 65  ? 1.892   2.331   -10.473 1.00 41.39 ? 64  TRP A CG    1 
ATOM   529  C  CD1   . TRP A 1 65  ? 0.698   1.708   -10.667 1.00 40.07 ? 64  TRP A CD1   1 
ATOM   530  C  CD2   . TRP A 1 65  ? 1.721   3.215   -9.362  1.00 40.14 ? 64  TRP A CD2   1 
ATOM   531  N  NE1   . TRP A 1 65  ? -0.222  2.170   -9.747  1.00 41.69 ? 64  TRP A NE1   1 
ATOM   532  C  CE2   . TRP A 1 65  ? 0.387   3.089   -8.931  1.00 40.39 ? 64  TRP A CE2   1 
ATOM   533  C  CE3   . TRP A 1 65  ? 2.576   4.089   -8.679  1.00 39.45 ? 64  TRP A CE3   1 
ATOM   534  C  CZ2   . TRP A 1 65  ? -0.121  3.818   -7.849  1.00 40.78 ? 64  TRP A CZ2   1 
ATOM   535  C  CZ3   . TRP A 1 65  ? 2.081   4.811   -7.603  1.00 39.10 ? 64  TRP A CZ3   1 
ATOM   536  C  CH2   . TRP A 1 65  ? 0.740   4.673   -7.196  1.00 39.55 ? 64  TRP A CH2   1 
ATOM   537  N  N     . SER A 1 66  ? 5.333   4.088   -12.872 1.00 43.60 ? 65  SER A N     1 
ATOM   538  C  CA    . SER A 1 66  ? 6.787   4.117   -13.040 1.00 43.64 ? 65  SER A CA    1 
ATOM   539  C  C     . SER A 1 66  ? 7.519   4.111   -11.673 1.00 44.22 ? 65  SER A C     1 
ATOM   540  O  O     . SER A 1 66  ? 8.654   3.642   -11.550 1.00 44.05 ? 65  SER A O     1 
ATOM   541  C  CB    . SER A 1 66  ? 7.205   5.293   -13.939 1.00 43.50 ? 65  SER A CB    1 
ATOM   542  O  OG    . SER A 1 66  ? 7.267   6.510   -13.232 1.00 43.60 ? 65  SER A OG    1 
ATOM   543  N  N     . ASN A 1 67  ? 6.871   4.605   -10.624 1.00 44.83 ? 66  ASN A N     1 
ATOM   544  C  CA    . ASN A 1 67  ? 7.527   4.606   -9.317  1.00 44.93 ? 66  ASN A CA    1 
ATOM   545  C  C     . ASN A 1 67  ? 6.617   4.998   -8.141  1.00 44.37 ? 66  ASN A C     1 
ATOM   546  O  O     . ASN A 1 67  ? 5.662   5.737   -8.314  1.00 44.56 ? 66  ASN A O     1 
ATOM   547  C  CB    . ASN A 1 67  ? 8.724   5.556   -9.371  1.00 45.04 ? 66  ASN A CB    1 
ATOM   548  C  CG    . ASN A 1 67  ? 9.954   4.978   -8.741  1.00 46.64 ? 66  ASN A CG    1 
ATOM   549  O  OD1   . ASN A 1 67  ? 9.895   4.177   -7.774  1.00 46.95 ? 66  ASN A OD1   1 
ATOM   550  N  ND2   . ASN A 1 67  ? 11.097  5.402   -9.257  1.00 46.85 ? 66  ASN A ND2   1 
ATOM   551  N  N     . GLN A 1 68  ? 6.911   4.457   -6.961  1.00 43.94 ? 67  GLN A N     1 
ATOM   552  C  CA    . GLN A 1 68  ? 6.451   5.030   -5.691  1.00 43.57 ? 67  GLN A CA    1 
ATOM   553  C  C     . GLN A 1 68  ? 7.677   5.145   -4.805  1.00 43.63 ? 67  GLN A C     1 
ATOM   554  O  O     . GLN A 1 68  ? 8.137   4.143   -4.284  1.00 43.38 ? 67  GLN A O     1 
ATOM   555  C  CB    . GLN A 1 68  ? 5.403   4.141   -5.024  1.00 43.44 ? 67  GLN A CB    1 
ATOM   556  C  CG    . GLN A 1 68  ? 5.057   4.545   -3.626  1.00 42.90 ? 67  GLN A CG    1 
ATOM   557  C  CD    . GLN A 1 68  ? 3.797   3.899   -3.142  1.00 43.41 ? 67  GLN A CD    1 
ATOM   558  O  OE1   . GLN A 1 68  ? 3.835   2.833   -2.565  1.00 48.51 ? 67  GLN A OE1   1 
ATOM   559  N  NE2   . GLN A 1 68  ? 2.672   4.549   -3.350  1.00 42.24 ? 67  GLN A NE2   1 
ATOM   560  N  N     . ILE A 1 69  ? 8.234   6.349   -4.678  1.00 43.99 ? 68  ILE A N     1 
ATOM   561  C  CA    . ILE A 1 69  ? 9.405   6.576   -3.825  1.00 43.97 ? 68  ILE A CA    1 
ATOM   562  C  C     . ILE A 1 69  ? 8.966   6.761   -2.380  1.00 43.96 ? 68  ILE A C     1 
ATOM   563  O  O     . ILE A 1 69  ? 8.205   7.656   -2.078  1.00 44.42 ? 68  ILE A O     1 
ATOM   564  C  CB    . ILE A 1 69  ? 10.241  7.804   -4.284  1.00 44.04 ? 68  ILE A CB    1 
ATOM   565  C  CG1   . ILE A 1 69  ? 10.745  7.592   -5.716  1.00 44.02 ? 68  ILE A CG1   1 
ATOM   566  C  CG2   . ILE A 1 69  ? 11.426  8.053   -3.331  1.00 42.98 ? 68  ILE A CG2   1 
ATOM   567  C  CD1   . ILE A 1 69  ? 10.044  8.454   -6.748  1.00 44.31 ? 68  ILE A CD1   1 
ATOM   568  N  N     . SER A 1 70  ? 9.424   5.878   -1.505  1.00 44.37 ? 69  SER A N     1 
ATOM   569  C  CA    . SER A 1 70  ? 9.249   6.020   -0.060  1.00 44.77 ? 69  SER A CA    1 
ATOM   570  C  C     . SER A 1 70  ? 10.309  6.953   0.513   1.00 44.98 ? 69  SER A C     1 
ATOM   571  O  O     . SER A 1 70  ? 11.428  6.529   0.765   1.00 45.06 ? 69  SER A O     1 
ATOM   572  C  CB    . SER A 1 70  ? 9.378   4.660   0.622   1.00 44.39 ? 69  SER A CB    1 
ATOM   573  O  OG    . SER A 1 70  ? 9.027   4.785   1.989   1.00 46.10 ? 69  SER A OG    1 
ATOM   574  N  N     . GLU A 1 71  ? 9.953   8.212   0.736   1.00 45.74 ? 70  GLU A N     1 
ATOM   575  C  CA    . GLU A 1 71  ? 10.863  9.204   1.347   1.00 46.06 ? 70  GLU A CA    1 
ATOM   576  C  C     . GLU A 1 71  ? 11.138  8.931   2.821   1.00 46.53 ? 70  GLU A C     1 
ATOM   577  O  O     . GLU A 1 71  ? 12.166  9.309   3.365   1.00 46.90 ? 70  GLU A O     1 
ATOM   578  C  CB    . GLU A 1 71  ? 10.275  10.612  1.231   1.00 45.82 ? 70  GLU A CB    1 
ATOM   579  C  CG    . GLU A 1 71  ? 9.986   11.052  -0.218  1.00 45.46 ? 70  GLU A CG    1 
ATOM   580  C  CD    . GLU A 1 71  ? 9.500   12.479  -0.290  1.00 45.45 ? 70  GLU A CD    1 
ATOM   581  O  OE1   . GLU A 1 71  ? 9.568   13.180  0.743   1.00 45.40 ? 70  GLU A OE1   1 
ATOM   582  O  OE2   . GLU A 1 71  ? 9.043   12.907  -1.368  1.00 45.63 ? 70  GLU A OE2   1 
ATOM   583  N  N     . SER A 1 72  ? 10.217  8.254   3.477   1.00 47.33 ? 71  SER A N     1 
ATOM   584  C  CA    . SER A 1 72  ? 10.191  8.278   4.923   1.00 47.65 ? 71  SER A CA    1 
ATOM   585  C  C     . SER A 1 72  ? 9.125   7.294   5.395   1.00 47.75 ? 71  SER A C     1 
ATOM   586  O  O     . SER A 1 72  ? 8.075   7.166   4.737   1.00 47.81 ? 71  SER A O     1 
ATOM   587  C  CB    . SER A 1 72  ? 9.840   9.705   5.366   1.00 47.68 ? 71  SER A CB    1 
ATOM   588  O  OG    . SER A 1 72  ? 9.912   9.824   6.747   1.00 48.82 ? 71  SER A OG    1 
HETATM 589  N  N     . MSE A 1 73  ? 9.389   6.632   6.528   1.00 47.61 ? 72  MSE A N     1 
HETATM 590  C  CA    . MSE A 1 73  ? 8.505   5.609   7.086   1.00 47.72 ? 72  MSE A CA    1 
HETATM 591  C  C     . MSE A 1 73  ? 8.719   5.302   8.595   1.00 47.24 ? 72  MSE A C     1 
HETATM 592  O  O     . MSE A 1 73  ? 9.833   5.249   9.098   1.00 46.41 ? 72  MSE A O     1 
HETATM 593  C  CB    . MSE A 1 73  ? 8.642   4.327   6.266   1.00 48.13 ? 72  MSE A CB    1 
HETATM 594  C  CG    . MSE A 1 73  ? 7.782   3.196   6.765   1.00 51.77 ? 72  MSE A CG    1 
HETATM 595  SE SE    . MSE A 1 73  ? 7.819   1.588   5.684   0.75 57.75 ? 72  MSE A SE    1 
HETATM 596  C  CE    . MSE A 1 73  ? 9.778   1.223   5.687   1.00 57.91 ? 72  MSE A CE    1 
ATOM   597  N  N     . VAL A 1 74  ? 7.613   5.089   9.295   1.00 47.49 ? 73  VAL A N     1 
ATOM   598  C  CA    . VAL A 1 74  ? 7.597   4.608   10.660  1.00 47.69 ? 73  VAL A CA    1 
ATOM   599  C  C     . VAL A 1 74  ? 6.648   3.389   10.698  1.00 48.24 ? 73  VAL A C     1 
ATOM   600  O  O     . VAL A 1 74  ? 5.514   3.454   10.227  1.00 49.13 ? 73  VAL A O     1 
ATOM   601  C  CB    . VAL A 1 74  ? 7.125   5.733   11.658  1.00 47.88 ? 73  VAL A CB    1 
ATOM   602  C  CG1   . VAL A 1 74  ? 7.177   5.266   13.122  1.00 46.28 ? 73  VAL A CG1   1 
ATOM   603  C  CG2   . VAL A 1 74  ? 7.946   7.005   11.464  1.00 47.65 ? 73  VAL A CG2   1 
ATOM   604  N  N     . VAL A 1 75  ? 7.127   2.287   11.257  1.00 48.33 ? 74  VAL A N     1 
ATOM   605  C  CA    . VAL A 1 75  ? 6.353   1.071   11.470  1.00 48.33 ? 74  VAL A CA    1 
ATOM   606  C  C     . VAL A 1 75  ? 6.217   0.823   12.995  1.00 48.66 ? 74  VAL A C     1 
ATOM   607  O  O     . VAL A 1 75  ? 7.193   0.901   13.731  1.00 48.58 ? 74  VAL A O     1 
ATOM   608  C  CB    . VAL A 1 75  ? 7.082   -0.128  10.791  1.00 48.08 ? 74  VAL A CB    1 
ATOM   609  C  CG1   . VAL A 1 75  ? 6.299   -1.435  10.929  1.00 46.58 ? 74  VAL A CG1   1 
ATOM   610  C  CG2   . VAL A 1 75  ? 7.343   0.194   9.318   1.00 48.84 ? 74  VAL A CG2   1 
ATOM   611  N  N     . GLU A 1 76  ? 4.996   0.581   13.467  1.00 49.06 ? 75  GLU A N     1 
ATOM   612  C  CA    . GLU A 1 76  ? 4.755   0.130   14.838  1.00 49.36 ? 75  GLU A CA    1 
ATOM   613  C  C     . GLU A 1 76  ? 3.898   -1.136  14.809  1.00 49.00 ? 75  GLU A C     1 
ATOM   614  O  O     . GLU A 1 76  ? 2.755   -1.123  14.308  1.00 48.76 ? 75  GLU A O     1 
ATOM   615  C  CB    . GLU A 1 76  ? 4.040   1.196   15.665  1.00 49.80 ? 75  GLU A CB    1 
ATOM   616  C  CG    . GLU A 1 76  ? 4.709   2.588   15.704  1.00 51.81 ? 75  GLU A CG    1 
ATOM   617  C  CD    . GLU A 1 76  ? 3.817   3.620   16.405  1.00 54.56 ? 75  GLU A CD    1 
ATOM   618  O  OE1   . GLU A 1 76  ? 2.814   4.097   15.808  1.00 54.48 ? 75  GLU A OE1   1 
ATOM   619  O  OE2   . GLU A 1 76  ? 4.104   3.932   17.578  1.00 58.22 ? 75  GLU A OE2   1 
ATOM   620  N  N     . VAL A 1 77  ? 4.449   -2.221  15.348  1.00 48.32 ? 76  VAL A N     1 
ATOM   621  C  CA    . VAL A 1 77  ? 3.752   -3.493  15.400  1.00 47.96 ? 76  VAL A CA    1 
ATOM   622  C  C     . VAL A 1 77  ? 3.132   -3.662  16.775  1.00 48.49 ? 76  VAL A C     1 
ATOM   623  O  O     . VAL A 1 77  ? 3.801   -3.500  17.774  1.00 49.07 ? 76  VAL A O     1 
ATOM   624  C  CB    . VAL A 1 77  ? 4.698   -4.667  15.105  1.00 47.81 ? 76  VAL A CB    1 
ATOM   625  C  CG1   . VAL A 1 77  ? 3.923   -5.981  15.158  1.00 45.94 ? 76  VAL A CG1   1 
ATOM   626  C  CG2   . VAL A 1 77  ? 5.375   -4.460  13.735  1.00 45.73 ? 76  VAL A CG2   1 
ATOM   627  N  N     . PHE A 1 78  ? 1.843   -3.962  16.822  1.00 48.97 ? 77  PHE A N     1 
ATOM   628  C  CA    . PHE A 1 78  ? 1.152   -4.234  18.070  1.00 49.17 ? 77  PHE A CA    1 
ATOM   629  C  C     . PHE A 1 78  ? 0.913   -5.750  18.130  1.00 49.77 ? 77  PHE A C     1 
ATOM   630  O  O     . PHE A 1 78  ? 1.662   -6.513  17.505  1.00 50.05 ? 77  PHE A O     1 
ATOM   631  C  CB    . PHE A 1 78  ? -0.125  -3.398  18.138  1.00 49.24 ? 77  PHE A CB    1 
ATOM   632  C  CG    . PHE A 1 78  ? 0.141   -1.904  18.078  1.00 50.46 ? 77  PHE A CG    1 
ATOM   633  C  CD1   . PHE A 1 78  ? 0.435   -1.190  19.229  1.00 51.10 ? 77  PHE A CD1   1 
ATOM   634  C  CD2   . PHE A 1 78  ? 0.129   -1.220  16.867  1.00 51.18 ? 77  PHE A CD2   1 
ATOM   635  C  CE1   . PHE A 1 78  ? 0.707   0.174   19.176  1.00 51.31 ? 77  PHE A CE1   1 
ATOM   636  C  CE2   . PHE A 1 78  ? 0.390   0.147   16.812  1.00 51.58 ? 77  PHE A CE2   1 
ATOM   637  C  CZ    . PHE A 1 78  ? 0.679   0.842   17.962  1.00 51.52 ? 77  PHE A CZ    1 
ATOM   638  N  N     . GLU A 1 79  ? -0.079  -6.217  18.889  1.00 50.20 ? 78  GLU A N     1 
ATOM   639  C  CA    A GLU A 1 79  ? -0.295  -7.663  18.987  0.50 49.94 ? 78  GLU A CA    1 
ATOM   640  C  CA    B GLU A 1 79  ? -0.337  -7.663  18.999  0.50 50.01 ? 78  GLU A CA    1 
ATOM   641  C  C     . GLU A 1 79  ? -0.903  -8.215  17.678  1.00 49.81 ? 78  GLU A C     1 
ATOM   642  O  O     . GLU A 1 79  ? -0.295  -9.078  17.027  1.00 49.87 ? 78  GLU A O     1 
ATOM   643  C  CB    A GLU A 1 79  ? -1.133  -8.029  20.226  0.50 49.85 ? 78  GLU A CB    1 
ATOM   644  C  CB    B GLU A 1 79  ? -1.283  -7.965  20.186  0.50 50.01 ? 78  GLU A CB    1 
ATOM   645  C  CG    A GLU A 1 79  ? -0.397  -7.834  21.569  0.50 49.24 ? 78  GLU A CG    1 
ATOM   646  C  CG    B GLU A 1 79  ? -1.690  -9.445  20.326  0.50 49.67 ? 78  GLU A CG    1 
ATOM   647  C  CD    A GLU A 1 79  ? 0.975   -8.495  21.614  0.50 47.52 ? 78  GLU A CD    1 
ATOM   648  C  CD    B GLU A 1 79  ? -1.783  -9.917  21.769  0.50 49.24 ? 78  GLU A CD    1 
ATOM   649  O  OE1   A GLU A 1 79  ? 1.077   -9.711  21.353  0.50 46.38 ? 78  GLU A OE1   1 
ATOM   650  O  OE1   B GLU A 1 79  ? -1.048  -10.870 22.105  0.50 48.61 ? 78  GLU A OE1   1 
ATOM   651  O  OE2   A GLU A 1 79  ? 1.952   -7.791  21.923  0.50 46.22 ? 78  GLU A OE2   1 
ATOM   652  O  OE2   B GLU A 1 79  ? -2.576  -9.349  22.559  0.50 48.10 ? 78  GLU A OE2   1 
ATOM   653  N  N     . THR A 1 80  ? -2.059  -7.678  17.279  1.00 49.13 ? 79  THR A N     1 
ATOM   654  C  CA    . THR A 1 80  ? -2.846  -8.177  16.139  1.00 48.16 ? 79  THR A CA    1 
ATOM   655  C  C     . THR A 1 80  ? -2.876  -7.244  14.907  1.00 47.40 ? 79  THR A C     1 
ATOM   656  O  O     . THR A 1 80  ? -3.446  -7.591  13.858  1.00 47.64 ? 79  THR A O     1 
ATOM   657  C  CB    . THR A 1 80  ? -4.266  -8.516  16.699  1.00 48.70 ? 79  THR A CB    1 
ATOM   658  O  OG1   . THR A 1 80  ? -4.285  -9.920  17.001  1.00 48.65 ? 79  THR A OG1   1 
ATOM   659  C  CG2   . THR A 1 80  ? -5.460  -8.134  15.794  1.00 47.03 ? 79  THR A CG2   1 
ATOM   660  N  N     . THR A 1 81  ? -2.228  -6.082  15.041  1.00 45.59 ? 80  THR A N     1 
ATOM   661  C  CA    . THR A 1 81  ? -2.243  -5.033  14.053  1.00 43.81 ? 80  THR A CA    1 
ATOM   662  C  C     . THR A 1 81  ? -0.859  -4.367  13.948  1.00 43.25 ? 80  THR A C     1 
ATOM   663  O  O     . THR A 1 81  ? -0.035  -4.463  14.847  1.00 42.51 ? 80  THR A O     1 
ATOM   664  C  CB    . THR A 1 81  ? -3.279  -3.950  14.434  1.00 43.75 ? 80  THR A CB    1 
ATOM   665  O  OG1   . THR A 1 81  ? -2.968  -3.456  15.736  1.00 42.73 ? 80  THR A OG1   1 
ATOM   666  C  CG2   . THR A 1 81  ? -4.715  -4.502  14.422  1.00 42.05 ? 80  THR A CG2   1 
ATOM   667  N  N     . ALA A 1 82  ? -0.616  -3.698  12.831  1.00 42.61 ? 81  ALA A N     1 
ATOM   668  C  CA    . ALA A 1 82  ? 0.569   -2.880  12.660  1.00 42.69 ? 81  ALA A CA    1 
ATOM   669  C  C     . ALA A 1 82  ? 0.113   -1.587  12.013  1.00 43.01 ? 81  ALA A C     1 
ATOM   670  O  O     . ALA A 1 82  ? -0.795  -1.591  11.189  1.00 43.08 ? 81  ALA A O     1 
ATOM   671  C  CB    . ALA A 1 82  ? 1.589   -3.578  11.778  1.00 42.40 ? 81  ALA A CB    1 
ATOM   672  N  N     . LEU A 1 83  ? 0.733   -0.484  12.404  1.00 43.36 ? 82  LEU A N     1 
ATOM   673  C  CA    . LEU A 1 83  ? 0.394   0.851   11.891  1.00 43.06 ? 82  LEU A CA    1 
ATOM   674  C  C     . LEU A 1 83  ? 1.643   1.411   11.202  1.00 43.27 ? 82  LEU A C     1 
ATOM   675  O  O     . LEU A 1 83  ? 2.715   1.531   11.837  1.00 43.47 ? 82  LEU A O     1 
ATOM   676  C  CB    . LEU A 1 83  ? -0.046  1.776   13.032  1.00 42.48 ? 82  LEU A CB    1 
ATOM   677  C  CG    . LEU A 1 83  ? -0.504  3.188   12.630  1.00 41.62 ? 82  LEU A CG    1 
ATOM   678  C  CD1   . LEU A 1 83  ? -1.980  3.208   12.193  1.00 39.55 ? 82  LEU A CD1   1 
ATOM   679  C  CD2   . LEU A 1 83  ? -0.269  4.163   13.782  1.00 39.52 ? 82  LEU A CD2   1 
ATOM   680  N  N     . VAL A 1 84  ? 1.504   1.731   9.916   1.00 42.72 ? 83  VAL A N     1 
ATOM   681  C  CA    . VAL A 1 84  ? 2.608   2.227   9.110   1.00 42.33 ? 83  VAL A CA    1 
ATOM   682  C  C     . VAL A 1 84  ? 2.323   3.662   8.649   1.00 42.80 ? 83  VAL A C     1 
ATOM   683  O  O     . VAL A 1 84  ? 1.245   3.948   8.139   1.00 42.90 ? 83  VAL A O     1 
ATOM   684  C  CB    . VAL A 1 84  ? 2.832   1.310   7.897   1.00 42.17 ? 83  VAL A CB    1 
ATOM   685  C  CG1   . VAL A 1 84  ? 3.945   1.854   7.010   1.00 40.15 ? 83  VAL A CG1   1 
ATOM   686  C  CG2   . VAL A 1 84  ? 3.122   -0.135  8.377   1.00 41.28 ? 83  VAL A CG2   1 
ATOM   687  N  N     . GLN A 1 85  ? 3.275   4.560   8.873   1.00 43.10 ? 84  GLN A N     1 
ATOM   688  C  CA    . GLN A 1 85  ? 3.181   5.948   8.385   1.00 43.54 ? 84  GLN A CA    1 
ATOM   689  C  C     . GLN A 1 85  ? 4.279   6.155   7.348   1.00 43.79 ? 84  GLN A C     1 
ATOM   690  O  O     . GLN A 1 85  ? 5.425   5.767   7.552   1.00 44.23 ? 84  GLN A O     1 
ATOM   691  C  CB    . GLN A 1 85  ? 3.333   6.980   9.512   1.00 42.95 ? 84  GLN A CB    1 
ATOM   692  C  CG    . GLN A 1 85  ? 2.370   6.774   10.649  1.00 43.68 ? 84  GLN A CG    1 
ATOM   693  C  CD    . GLN A 1 85  ? 2.753   7.550   11.885  1.00 43.85 ? 84  GLN A CD    1 
ATOM   694  O  OE1   . GLN A 1 85  ? 2.952   8.760   11.838  1.00 46.49 ? 84  GLN A OE1   1 
ATOM   695  N  NE2   . GLN A 1 85  ? 2.843   6.858   13.002  1.00 42.82 ? 84  GLN A NE2   1 
ATOM   696  N  N     . GLU A 1 86  ? 3.926   6.770   6.237   1.00 43.91 ? 85  GLU A N     1 
ATOM   697  C  CA    . GLU A 1 86  ? 4.848   6.896   5.141   1.00 44.46 ? 85  GLU A CA    1 
ATOM   698  C  C     . GLU A 1 86  ? 4.635   8.215   4.413   1.00 43.94 ? 85  GLU A C     1 
ATOM   699  O  O     . GLU A 1 86  ? 3.510   8.683   4.324   1.00 43.98 ? 85  GLU A O     1 
ATOM   700  C  CB    . GLU A 1 86  ? 4.632   5.728   4.195   1.00 44.66 ? 85  GLU A CB    1 
ATOM   701  C  CG    . GLU A 1 86  ? 5.795   5.499   3.270   1.00 46.97 ? 85  GLU A CG    1 
ATOM   702  C  CD    . GLU A 1 86  ? 5.624   4.266   2.388   1.00 47.63 ? 85  GLU A CD    1 
ATOM   703  O  OE1   . GLU A 1 86  ? 4.503   3.689   2.397   1.00 46.25 ? 85  GLU A OE1   1 
ATOM   704  O  OE2   . GLU A 1 86  ? 6.618   3.898   1.709   1.00 45.57 ? 85  GLU A OE2   1 
ATOM   705  N  N     . ILE A 1 87  ? 5.716   8.824   3.928   1.00 43.31 ? 86  ILE A N     1 
ATOM   706  C  CA    . ILE A 1 87  ? 5.607   9.904   2.952   1.00 42.51 ? 86  ILE A CA    1 
ATOM   707  C  C     . ILE A 1 87  ? 6.022   9.284   1.613   1.00 42.59 ? 86  ILE A C     1 
ATOM   708  O  O     . ILE A 1 87  ? 7.166   8.813   1.470   1.00 42.69 ? 86  ILE A O     1 
ATOM   709  C  CB    . ILE A 1 87  ? 6.495   11.127  3.302   1.00 42.52 ? 86  ILE A CB    1 
ATOM   710  C  CG1   . ILE A 1 87  ? 5.955   11.857  4.556   1.00 41.41 ? 86  ILE A CG1   1 
ATOM   711  C  CG2   . ILE A 1 87  ? 6.593   12.064  2.103   1.00 39.83 ? 86  ILE A CG2   1 
ATOM   712  C  CD1   . ILE A 1 87  ? 6.767   13.135  4.968   1.00 38.16 ? 86  ILE A CD1   1 
ATOM   713  N  N     . VAL A 1 88  ? 5.092   9.259   0.652   1.00 42.26 ? 87  VAL A N     1 
ATOM   714  C  CA    . VAL A 1 88  ? 5.339   8.674   -0.679  1.00 41.71 ? 87  VAL A CA    1 
ATOM   715  C  C     . VAL A 1 88  ? 5.268   9.733   -1.771  1.00 41.49 ? 87  VAL A C     1 
ATOM   716  O  O     . VAL A 1 88  ? 4.497   10.686  -1.681  1.00 40.70 ? 87  VAL A O     1 
ATOM   717  C  CB    . VAL A 1 88  ? 4.315   7.574   -1.035  1.00 41.82 ? 87  VAL A CB    1 
ATOM   718  C  CG1   . VAL A 1 88  ? 4.619   6.291   -0.291  1.00 41.36 ? 87  VAL A CG1   1 
ATOM   719  C  CG2   . VAL A 1 88  ? 2.910   8.053   -0.751  1.00 40.73 ? 87  VAL A CG2   1 
ATOM   720  N  N     . GLU A 1 89  ? 6.094   9.556   -2.797  1.00 41.44 ? 88  GLU A N     1 
ATOM   721  C  CA    . GLU A 1 89  ? 5.949   10.299  -4.032  1.00 41.61 ? 88  GLU A CA    1 
ATOM   722  C  C     . GLU A 1 89  ? 5.511   9.307   -5.112  1.00 42.01 ? 88  GLU A C     1 
ATOM   723  O  O     . GLU A 1 89  ? 6.267   8.418   -5.483  1.00 42.06 ? 88  GLU A O     1 
ATOM   724  C  CB    . GLU A 1 89  ? 7.243   11.028  -4.407  1.00 41.42 ? 88  GLU A CB    1 
ATOM   725  C  CG    . GLU A 1 89  ? 7.035   12.046  -5.520  1.00 42.21 ? 88  GLU A CG    1 
ATOM   726  C  CD    . GLU A 1 89  ? 8.298   12.760  -5.930  1.00 43.52 ? 88  GLU A CD    1 
ATOM   727  O  OE1   . GLU A 1 89  ? 9.203   12.063  -6.438  1.00 44.56 ? 88  GLU A OE1   1 
ATOM   728  O  OE2   . GLU A 1 89  ? 8.372   14.009  -5.781  1.00 43.79 ? 88  GLU A OE2   1 
ATOM   729  N  N     . ASP A 1 90  ? 4.276   9.442   -5.589  1.00 42.62 ? 89  ASP A N     1 
ATOM   730  C  CA    . ASP A 1 90  ? 3.746   8.567   -6.640  1.00 43.21 ? 89  ASP A CA    1 
ATOM   731  C  C     . ASP A 1 90  ? 3.947   9.136   -8.048  1.00 43.31 ? 89  ASP A C     1 
ATOM   732  O  O     . ASP A 1 90  ? 3.677   10.315  -8.299  1.00 43.32 ? 89  ASP A O     1 
ATOM   733  C  CB    . ASP A 1 90  ? 2.254   8.334   -6.430  1.00 43.58 ? 89  ASP A CB    1 
ATOM   734  C  CG    . ASP A 1 90  ? 1.962   7.474   -5.220  1.00 45.08 ? 89  ASP A CG    1 
ATOM   735  O  OD1   . ASP A 1 90  ? 2.863   6.718   -4.814  1.00 44.19 ? 89  ASP A OD1   1 
ATOM   736  O  OD2   . ASP A 1 90  ? 0.827   7.558   -4.678  1.00 47.98 ? 89  ASP A OD2   1 
ATOM   737  N  N     . HIS A 1 91  ? 4.408   8.268   -8.957  1.00 43.27 ? 90  HIS A N     1 
ATOM   738  C  CA    . HIS A 1 91  ? 4.607   8.592   -10.372 1.00 42.85 ? 90  HIS A CA    1 
ATOM   739  C  C     . HIS A 1 91  ? 3.863   7.547   -11.211 1.00 43.16 ? 90  HIS A C     1 
ATOM   740  O  O     . HIS A 1 91  ? 4.255   6.378   -11.216 1.00 43.48 ? 90  HIS A O     1 
ATOM   741  C  CB    . HIS A 1 91  ? 6.103   8.533   -10.733 1.00 42.38 ? 90  HIS A CB    1 
ATOM   742  C  CG    . HIS A 1 91  ? 6.971   9.474   -9.955  1.00 41.82 ? 90  HIS A CG    1 
ATOM   743  N  ND1   . HIS A 1 91  ? 7.506   10.620  -10.502 1.00 42.29 ? 90  HIS A ND1   1 
ATOM   744  C  CD2   . HIS A 1 91  ? 7.429   9.418   -8.682  1.00 42.46 ? 90  HIS A CD2   1 
ATOM   745  C  CE1   . HIS A 1 91  ? 8.240   11.240  -9.594  1.00 42.43 ? 90  HIS A CE1   1 
ATOM   746  N  NE2   . HIS A 1 91  ? 8.210   10.530  -8.480  1.00 42.58 ? 90  HIS A NE2   1 
ATOM   747  N  N     . PHE A 1 92  ? 2.804   7.938   -11.919 1.00 43.56 ? 91  PHE A N     1 
ATOM   748  C  CA    . PHE A 1 92  ? 2.160   7.013   -12.865 1.00 44.22 ? 91  PHE A CA    1 
ATOM   749  C  C     . PHE A 1 92  ? 1.483   7.660   -14.069 1.00 45.20 ? 91  PHE A C     1 
ATOM   750  O  O     . PHE A 1 92  ? 1.160   8.848   -14.040 1.00 45.59 ? 91  PHE A O     1 
ATOM   751  C  CB    . PHE A 1 92  ? 1.166   6.079   -12.154 1.00 44.18 ? 91  PHE A CB    1 
ATOM   752  C  CG    . PHE A 1 92  ? 0.026   6.781   -11.462 1.00 44.04 ? 91  PHE A CG    1 
ATOM   753  C  CD1   . PHE A 1 92  ? -1.056  7.267   -12.181 1.00 45.04 ? 91  PHE A CD1   1 
ATOM   754  C  CD2   . PHE A 1 92  ? 0.019   6.917   -10.074 1.00 42.87 ? 91  PHE A CD2   1 
ATOM   755  C  CE1   . PHE A 1 92  ? -2.121  7.908   -11.524 1.00 45.33 ? 91  PHE A CE1   1 
ATOM   756  C  CE2   . PHE A 1 92  ? -1.010  7.528   -9.426  1.00 43.34 ? 91  PHE A CE2   1 
ATOM   757  C  CZ    . PHE A 1 92  ? -2.095  8.032   -10.145 1.00 44.63 ? 91  PHE A CZ    1 
ATOM   758  N  N     . SER A 1 93  ? 1.277   6.854   -15.119 1.00 46.20 ? 92  SER A N     1 
ATOM   759  C  CA    . SER A 1 93  ? 0.526   7.262   -16.307 1.00 47.11 ? 92  SER A CA    1 
ATOM   760  C  C     . SER A 1 93  ? -0.915  6.783   -16.213 1.00 47.88 ? 92  SER A C     1 
ATOM   761  O  O     . SER A 1 93  ? -1.180  5.687   -15.703 1.00 47.54 ? 92  SER A O     1 
ATOM   762  C  CB    . SER A 1 93  ? 1.138   6.688   -17.593 1.00 47.34 ? 92  SER A CB    1 
ATOM   763  O  OG    . SER A 1 93  ? 2.454   7.164   -17.827 1.00 48.31 ? 92  SER A OG    1 
ATOM   764  N  N     . TYR A 1 94  ? -1.822  7.613   -16.731 1.00 48.98 ? 93  TYR A N     1 
ATOM   765  C  CA    . TYR A 1 94  ? -3.255  7.359   -16.725 1.00 50.04 ? 93  TYR A CA    1 
ATOM   766  C  C     . TYR A 1 94  ? -3.805  8.032   -17.963 1.00 50.11 ? 93  TYR A C     1 
ATOM   767  O  O     . TYR A 1 94  ? -3.961  9.243   -18.001 1.00 50.55 ? 93  TYR A O     1 
ATOM   768  C  CB    . TYR A 1 94  ? -3.883  7.961   -15.457 1.00 50.64 ? 93  TYR A CB    1 
ATOM   769  C  CG    . TYR A 1 94  ? -5.284  7.475   -15.113 1.00 53.34 ? 93  TYR A CG    1 
ATOM   770  C  CD1   . TYR A 1 94  ? -6.400  7.919   -15.832 1.00 55.27 ? 93  TYR A CD1   1 
ATOM   771  C  CD2   . TYR A 1 94  ? -5.491  6.588   -14.034 1.00 56.60 ? 93  TYR A CD2   1 
ATOM   772  C  CE1   . TYR A 1 94  ? -7.688  7.478   -15.517 1.00 57.56 ? 93  TYR A CE1   1 
ATOM   773  C  CE2   . TYR A 1 94  ? -6.780  6.138   -13.691 1.00 58.17 ? 93  TYR A CE2   1 
ATOM   774  C  CZ    . TYR A 1 94  ? -7.875  6.590   -14.442 1.00 60.23 ? 93  TYR A CZ    1 
ATOM   775  O  OH    . TYR A 1 94  ? -9.154  6.157   -14.108 1.00 63.87 ? 93  TYR A OH    1 
ATOM   776  N  N     . GLY A 1 95  ? -4.054  7.249   -18.999 1.00 50.62 ? 94  GLY A N     1 
ATOM   777  C  CA    . GLY A 1 95  ? -4.546  7.790   -20.271 1.00 50.96 ? 94  GLY A CA    1 
ATOM   778  C  C     . GLY A 1 95  ? -3.501  8.485   -21.136 1.00 51.15 ? 94  GLY A C     1 
ATOM   779  O  O     . GLY A 1 95  ? -3.830  9.429   -21.853 1.00 50.98 ? 94  GLY A O     1 
ATOM   780  N  N     . ARG A 1 96  ? -2.246  8.014   -21.069 1.00 51.32 ? 95  ARG A N     1 
ATOM   781  C  CA    . ARG A 1 96  ? -1.116  8.531   -21.903 1.00 51.48 ? 95  ARG A CA    1 
ATOM   782  C  C     . ARG A 1 96  ? -0.490  9.859   -21.379 1.00 51.12 ? 95  ARG A C     1 
ATOM   783  O  O     . ARG A 1 96  ? 0.577   10.284  -21.894 1.00 51.66 ? 95  ARG A O     1 
ATOM   784  C  CB    . ARG A 1 96  ? -1.490  8.628   -23.410 1.00 51.12 ? 95  ARG A CB    1 
ATOM   785  N  N     . SER A 1 97  ? -1.139  10.481  -20.372 1.00 49.79 ? 96  SER A N     1 
ATOM   786  C  CA    . SER A 1 97  ? -0.563  11.590  -19.586 1.00 48.52 ? 96  SER A CA    1 
ATOM   787  C  C     . SER A 1 97  ? 0.185   10.985  -18.413 1.00 47.34 ? 96  SER A C     1 
ATOM   788  O  O     . SER A 1 97  ? -0.063  9.843   -18.064 1.00 47.65 ? 96  SER A O     1 
ATOM   789  C  CB    . SER A 1 97  ? -1.649  12.540  -19.068 1.00 48.32 ? 96  SER A CB    1 
ATOM   790  O  OG    . SER A 1 97  ? -2.520  12.948  -20.103 1.00 48.04 ? 96  SER A OG    1 
HETATM 791  N  N     . MSE A 1 98  ? 1.065   11.765  -17.791 1.00 46.21 ? 97  MSE A N     1 
HETATM 792  C  CA    A MSE A 1 98  ? 1.925   11.277  -16.692 0.70 45.85 ? 97  MSE A CA    1 
HETATM 793  C  CA    B MSE A 1 98  ? 1.913   11.273  -16.725 0.30 45.44 ? 97  MSE A CA    1 
HETATM 794  C  C     . MSE A 1 98  ? 1.767   12.203  -15.501 1.00 45.04 ? 97  MSE A C     1 
HETATM 795  O  O     . MSE A 1 98  ? 1.900   13.415  -15.623 1.00 43.87 ? 97  MSE A O     1 
HETATM 796  C  CB    A MSE A 1 98  ? 3.411   11.237  -17.091 0.70 46.17 ? 97  MSE A CB    1 
HETATM 797  C  CB    B MSE A 1 98  ? 3.347   11.203  -17.264 0.30 45.38 ? 97  MSE A CB    1 
HETATM 798  C  CG    A MSE A 1 98  ? 4.128   9.870   -16.928 0.70 47.30 ? 97  MSE A CG    1 
HETATM 799  C  CG    B MSE A 1 98  ? 3.418   11.154  -18.833 0.30 44.89 ? 97  MSE A CG    1 
HETATM 800  SE SE    A MSE A 1 98  ? 4.480   9.115   -15.115 0.53 50.38 ? 97  MSE A SE    1 
HETATM 801  SE SE    B MSE A 1 98  ? 3.500   9.429   -19.751 0.22 43.55 ? 97  MSE A SE    1 
HETATM 802  C  CE    A MSE A 1 98  ? 5.368   7.447   -15.687 0.70 46.30 ? 97  MSE A CE    1 
HETATM 803  C  CE    B MSE A 1 98  ? 3.581   10.069  -21.607 0.30 42.79 ? 97  MSE A CE    1 
ATOM   804  N  N     . TYR A 1 99  ? 1.498   11.618  -14.331 1.00 44.58 ? 98  TYR A N     1 
ATOM   805  C  CA    . TYR A 1 99  ? 1.159   12.383  -13.118 1.00 44.21 ? 98  TYR A CA    1 
ATOM   806  C  C     . TYR A 1 99  ? 2.167   12.192  -11.963 1.00 43.97 ? 98  TYR A C     1 
ATOM   807  O  O     . TYR A 1 99  ? 2.733   11.118  -11.804 1.00 43.96 ? 98  TYR A O     1 
ATOM   808  C  CB    . TYR A 1 99  ? -0.283  12.029  -12.675 1.00 44.05 ? 98  TYR A CB    1 
ATOM   809  C  CG    . TYR A 1 99  ? -1.351  12.323  -13.726 1.00 43.81 ? 98  TYR A CG    1 
ATOM   810  C  CD1   . TYR A 1 99  ? -1.652  11.398  -14.715 1.00 45.02 ? 98  TYR A CD1   1 
ATOM   811  C  CD2   . TYR A 1 99  ? -2.043  13.537  -13.739 1.00 44.35 ? 98  TYR A CD2   1 
ATOM   812  C  CE1   . TYR A 1 99  ? -2.611  11.673  -15.703 1.00 44.95 ? 98  TYR A CE1   1 
ATOM   813  C  CE2   . TYR A 1 99  ? -3.008  13.819  -14.719 1.00 44.06 ? 98  TYR A CE2   1 
ATOM   814  C  CZ    . TYR A 1 99  ? -3.285  12.881  -15.695 1.00 44.64 ? 98  TYR A CZ    1 
ATOM   815  O  OH    . TYR A 1 99  ? -4.216  13.142  -16.686 1.00 45.78 ? 98  TYR A OH    1 
ATOM   816  N  N     . ILE A 1 100 ? 2.411   13.246  -11.179 1.00 43.71 ? 99  ILE A N     1 
ATOM   817  C  CA    . ILE A 1 100 ? 3.198   13.131  -9.927  1.00 43.35 ? 99  ILE A CA    1 
ATOM   818  C  C     . ILE A 1 100 ? 2.363   13.700  -8.781  1.00 43.37 ? 99  ILE A C     1 
ATOM   819  O  O     . ILE A 1 100 ? 1.597   14.679  -8.965  1.00 43.16 ? 99  ILE A O     1 
ATOM   820  C  CB    . ILE A 1 100 ? 4.573   13.880  -9.971  1.00 43.17 ? 99  ILE A CB    1 
ATOM   821  C  CG1   . ILE A 1 100 ? 5.336   13.526  -11.245 1.00 44.19 ? 99  ILE A CG1   1 
ATOM   822  C  CG2   . ILE A 1 100 ? 5.424   13.539  -8.743  1.00 42.31 ? 99  ILE A CG2   1 
ATOM   823  C  CD1   . ILE A 1 100 ? 6.775   14.094  -11.328 1.00 45.60 ? 99  ILE A CD1   1 
ATOM   824  N  N     . GLY A 1 101 ? 2.518   13.098  -7.607  1.00 42.68 ? 100 GLY A N     1 
ATOM   825  C  CA    . GLY A 1 101 ? 1.807   13.553  -6.418  1.00 42.23 ? 100 GLY A CA    1 
ATOM   826  C  C     . GLY A 1 101 ? 2.453   12.986  -5.183  1.00 41.88 ? 100 GLY A C     1 
ATOM   827  O  O     . GLY A 1 101 ? 2.861   11.820  -5.169  1.00 40.97 ? 100 GLY A O     1 
ATOM   828  N  N     . ARG A 1 102 ? 2.587   13.830  -4.165  1.00 41.78 ? 101 ARG A N     1 
ATOM   829  C  CA    . ARG A 1 102 ? 3.139   13.409  -2.880  1.00 41.82 ? 101 ARG A CA    1 
ATOM   830  C  C     . ARG A 1 102 ? 2.058   13.304  -1.807  1.00 41.48 ? 101 ARG A C     1 
ATOM   831  O  O     . ARG A 1 102 ? 1.095   14.044  -1.812  1.00 40.77 ? 101 ARG A O     1 
ATOM   832  C  CB    . ARG A 1 102 ? 4.227   14.369  -2.446  1.00 41.84 ? 101 ARG A CB    1 
ATOM   833  C  CG    . ARG A 1 102 ? 5.402   14.306  -3.335  1.00 42.57 ? 101 ARG A CG    1 
ATOM   834  C  CD    . ARG A 1 102 ? 6.532   15.229  -2.909  1.00 43.91 ? 101 ARG A CD    1 
ATOM   835  N  NE    . ARG A 1 102 ? 7.083   14.918  -1.590  1.00 43.70 ? 101 ARG A NE    1 
ATOM   836  C  CZ    . ARG A 1 102 ? 6.860   15.633  -0.485  1.00 44.60 ? 101 ARG A CZ    1 
ATOM   837  N  NH1   . ARG A 1 102 ? 6.078   16.713  -0.498  1.00 44.90 ? 101 ARG A NH1   1 
ATOM   838  N  NH2   . ARG A 1 102 ? 7.421   15.268  0.656   1.00 45.46 ? 101 ARG A NH2   1 
ATOM   839  N  N     . PHE A 1 103 ? 2.221   12.361  -0.890  1.00 41.99 ? 102 PHE A N     1 
ATOM   840  C  CA    . PHE A 1 103 ? 1.203   12.120  0.131   1.00 42.40 ? 102 PHE A CA    1 
ATOM   841  C  C     . PHE A 1 103 ? 1.827   11.727  1.444   1.00 42.21 ? 102 PHE A C     1 
ATOM   842  O  O     . PHE A 1 103 ? 2.917   11.140  1.479   1.00 42.54 ? 102 PHE A O     1 
ATOM   843  C  CB    . PHE A 1 103 ? 0.233   10.988  -0.270  1.00 42.46 ? 102 PHE A CB    1 
ATOM   844  C  CG    . PHE A 1 103 ? -0.461  11.203  -1.584  1.00 42.91 ? 102 PHE A CG    1 
ATOM   845  C  CD1   . PHE A 1 103 ? -1.593  11.969  -1.662  1.00 44.56 ? 102 PHE A CD1   1 
ATOM   846  C  CD2   . PHE A 1 103 ? 0.010   10.603  -2.739  1.00 44.84 ? 102 PHE A CD2   1 
ATOM   847  C  CE1   . PHE A 1 103 ? -2.244  12.156  -2.890  1.00 45.05 ? 102 PHE A CE1   1 
ATOM   848  C  CE2   . PHE A 1 103 ? -0.631  10.788  -3.962  1.00 44.88 ? 102 PHE A CE2   1 
ATOM   849  C  CZ    . PHE A 1 103 ? -1.760  11.552  -4.027  1.00 44.11 ? 102 PHE A CZ    1 
ATOM   850  N  N     . ARG A 1 104 ? 1.128   12.093  2.514   1.00 41.69 ? 103 ARG A N     1 
ATOM   851  C  CA    A ARG A 1 104 ? 1.373   11.520  3.822   0.50 41.33 ? 103 ARG A CA    1 
ATOM   852  C  CA    B ARG A 1 104 ? 1.372   11.530  3.827   0.50 41.52 ? 103 ARG A CA    1 
ATOM   853  C  C     . ARG A 1 104 ? 0.341   10.418  3.940   1.00 41.41 ? 103 ARG A C     1 
ATOM   854  O  O     . ARG A 1 104 ? -0.855  10.672  3.822   1.00 41.94 ? 103 ARG A O     1 
ATOM   855  C  CB    A ARG A 1 104 ? 1.198   12.578  4.912   0.50 41.14 ? 103 ARG A CB    1 
ATOM   856  C  CB    B ARG A 1 104 ? 1.169   12.590  4.916   0.50 41.48 ? 103 ARG A CB    1 
ATOM   857  C  CG    A ARG A 1 104 ? 1.288   12.062  6.325   0.50 40.53 ? 103 ARG A CG    1 
ATOM   858  C  CG    B ARG A 1 104 ? 2.013   12.393  6.154   0.50 41.68 ? 103 ARG A CG    1 
ATOM   859  C  CD    A ARG A 1 104 ? 2.509   11.187  6.560   0.50 40.44 ? 103 ARG A CD    1 
ATOM   860  C  CD    B ARG A 1 104 ? 3.030   13.534  6.394   0.50 42.79 ? 103 ARG A CD    1 
ATOM   861  N  NE    A ARG A 1 104 ? 2.556   10.775  7.960   0.50 41.50 ? 103 ARG A NE    1 
ATOM   862  N  NE    B ARG A 1 104 ? 3.579   13.391  7.738   0.50 44.35 ? 103 ARG A NE    1 
ATOM   863  C  CZ    A ARG A 1 104 ? 3.399   11.270  8.859   0.50 41.68 ? 103 ARG A CZ    1 
ATOM   864  C  CZ    B ARG A 1 104 ? 3.371   12.312  8.504   0.50 45.79 ? 103 ARG A CZ    1 
ATOM   865  N  NH1   A ARG A 1 104 ? 4.301   12.166  8.485   0.50 42.48 ? 103 ARG A NH1   1 
ATOM   866  N  NH1   B ARG A 1 104 ? 3.873   12.237  9.732   0.50 45.79 ? 103 ARG A NH1   1 
ATOM   867  N  NH2   A ARG A 1 104 ? 3.353   10.861  10.119  0.50 40.69 ? 103 ARG A NH2   1 
ATOM   868  N  NH2   B ARG A 1 104 ? 2.657   11.294  8.035   0.50 46.47 ? 103 ARG A NH2   1 
ATOM   869  N  N     . SER A 1 105 ? 0.786   9.182   4.131   1.00 41.50 ? 104 SER A N     1 
ATOM   870  C  CA    . SER A 1 105 ? -0.148  8.056   4.184   1.00 41.57 ? 104 SER A CA    1 
ATOM   871  C  C     . SER A 1 105 ? -0.060  7.305   5.511   1.00 41.56 ? 104 SER A C     1 
ATOM   872  O  O     . SER A 1 105 ? 0.999   7.315   6.171   1.00 41.15 ? 104 SER A O     1 
ATOM   873  C  CB    . SER A 1 105 ? 0.109   7.101   3.025   1.00 41.57 ? 104 SER A CB    1 
ATOM   874  O  OG    . SER A 1 105 ? 1.197   6.267   3.321   1.00 43.92 ? 104 SER A OG    1 
ATOM   875  N  N     . VAL A 1 106 ? -1.196  6.709   5.913   1.00 41.14 ? 105 VAL A N     1 
ATOM   876  C  CA    . VAL A 1 106 ? -1.273  5.791   7.047   1.00 40.47 ? 105 VAL A CA    1 
ATOM   877  C  C     . VAL A 1 106 ? -1.946  4.507   6.605   1.00 41.29 ? 105 VAL A C     1 
ATOM   878  O  O     . VAL A 1 106 ? -2.867  4.540   5.817   1.00 41.22 ? 105 VAL A O     1 
ATOM   879  C  CB    . VAL A 1 106 ? -1.999  6.380   8.270   1.00 40.56 ? 105 VAL A CB    1 
ATOM   880  C  CG1   . VAL A 1 106 ? -3.425  6.865   7.948   1.00 37.63 ? 105 VAL A CG1   1 
ATOM   881  C  CG2   . VAL A 1 106 ? -1.963  5.356   9.421   1.00 39.13 ? 105 VAL A CG2   1 
ATOM   882  N  N     . SER A 1 107 ? -1.447  3.373   7.090   1.00 42.70 ? 106 SER A N     1 
ATOM   883  C  CA    . SER A 1 107 ? -2.028  2.061   6.800   1.00 43.10 ? 106 SER A CA    1 
ATOM   884  C  C     . SER A 1 107 ? -2.101  1.233   8.056   1.00 42.71 ? 106 SER A C     1 
ATOM   885  O  O     . SER A 1 107 ? -1.351  1.446   9.015   1.00 42.96 ? 106 SER A O     1 
ATOM   886  C  CB    . SER A 1 107 ? -1.151  1.325   5.805   1.00 43.60 ? 106 SER A CB    1 
ATOM   887  O  OG    . SER A 1 107 ? -0.211  2.221   5.270   1.00 46.76 ? 106 SER A OG    1 
ATOM   888  N  N     . LEU A 1 108 ? -3.021  0.286   8.047   1.00 42.65 ? 107 LEU A N     1 
ATOM   889  C  CA    . LEU A 1 108 ? -3.117  -0.699  9.107   1.00 42.35 ? 107 LEU A CA    1 
ATOM   890  C  C     . LEU A 1 108 ? -3.070  -2.092  8.467   1.00 42.83 ? 107 LEU A C     1 
ATOM   891  O  O     . LEU A 1 108 ? -3.725  -2.345  7.440   1.00 42.11 ? 107 LEU A O     1 
ATOM   892  C  CB    . LEU A 1 108 ? -4.405  -0.528  9.896   1.00 41.63 ? 107 LEU A CB    1 
ATOM   893  C  CG    . LEU A 1 108 ? -4.420  -1.237  11.246  1.00 40.82 ? 107 LEU A CG    1 
ATOM   894  C  CD1   . LEU A 1 108 ? -3.699  -0.387  12.277  1.00 37.89 ? 107 LEU A CD1   1 
ATOM   895  C  CD2   . LEU A 1 108 ? -5.827  -1.500  11.705  1.00 39.50 ? 107 LEU A CD2   1 
ATOM   896  N  N     . TYR A 1 109 ? -2.269  -2.968  9.064   1.00 43.28 ? 108 TYR A N     1 
ATOM   897  C  CA    . TYR A 1 109 ? -2.221  -4.361  8.669   1.00 43.70 ? 108 TYR A CA    1 
ATOM   898  C  C     . TYR A 1 109 ? -2.773  -5.205  9.810   1.00 43.87 ? 108 TYR A C     1 
ATOM   899  O  O     . TYR A 1 109 ? -2.694  -4.827  10.966  1.00 44.05 ? 108 TYR A O     1 
ATOM   900  C  CB    . TYR A 1 109 ? -0.791  -4.736  8.259   1.00 43.98 ? 108 TYR A CB    1 
ATOM   901  C  CG    . TYR A 1 109 ? -0.284  -3.814  7.170   1.00 44.43 ? 108 TYR A CG    1 
ATOM   902  C  CD1   . TYR A 1 109 ? 0.185   -2.548  7.482   1.00 46.60 ? 108 TYR A CD1   1 
ATOM   903  C  CD2   . TYR A 1 109 ? -0.319  -4.181  5.840   1.00 45.78 ? 108 TYR A CD2   1 
ATOM   904  C  CE1   . TYR A 1 109 ? 0.625   -1.673  6.514   1.00 47.11 ? 108 TYR A CE1   1 
ATOM   905  C  CE2   . TYR A 1 109 ? 0.127   -3.292  4.838   1.00 48.65 ? 108 TYR A CE2   1 
ATOM   906  C  CZ    . TYR A 1 109 ? 0.585   -2.032  5.199   1.00 49.04 ? 108 TYR A CZ    1 
ATOM   907  O  OH    . TYR A 1 109 ? 1.014   -1.114  4.262   1.00 53.01 ? 108 TYR A OH    1 
ATOM   908  N  N     . HIS A 1 110 ? -3.387  -6.320  9.457   1.00 44.36 ? 109 HIS A N     1 
ATOM   909  C  CA    . HIS A 1 110 ? -4.060  -7.210  10.393  1.00 44.39 ? 109 HIS A CA    1 
ATOM   910  C  C     . HIS A 1 110 ? -3.389  -8.578  10.314  1.00 44.15 ? 109 HIS A C     1 
ATOM   911  O  O     . HIS A 1 110 ? -3.318  -9.198  9.254   1.00 43.18 ? 109 HIS A O     1 
ATOM   912  C  CB    . HIS A 1 110 ? -5.550  -7.296  10.031  1.00 44.60 ? 109 HIS A CB    1 
ATOM   913  C  CG    . HIS A 1 110 ? -6.382  -8.092  10.986  1.00 46.27 ? 109 HIS A CG    1 
ATOM   914  N  ND1   . HIS A 1 110 ? -6.160  -8.102  12.347  1.00 49.55 ? 109 HIS A ND1   1 
ATOM   915  C  CD2   . HIS A 1 110 ? -7.457  -8.888  10.774  1.00 48.07 ? 109 HIS A CD2   1 
ATOM   916  C  CE1   . HIS A 1 110 ? -7.045  -8.895  12.930  1.00 49.75 ? 109 HIS A CE1   1 
ATOM   917  N  NE2   . HIS A 1 110 ? -7.842  -9.383  11.997  1.00 48.49 ? 109 HIS A NE2   1 
ATOM   918  N  N     . TRP A 1 111 ? -2.895  -9.016  11.469  1.00 44.79 ? 110 TRP A N     1 
ATOM   919  C  CA    . TRP A 1 111 ? -2.232  -10.306 11.662  1.00 44.88 ? 110 TRP A CA    1 
ATOM   920  C  C     . TRP A 1 111 ? -3.227  -11.341 12.202  1.00 45.01 ? 110 TRP A C     1 
ATOM   921  O  O     . TRP A 1 111 ? -3.654  -11.284 13.349  1.00 44.92 ? 110 TRP A O     1 
ATOM   922  C  CB    . TRP A 1 111 ? -1.054  -10.101 12.623  1.00 44.92 ? 110 TRP A CB    1 
ATOM   923  C  CG    . TRP A 1 111 ? -0.361  -11.345 13.150  1.00 45.03 ? 110 TRP A CG    1 
ATOM   924  C  CD1   . TRP A 1 111 ? -0.570  -11.942 14.363  1.00 42.92 ? 110 TRP A CD1   1 
ATOM   925  C  CD2   . TRP A 1 111 ? 0.706   -12.084 12.515  1.00 43.54 ? 110 TRP A CD2   1 
ATOM   926  N  NE1   . TRP A 1 111 ? 0.268   -13.009 14.505  1.00 43.80 ? 110 TRP A NE1   1 
ATOM   927  C  CE2   . TRP A 1 111 ? 1.063   -13.123 13.393  1.00 44.17 ? 110 TRP A CE2   1 
ATOM   928  C  CE3   . TRP A 1 111 ? 1.375   -11.972 11.292  1.00 44.31 ? 110 TRP A CE3   1 
ATOM   929  C  CZ2   . TRP A 1 111 ? 2.066   -14.059 13.084  1.00 44.95 ? 110 TRP A CZ2   1 
ATOM   930  C  CZ3   . TRP A 1 111 ? 2.368   -12.904 10.973  1.00 46.49 ? 110 TRP A CZ3   1 
ATOM   931  C  CH2   . TRP A 1 111 ? 2.706   -13.932 11.872  1.00 46.12 ? 110 TRP A CH2   1 
ATOM   932  N  N     . ALA A 1 112 ? -3.625  -12.266 11.335  1.00 45.78 ? 111 ALA A N     1 
ATOM   933  C  CA    . ALA A 1 112 ? -4.557  -13.357 11.680  1.00 45.67 ? 111 ALA A CA    1 
ATOM   934  C  C     . ALA A 1 112 ? -4.059  -14.611 10.996  1.00 45.84 ? 111 ALA A C     1 
ATOM   935  O  O     . ALA A 1 112 ? -3.478  -14.543 9.906   1.00 45.57 ? 111 ALA A O     1 
ATOM   936  C  CB    . ALA A 1 112 ? -5.990  -13.026 11.219  1.00 45.48 ? 111 ALA A CB    1 
ATOM   937  N  N     . ASN A 1 113 ? -4.270  -15.752 11.641  1.00 46.57 ? 112 ASN A N     1 
ATOM   938  C  CA    . ASN A 1 113 ? -3.924  -17.059 11.065  1.00 46.82 ? 112 ASN A CA    1 
ATOM   939  C  C     . ASN A 1 113 ? -2.467  -17.122 10.606  1.00 46.95 ? 112 ASN A C     1 
ATOM   940  O  O     . ASN A 1 113 ? -2.170  -17.656 9.540   1.00 46.54 ? 112 ASN A O     1 
ATOM   941  C  CB    . ASN A 1 113 ? -4.890  -17.412 9.922   1.00 46.82 ? 112 ASN A CB    1 
ATOM   942  C  CG    . ASN A 1 113 ? -6.318  -17.636 10.420  1.00 48.01 ? 112 ASN A CG    1 
ATOM   943  O  OD1   . ASN A 1 113 ? -6.613  -18.638 11.085  1.00 49.20 ? 112 ASN A OD1   1 
ATOM   944  N  ND2   . ASN A 1 113 ? -7.206  -16.697 10.111  1.00 49.03 ? 112 ASN A ND2   1 
ATOM   945  N  N     . GLU A 1 114 ? -1.574  -16.545 11.421  1.00 47.42 ? 113 GLU A N     1 
ATOM   946  C  CA    . GLU A 1 114 ? -0.128  -16.558 11.170  1.00 47.72 ? 113 GLU A CA    1 
ATOM   947  C  C     . GLU A 1 114 ? 0.292   -15.829 9.885   1.00 47.13 ? 113 GLU A C     1 
ATOM   948  O  O     . GLU A 1 114 ? 1.326   -16.148 9.303   1.00 47.08 ? 113 GLU A O     1 
ATOM   949  C  CB    . GLU A 1 114 ? 0.370   -18.005 11.091  1.00 48.47 ? 113 GLU A CB    1 
ATOM   950  C  CG    . GLU A 1 114 ? -0.111  -18.939 12.223  1.00 50.27 ? 113 GLU A CG    1 
ATOM   951  C  CD    . GLU A 1 114 ? 0.845   -18.951 13.383  1.00 51.80 ? 113 GLU A CD    1 
ATOM   952  O  OE1   . GLU A 1 114 ? 1.082   -17.858 13.952  1.00 50.89 ? 113 GLU A OE1   1 
ATOM   953  O  OE2   . GLU A 1 114 ? 1.358   -20.058 13.700  1.00 53.41 ? 113 GLU A OE2   1 
ATOM   954  N  N     . GLY A 1 115 ? -0.512  -14.866 9.434   1.00 46.37 ? 114 GLY A N     1 
ATOM   955  C  CA    . GLY A 1 115 ? -0.222  -14.120 8.209   1.00 45.49 ? 114 GLY A CA    1 
ATOM   956  C  C     . GLY A 1 115 ? -0.680  -12.693 8.372   1.00 44.71 ? 114 GLY A C     1 
ATOM   957  O  O     . GLY A 1 115 ? -1.536  -12.422 9.211   1.00 44.63 ? 114 GLY A O     1 
ATOM   958  N  N     . TRP A 1 116 ? -0.091  -11.780 7.595   1.00 43.71 ? 115 TRP A N     1 
ATOM   959  C  CA    . TRP A 1 116 ? -0.511  -10.374 7.578   1.00 42.81 ? 115 TRP A CA    1 
ATOM   960  C  C     . TRP A 1 116 ? -1.377  -10.118 6.370   1.00 42.56 ? 115 TRP A C     1 
ATOM   961  O  O     . TRP A 1 116 ? -1.168  -10.698 5.327   1.00 42.74 ? 115 TRP A O     1 
ATOM   962  C  CB    . TRP A 1 116 ? 0.671   -9.395  7.491   1.00 42.37 ? 115 TRP A CB    1 
ATOM   963  C  CG    . TRP A 1 116 ? 1.494   -9.197  8.717   1.00 41.41 ? 115 TRP A CG    1 
ATOM   964  C  CD1   . TRP A 1 116 ? 2.746   -9.683  8.937   1.00 42.37 ? 115 TRP A CD1   1 
ATOM   965  C  CD2   . TRP A 1 116 ? 1.160   -8.415  9.877   1.00 41.70 ? 115 TRP A CD2   1 
ATOM   966  N  NE1   . TRP A 1 116 ? 3.207   -9.280  10.175  1.00 43.53 ? 115 TRP A NE1   1 
ATOM   967  C  CE2   . TRP A 1 116 ? 2.256   -8.494  10.768  1.00 41.60 ? 115 TRP A CE2   1 
ATOM   968  C  CE3   . TRP A 1 116 ? 0.043   -7.664  10.252  1.00 41.24 ? 115 TRP A CE3   1 
ATOM   969  C  CZ2   . TRP A 1 116 ? 2.257   -7.871  12.009  1.00 40.18 ? 115 TRP A CZ2   1 
ATOM   970  C  CZ3   . TRP A 1 116 ? 0.055   -7.039  11.486  1.00 41.21 ? 115 TRP A CZ3   1 
ATOM   971  C  CH2   . TRP A 1 116 ? 1.159   -7.144  12.349  1.00 40.10 ? 115 TRP A CH2   1 
ATOM   972  N  N     . LYS A 1 117 ? -2.319  -9.202  6.508   1.00 42.71 ? 116 LYS A N     1 
ATOM   973  C  CA    . LYS A 1 117 ? -3.021  -8.631  5.366   1.00 42.63 ? 116 LYS A CA    1 
ATOM   974  C  C     . LYS A 1 117 ? -3.094  -7.107  5.489   1.00 41.85 ? 116 LYS A C     1 
ATOM   975  O  O     . LYS A 1 117 ? -3.089  -6.574  6.573   1.00 41.61 ? 116 LYS A O     1 
ATOM   976  C  CB    . LYS A 1 117 ? -4.420  -9.231  5.259   1.00 42.91 ? 116 LYS A CB    1 
ATOM   977  C  CG    . LYS A 1 117 ? -4.423  -10.670 4.736   1.00 43.87 ? 116 LYS A CG    1 
ATOM   978  C  CD    . LYS A 1 117 ? -5.803  -11.288 4.878   1.00 46.13 ? 116 LYS A CD    1 
ATOM   979  C  CE    . LYS A 1 117 ? -5.826  -12.763 4.503   1.00 46.91 ? 116 LYS A CE    1 
ATOM   980  N  NZ    . LYS A 1 117 ? -6.164  -12.920 3.072   1.00 48.65 ? 116 LYS A NZ    1 
ATOM   981  N  N     . TRP A 1 118 ? -3.147  -6.427  4.354   1.00 41.50 ? 117 TRP A N     1 
ATOM   982  C  CA    . TRP A 1 118 ? -3.368  -4.975  4.285   1.00 40.87 ? 117 TRP A CA    1 
ATOM   983  C  C     . TRP A 1 118 ? -4.861  -4.716  4.452   1.00 40.19 ? 117 TRP A C     1 
ATOM   984  O  O     . TRP A 1 118 ? -5.678  -5.272  3.715   1.00 40.22 ? 117 TRP A O     1 
ATOM   985  C  CB    . TRP A 1 118 ? -2.868  -4.495  2.927   1.00 40.93 ? 117 TRP A CB    1 
ATOM   986  C  CG    . TRP A 1 118 ? -2.841  -3.030  2.675   1.00 41.15 ? 117 TRP A CG    1 
ATOM   987  C  CD1   . TRP A 1 118 ? -2.785  -2.029  3.591   1.00 41.22 ? 117 TRP A CD1   1 
ATOM   988  C  CD2   . TRP A 1 118 ? -2.774  -2.402  1.389   1.00 41.52 ? 117 TRP A CD2   1 
ATOM   989  N  NE1   . TRP A 1 118 ? -2.718  -0.814  2.955   1.00 40.78 ? 117 TRP A NE1   1 
ATOM   990  C  CE2   . TRP A 1 118 ? -2.716  -1.016  1.604   1.00 41.25 ? 117 TRP A CE2   1 
ATOM   991  C  CE3   . TRP A 1 118 ? -2.768  -2.884  0.072   1.00 42.40 ? 117 TRP A CE3   1 
ATOM   992  C  CZ2   . TRP A 1 118 ? -2.644  -0.098  0.555   1.00 43.88 ? 117 TRP A CZ2   1 
ATOM   993  C  CZ3   . TRP A 1 118 ? -2.713  -1.973  -0.975  1.00 43.23 ? 117 TRP A CZ3   1 
ATOM   994  C  CH2   . TRP A 1 118 ? -2.650  -0.596  -0.727  1.00 44.58 ? 117 TRP A CH2   1 
ATOM   995  N  N     . HIS A 1 119 ? -5.214  -3.911  5.443   1.00 39.79 ? 118 HIS A N     1 
ATOM   996  C  CA    . HIS A 1 119 ? -6.598  -3.766  5.895   1.00 40.02 ? 118 HIS A CA    1 
ATOM   997  C  C     . HIS A 1 119 ? -7.167  -2.391  5.608   1.00 39.84 ? 118 HIS A C     1 
ATOM   998  O  O     . HIS A 1 119 ? -8.320  -2.271  5.191   1.00 40.09 ? 118 HIS A O     1 
ATOM   999  C  CB    . HIS A 1 119 ? -6.687  -4.034  7.398   1.00 40.37 ? 118 HIS A CB    1 
ATOM   1000 C  CG    . HIS A 1 119 ? -8.056  -3.817  7.977   1.00 42.31 ? 118 HIS A CG    1 
ATOM   1001 N  ND1   . HIS A 1 119 ? -9.109  -4.674  7.742   1.00 42.45 ? 118 HIS A ND1   1 
ATOM   1002 C  CD2   . HIS A 1 119 ? -8.544  -2.832  8.774   1.00 43.76 ? 118 HIS A CD2   1 
ATOM   1003 C  CE1   . HIS A 1 119 ? -10.188 -4.225  8.362   1.00 43.51 ? 118 HIS A CE1   1 
ATOM   1004 N  NE2   . HIS A 1 119 ? -9.871  -3.111  8.999   1.00 43.36 ? 118 HIS A NE2   1 
ATOM   1005 N  N     . PHE A 1 120 ? -6.365  -1.357  5.846   1.00 39.76 ? 119 PHE A N     1 
ATOM   1006 C  CA    . PHE A 1 120 ? -6.795  0.040   5.674   1.00 39.24 ? 119 PHE A CA    1 
ATOM   1007 C  C     . PHE A 1 120 ? -5.655  0.888   5.118   1.00 39.15 ? 119 PHE A C     1 
ATOM   1008 O  O     . PHE A 1 120 ? -4.473  0.642   5.438   1.00 38.66 ? 119 PHE A O     1 
ATOM   1009 C  CB    . PHE A 1 120 ? -7.213  0.615   7.029   1.00 39.48 ? 119 PHE A CB    1 
ATOM   1010 C  CG    . PHE A 1 120 ? -7.654  2.019   6.966   1.00 38.01 ? 119 PHE A CG    1 
ATOM   1011 C  CD1   . PHE A 1 120 ? -8.946  2.325   6.613   1.00 39.49 ? 119 PHE A CD1   1 
ATOM   1012 C  CD2   . PHE A 1 120 ? -6.771  3.040   7.223   1.00 38.90 ? 119 PHE A CD2   1 
ATOM   1013 C  CE1   . PHE A 1 120 ? -9.361  3.647   6.511   1.00 39.88 ? 119 PHE A CE1   1 
ATOM   1014 C  CE2   . PHE A 1 120 ? -7.179  4.363   7.153   1.00 38.07 ? 119 PHE A CE2   1 
ATOM   1015 C  CZ    . PHE A 1 120 ? -8.469  4.659   6.786   1.00 38.85 ? 119 PHE A CZ    1 
ATOM   1016 N  N     . HIS A 1 121 ? -6.011  1.877   4.298   1.00 38.47 ? 120 HIS A N     1 
ATOM   1017 C  CA    . HIS A 1 121 ? -5.046  2.865   3.823   1.00 38.44 ? 120 HIS A CA    1 
ATOM   1018 C  C     . HIS A 1 121 ? -5.725  4.199   3.679   1.00 37.72 ? 120 HIS A C     1 
ATOM   1019 O  O     . HIS A 1 121 ? -6.878  4.232   3.306   1.00 36.91 ? 120 HIS A O     1 
ATOM   1020 C  CB    . HIS A 1 121 ? -4.454  2.446   2.476   1.00 38.36 ? 120 HIS A CB    1 
ATOM   1021 C  CG    . HIS A 1 121 ? -3.139  3.086   2.155   1.00 38.91 ? 120 HIS A CG    1 
ATOM   1022 N  ND1   . HIS A 1 121 ? -1.968  2.757   2.821   1.00 41.37 ? 120 HIS A ND1   1 
ATOM   1023 C  CD2   . HIS A 1 121 ? -2.791  3.985   1.203   1.00 37.89 ? 120 HIS A CD2   1 
ATOM   1024 C  CE1   . HIS A 1 121 ? -0.965  3.452   2.302   1.00 40.99 ? 120 HIS A CE1   1 
ATOM   1025 N  NE2   . HIS A 1 121 ? -1.434  4.199   1.317   1.00 38.33 ? 120 HIS A NE2   1 
ATOM   1026 N  N     . GLN A 1 122 ? -5.013  5.290   3.972   1.00 37.78 ? 121 GLN A N     1 
ATOM   1027 C  CA    . GLN A 1 122 ? -5.558  6.641   3.774   1.00 37.65 ? 121 GLN A CA    1 
ATOM   1028 C  C     . GLN A 1 122 ? -4.449  7.600   3.357   1.00 37.84 ? 121 GLN A C     1 
ATOM   1029 O  O     . GLN A 1 122 ? -3.341  7.567   3.905   1.00 37.42 ? 121 GLN A O     1 
ATOM   1030 C  CB    . GLN A 1 122 ? -6.303  7.155   5.032   1.00 37.67 ? 121 GLN A CB    1 
ATOM   1031 C  CG    . GLN A 1 122 ? -6.863  8.597   4.933   1.00 37.56 ? 121 GLN A CG    1 
ATOM   1032 C  CD    . GLN A 1 122 ? -7.934  8.927   5.975   1.00 39.50 ? 121 GLN A CD    1 
ATOM   1033 O  OE1   . GLN A 1 122 ? -8.658  8.046   6.449   1.00 39.53 ? 121 GLN A OE1   1 
ATOM   1034 N  NE2   . GLN A 1 122 ? -8.073  10.222  6.296   1.00 39.26 ? 121 GLN A NE2   1 
ATOM   1035 N  N     . LEU A 1 123 ? -4.775  8.441   2.375   1.00 37.97 ? 122 LEU A N     1 
ATOM   1036 C  CA    . LEU A 1 123 ? -3.862  9.462   1.831   1.00 38.64 ? 122 LEU A CA    1 
ATOM   1037 C  C     . LEU A 1 123 ? -4.243  10.896  2.269   1.00 39.24 ? 122 LEU A C     1 
ATOM   1038 O  O     . LEU A 1 123 ? -5.437  11.255  2.292   1.00 38.64 ? 122 LEU A O     1 
ATOM   1039 C  CB    . LEU A 1 123 ? -3.888  9.442   0.284   1.00 37.99 ? 122 LEU A CB    1 
ATOM   1040 C  CG    . LEU A 1 123 ? -3.330  8.223   -0.436  1.00 38.30 ? 122 LEU A CG    1 
ATOM   1041 C  CD1   . LEU A 1 123 ? -3.208  8.588   -1.960  1.00 35.43 ? 122 LEU A CD1   1 
ATOM   1042 C  CD2   . LEU A 1 123 ? -1.992  7.702   0.222   1.00 28.10 ? 122 LEU A CD2   1 
ATOM   1043 N  N     . THR A 1 124 ? -3.231  11.701  2.592   1.00 39.54 ? 123 THR A N     1 
ATOM   1044 C  CA    . THR A 1 124 ? -3.430  13.133  2.762   1.00 40.51 ? 123 THR A CA    1 
ATOM   1045 C  C     . THR A 1 124 ? -2.435  13.887  1.878   1.00 41.04 ? 123 THR A C     1 
ATOM   1046 O  O     . THR A 1 124 ? -1.232  13.745  2.061   1.00 41.20 ? 123 THR A O     1 
ATOM   1047 C  CB    . THR A 1 124 ? -3.248  13.568  4.225   1.00 40.96 ? 123 THR A CB    1 
ATOM   1048 O  OG1   . THR A 1 124 ? -4.140  12.815  5.039   1.00 39.45 ? 123 THR A OG1   1 
ATOM   1049 C  CG2   . THR A 1 124 ? -3.519  15.107  4.381   1.00 38.40 ? 123 THR A CG2   1 
ATOM   1050 N  N     . PRO A 1 125 ? -2.929  14.659  0.905   1.00 41.97 ? 124 PRO A N     1 
ATOM   1051 C  CA    . PRO A 1 125 ? -2.039  15.286  -0.099  1.00 42.71 ? 124 PRO A CA    1 
ATOM   1052 C  C     . PRO A 1 125 ? -1.002  16.205  0.510   1.00 43.41 ? 124 PRO A C     1 
ATOM   1053 O  O     . PRO A 1 125 ? -1.299  16.878  1.486   1.00 44.64 ? 124 PRO A O     1 
ATOM   1054 C  CB    . PRO A 1 125 ? -2.999  16.098  -0.970  1.00 42.30 ? 124 PRO A CB    1 
ATOM   1055 C  CG    . PRO A 1 125 ? -4.314  15.478  -0.771  1.00 42.67 ? 124 PRO A CG    1 
ATOM   1056 C  CD    . PRO A 1 125 ? -4.349  14.932  0.621   1.00 42.14 ? 124 PRO A CD    1 
ATOM   1057 N  N     . LEU A 1 126 ? 0.207   16.180  -0.023  1.00 44.47 ? 125 LEU A N     1 
ATOM   1058 C  CA    . LEU A 1 126 ? 1.279   17.121  0.349   1.00 45.71 ? 125 LEU A CA    1 
ATOM   1059 C  C     . LEU A 1 126 ? 1.648   17.936  -0.904  1.00 47.28 ? 125 LEU A C     1 
ATOM   1060 O  O     . LEU A 1 126 ? 1.422   17.483  -2.055  1.00 47.22 ? 125 LEU A O     1 
ATOM   1061 C  CB    . LEU A 1 126 ? 2.539   16.371  0.835   1.00 45.25 ? 125 LEU A CB    1 
ATOM   1062 C  CG    . LEU A 1 126 ? 2.504   15.589  2.156   1.00 43.98 ? 125 LEU A CG    1 
ATOM   1063 C  CD1   . LEU A 1 126 ? 3.831   14.869  2.416   1.00 41.56 ? 125 LEU A CD1   1 
ATOM   1064 C  CD2   . LEU A 1 126 ? 2.197   16.540  3.267   1.00 42.83 ? 125 LEU A CD2   1 
ATOM   1065 N  N     . ASP A 1 127 ? 2.234   19.109  -0.694  1.00 48.66 ? 126 ASP A N     1 
ATOM   1066 C  CA    . ASP A 1 127 ? 2.775   19.884  -1.822  1.00 50.28 ? 126 ASP A CA    1 
ATOM   1067 C  C     . ASP A 1 127 ? 3.922   19.170  -2.594  1.00 51.46 ? 126 ASP A C     1 
ATOM   1068 O  O     . ASP A 1 127 ? 4.704   18.406  -1.997  1.00 51.28 ? 126 ASP A O     1 
ATOM   1069 C  CB    . ASP A 1 127 ? 3.270   21.254  -1.343  1.00 50.55 ? 126 ASP A CB    1 
ATOM   1070 C  CG    . ASP A 1 127 ? 2.148   22.144  -0.870  1.00 50.76 ? 126 ASP A CG    1 
ATOM   1071 O  OD1   . ASP A 1 127 ? 0.981   21.883  -1.230  1.00 49.61 ? 126 ASP A OD1   1 
ATOM   1072 O  OD2   . ASP A 1 127 ? 2.445   23.111  -0.144  1.00 52.94 ? 126 ASP A OD2   1 
ATOM   1073 N  N     . PRO A 1 128 ? 4.027   19.425  -3.926  1.00 52.86 ? 127 PRO A N     1 
ATOM   1074 C  CA    . PRO A 1 128 ? 5.106   18.834  -4.750  1.00 53.55 ? 127 PRO A CA    1 
ATOM   1075 C  C     . PRO A 1 128 ? 6.529   19.230  -4.286  1.00 54.47 ? 127 PRO A C     1 
ATOM   1076 O  O     . PRO A 1 128 ? 6.686   20.275  -3.656  1.00 53.92 ? 127 PRO A O     1 
ATOM   1077 C  CB    . PRO A 1 128 ? 4.813   19.390  -6.158  1.00 53.64 ? 127 PRO A CB    1 
ATOM   1078 C  CG    . PRO A 1 128 ? 3.934   20.608  -5.949  1.00 52.73 ? 127 PRO A CG    1 
ATOM   1079 C  CD    . PRO A 1 128 ? 3.118   20.271  -4.740  1.00 52.87 ? 127 PRO A CD    1 
ATOM   1080 N  N     . SER A 1 129 ? 7.532   18.383  -4.579  1.00 55.74 ? 128 SER A N     1 
ATOM   1081 C  CA    . SER A 1 129 ? 8.965   18.699  -4.332  1.00 56.81 ? 128 SER A CA    1 
ATOM   1082 C  C     . SER A 1 129 ? 9.525   19.749  -5.302  1.00 57.06 ? 128 SER A C     1 
ATOM   1083 O  O     . SER A 1 129 ? 8.924   20.792  -5.574  1.00 57.02 ? 128 SER A O     1 
ATOM   1084 C  CB    . SER A 1 129 ? 9.838   17.443  -4.461  1.00 57.03 ? 128 SER A CB    1 
ATOM   1085 O  OG    . SER A 1 129 ? 9.454   16.463  -3.519  1.00 59.30 ? 128 SER A OG    1 
ATOM   1086 O  OXT   . SER A 1 129 ? 10.622  19.569  -5.860  1.00 57.82 ? 128 SER A OXT   1 
HETATM 1087 C  "C3'" . NHE B 2 .   ? -6.037  6.904   -9.398  1.00 82.82 ? 129 NHE A "C3'" 1 
HETATM 1088 C  "C2'" . NHE B 2 .   ? -5.973  8.208   -8.593  1.00 81.48 ? 129 NHE A "C2'" 1 
HETATM 1089 C  "C1'" . NHE B 2 .   ? -7.362  8.715   -8.178  1.00 81.49 ? 129 NHE A "C1'" 1 
HETATM 1090 C  "C6'" . NHE B 2 .   ? -8.399  7.592   -8.116  1.00 82.65 ? 129 NHE A "C6'" 1 
HETATM 1091 N  N     . NHE B 2 .   ? -7.268  9.423   -6.912  1.00 80.41 ? 129 NHE A N     1 
HETATM 1092 C  C1    . NHE B 2 .   ? -6.475  10.620  -6.971  1.00 79.32 ? 129 NHE A C1    1 
HETATM 1093 C  C2    . NHE B 2 .   ? -6.871  11.631  -5.942  1.00 78.96 ? 129 NHE A C2    1 
HETATM 1094 S  S     . NHE B 2 .   ? -5.525  11.941  -5.056  1.00 77.49 ? 129 NHE A S     1 
HETATM 1095 O  O1    . NHE B 2 .   ? -5.374  10.674  -4.317  1.00 77.59 ? 129 NHE A O1    1 
HETATM 1096 O  O2    . NHE B 2 .   ? -5.725  13.188  -4.234  1.00 76.38 ? 129 NHE A O2    1 
HETATM 1097 O  O3    . NHE B 2 .   ? -4.366  12.197  -5.934  1.00 78.64 ? 129 NHE A O3    1 
HETATM 1098 C  "C5'" . NHE B 2 .   ? -8.613  7.014   -9.527  1.00 83.45 ? 129 NHE A "C5'" 1 
HETATM 1099 C  "C4'" . NHE B 2 .   ? -7.285  6.818   -10.283 1.00 83.75 ? 129 NHE A "C4'" 1 
HETATM 1100 C  C1    . EDO C 3 .   ? -1.308  4.081   -3.743  1.00 72.20 ? 130 EDO A C1    1 
HETATM 1101 O  O1    . EDO C 3 .   ? -0.415  5.089   -3.201  1.00 76.60 ? 130 EDO A O1    1 
HETATM 1102 C  C2    . EDO C 3 .   ? -1.012  2.759   -3.033  1.00 74.46 ? 130 EDO A C2    1 
HETATM 1103 O  O2    . EDO C 3 .   ? -1.737  1.676   -3.649  1.00 75.31 ? 130 EDO A O2    1 
HETATM 1104 O  O     . HOH D 4 .   ? -3.485  -5.493  18.237  0.50 23.58 ? 131 HOH A O     1 
HETATM 1105 O  O     . HOH D 4 .   ? 2.619   -12.668 6.344   1.00 29.25 ? 132 HOH A O     1 
HETATM 1106 O  O     . HOH D 4 .   ? 1.982   13.852  -19.201 1.00 37.46 ? 133 HOH A O     1 
HETATM 1107 O  O     . HOH D 4 .   ? 3.010   3.958   13.080  1.00 40.12 ? 134 HOH A O     1 
HETATM 1108 O  O     . HOH D 4 .   ? 1.191   1.645   -0.195  1.00 50.60 ? 135 HOH A O     1 
HETATM 1109 O  O     . HOH D 4 .   ? 0.742   9.059   8.388   1.00 40.48 ? 136 HOH A O     1 
HETATM 1110 O  O     . HOH D 4 .   ? 2.303   17.026  -4.429  1.00 34.64 ? 137 HOH A O     1 
HETATM 1111 O  O     . HOH D 4 .   ? 4.621   -11.546 4.499   1.00 31.91 ? 138 HOH A O     1 
# 
